data_6L9X
# 
_entry.id   6L9X 
# 
_audit_conform.dict_name       mmcif_pdbx.dic 
_audit_conform.dict_version    5.397 
_audit_conform.dict_location   http://mmcif.pdb.org/dictionaries/ascii/mmcif_pdbx.dic 
# 
loop_
_database_2.database_id 
_database_2.database_code 
_database_2.pdbx_database_accession 
_database_2.pdbx_DOI 
PDB   6L9X         pdb_00006l9x 10.2210/pdb6l9x/pdb 
WWPDB D_1300014434 ?            ?                   
# 
loop_
_pdbx_audit_revision_history.ordinal 
_pdbx_audit_revision_history.data_content_type 
_pdbx_audit_revision_history.major_revision 
_pdbx_audit_revision_history.minor_revision 
_pdbx_audit_revision_history.revision_date 
1 'Structure model' 1 0 2020-11-11 
2 'Structure model' 1 1 2021-05-26 
3 'Structure model' 1 2 2024-10-23 
# 
_pdbx_audit_revision_details.ordinal             1 
_pdbx_audit_revision_details.revision_ordinal    1 
_pdbx_audit_revision_details.data_content_type   'Structure model' 
_pdbx_audit_revision_details.provider            repository 
_pdbx_audit_revision_details.type                'Initial release' 
_pdbx_audit_revision_details.description         ? 
_pdbx_audit_revision_details.details             ? 
# 
loop_
_pdbx_audit_revision_group.ordinal 
_pdbx_audit_revision_group.revision_ordinal 
_pdbx_audit_revision_group.data_content_type 
_pdbx_audit_revision_group.group 
1 2 'Structure model' 'Database references' 
2 3 'Structure model' 'Data collection'     
3 3 'Structure model' 'Database references' 
4 3 'Structure model' 'Structure summary'   
# 
loop_
_pdbx_audit_revision_category.ordinal 
_pdbx_audit_revision_category.revision_ordinal 
_pdbx_audit_revision_category.data_content_type 
_pdbx_audit_revision_category.category 
1 2 'Structure model' citation                  
2 3 'Structure model' chem_comp_atom            
3 3 'Structure model' chem_comp_bond            
4 3 'Structure model' database_2                
5 3 'Structure model' pdbx_entry_details        
6 3 'Structure model' pdbx_modification_feature 
# 
loop_
_pdbx_audit_revision_item.ordinal 
_pdbx_audit_revision_item.revision_ordinal 
_pdbx_audit_revision_item.data_content_type 
_pdbx_audit_revision_item.item 
1  2 'Structure model' '_citation.country'                            
2  2 'Structure model' '_citation.journal_abbrev'                     
3  2 'Structure model' '_citation.journal_id_CSD'                     
4  2 'Structure model' '_citation.journal_id_ISSN'                    
5  2 'Structure model' '_citation.journal_volume'                     
6  2 'Structure model' '_citation.page_first'                         
7  2 'Structure model' '_citation.page_last'                          
8  2 'Structure model' '_citation.pdbx_database_id_DOI'               
9  2 'Structure model' '_citation.title'                              
10 2 'Structure model' '_citation.year'                               
11 3 'Structure model' '_database_2.pdbx_DOI'                         
12 3 'Structure model' '_database_2.pdbx_database_accession'          
13 3 'Structure model' '_pdbx_entry_details.has_protein_modification' 
# 
_pdbx_database_status.status_code                     REL 
_pdbx_database_status.status_code_sf                  REL 
_pdbx_database_status.status_code_mr                  ? 
_pdbx_database_status.entry_id                        6L9X 
_pdbx_database_status.recvd_initial_deposition_date   2019-11-11 
_pdbx_database_status.SG_entry                        N 
_pdbx_database_status.deposit_site                    PDBJ 
_pdbx_database_status.process_site                    PDBJ 
_pdbx_database_status.status_code_cs                  ? 
_pdbx_database_status.methods_development_category    ? 
_pdbx_database_status.pdb_format_compatible           Y 
_pdbx_database_status.status_code_nmr_data            ? 
# 
_audit_author.name               'Park, S.' 
_audit_author.pdbx_ordinal       1 
_audit_author.identifier_ORCID   ? 
# 
_citation.abstract                  ? 
_citation.abstract_id_CAS           ? 
_citation.book_id_ISBN              ? 
_citation.book_publisher            ? 
_citation.book_publisher_city       ? 
_citation.book_title                ? 
_citation.coordinate_linkage        ? 
_citation.country                   CH 
_citation.database_id_Medline       ? 
_citation.details                   ? 
_citation.id                        primary 
_citation.journal_abbrev            Crystals 
_citation.journal_id_ASTM           ? 
_citation.journal_id_CSD            ? 
_citation.journal_id_ISSN           2073-4352 
_citation.journal_full              ? 
_citation.journal_issue             ? 
_citation.journal_volume            10 
_citation.language                  ? 
_citation.page_first                32 
_citation.page_last                 32 
_citation.title                     'De novo Phasing Xenons Observed in the Frog Ependymin-Related Protein' 
_citation.year                      2020 
_citation.database_id_CSD           ? 
_citation.pdbx_database_id_DOI      10.3390/cryst10010032 
_citation.pdbx_database_id_PubMed   ? 
_citation.unpublished_flag          ? 
# 
_citation_author.citation_id        primary 
_citation_author.name               'Park, S.' 
_citation_author.ordinal            1 
_citation_author.identifier_ORCID   ? 
# 
loop_
_entity.id 
_entity.type 
_entity.src_method 
_entity.pdbx_description 
_entity.formula_weight 
_entity.pdbx_number_of_molecules 
_entity.pdbx_ec 
_entity.pdbx_mutation 
_entity.pdbx_fragment 
_entity.details 
1 polymer     man 'Ependymin-related 1' 22836.588 1 ? ? ? ? 
2 non-polymer syn XENON                 131.293   4 ? ? ? ? 
# 
_entity_poly.entity_id                      1 
_entity_poly.type                           'polypeptide(L)' 
_entity_poly.nstd_linkage                   no 
_entity_poly.nstd_monomer                   no 
_entity_poly.pdbx_seq_one_letter_code       
;ADPHHHHHHHHPVTPCEAPLQWEGRIVLYDHNTGKNTRATVTYDAILQRIRILEEKKSFVPCKRFFEYIFLYQEAVMFQI
EQVTKICSKNTLTEPWDPYDIPENSTYEDQYYIGGPGDQIPVQEWSDRKPARKYETWVGVYTVKDCYPVQETYTKNDSMT
TSTRFFDIKLGISDPSVFNPPSTCEAAQPLLMSGDC
;
_entity_poly.pdbx_seq_one_letter_code_can   
;ADPHHHHHHHHPVTPCEAPLQWEGRIVLYDHNTGKNTRATVTYDAILQRIRILEEKKSFVPCKRFFEYIFLYQEAVMFQI
EQVTKICSKNTLTEPWDPYDIPENSTYEDQYYIGGPGDQIPVQEWSDRKPARKYETWVGVYTVKDCYPVQETYTKNDSMT
TSTRFFDIKLGISDPSVFNPPSTCEAAQPLLMSGDC
;
_entity_poly.pdbx_strand_id                 A 
_entity_poly.pdbx_target_identifier         ? 
# 
_pdbx_entity_nonpoly.entity_id   2 
_pdbx_entity_nonpoly.name        XENON 
_pdbx_entity_nonpoly.comp_id     XE 
# 
loop_
_entity_poly_seq.entity_id 
_entity_poly_seq.num 
_entity_poly_seq.mon_id 
_entity_poly_seq.hetero 
1 1   ALA n 
1 2   ASP n 
1 3   PRO n 
1 4   HIS n 
1 5   HIS n 
1 6   HIS n 
1 7   HIS n 
1 8   HIS n 
1 9   HIS n 
1 10  HIS n 
1 11  HIS n 
1 12  PRO n 
1 13  VAL n 
1 14  THR n 
1 15  PRO n 
1 16  CYS n 
1 17  GLU n 
1 18  ALA n 
1 19  PRO n 
1 20  LEU n 
1 21  GLN n 
1 22  TRP n 
1 23  GLU n 
1 24  GLY n 
1 25  ARG n 
1 26  ILE n 
1 27  VAL n 
1 28  LEU n 
1 29  TYR n 
1 30  ASP n 
1 31  HIS n 
1 32  ASN n 
1 33  THR n 
1 34  GLY n 
1 35  LYS n 
1 36  ASN n 
1 37  THR n 
1 38  ARG n 
1 39  ALA n 
1 40  THR n 
1 41  VAL n 
1 42  THR n 
1 43  TYR n 
1 44  ASP n 
1 45  ALA n 
1 46  ILE n 
1 47  LEU n 
1 48  GLN n 
1 49  ARG n 
1 50  ILE n 
1 51  ARG n 
1 52  ILE n 
1 53  LEU n 
1 54  GLU n 
1 55  GLU n 
1 56  LYS n 
1 57  LYS n 
1 58  SER n 
1 59  PHE n 
1 60  VAL n 
1 61  PRO n 
1 62  CYS n 
1 63  LYS n 
1 64  ARG n 
1 65  PHE n 
1 66  PHE n 
1 67  GLU n 
1 68  TYR n 
1 69  ILE n 
1 70  PHE n 
1 71  LEU n 
1 72  TYR n 
1 73  GLN n 
1 74  GLU n 
1 75  ALA n 
1 76  VAL n 
1 77  MET n 
1 78  PHE n 
1 79  GLN n 
1 80  ILE n 
1 81  GLU n 
1 82  GLN n 
1 83  VAL n 
1 84  THR n 
1 85  LYS n 
1 86  ILE n 
1 87  CYS n 
1 88  SER n 
1 89  LYS n 
1 90  ASN n 
1 91  THR n 
1 92  LEU n 
1 93  THR n 
1 94  GLU n 
1 95  PRO n 
1 96  TRP n 
1 97  ASP n 
1 98  PRO n 
1 99  TYR n 
1 100 ASP n 
1 101 ILE n 
1 102 PRO n 
1 103 GLU n 
1 104 ASN n 
1 105 SER n 
1 106 THR n 
1 107 TYR n 
1 108 GLU n 
1 109 ASP n 
1 110 GLN n 
1 111 TYR n 
1 112 TYR n 
1 113 ILE n 
1 114 GLY n 
1 115 GLY n 
1 116 PRO n 
1 117 GLY n 
1 118 ASP n 
1 119 GLN n 
1 120 ILE n 
1 121 PRO n 
1 122 VAL n 
1 123 GLN n 
1 124 GLU n 
1 125 TRP n 
1 126 SER n 
1 127 ASP n 
1 128 ARG n 
1 129 LYS n 
1 130 PRO n 
1 131 ALA n 
1 132 ARG n 
1 133 LYS n 
1 134 TYR n 
1 135 GLU n 
1 136 THR n 
1 137 TRP n 
1 138 VAL n 
1 139 GLY n 
1 140 VAL n 
1 141 TYR n 
1 142 THR n 
1 143 VAL n 
1 144 LYS n 
1 145 ASP n 
1 146 CYS n 
1 147 TYR n 
1 148 PRO n 
1 149 VAL n 
1 150 GLN n 
1 151 GLU n 
1 152 THR n 
1 153 TYR n 
1 154 THR n 
1 155 LYS n 
1 156 ASN n 
1 157 ASP n 
1 158 SER n 
1 159 MET n 
1 160 THR n 
1 161 THR n 
1 162 SER n 
1 163 THR n 
1 164 ARG n 
1 165 PHE n 
1 166 PHE n 
1 167 ASP n 
1 168 ILE n 
1 169 LYS n 
1 170 LEU n 
1 171 GLY n 
1 172 ILE n 
1 173 SER n 
1 174 ASP n 
1 175 PRO n 
1 176 SER n 
1 177 VAL n 
1 178 PHE n 
1 179 ASN n 
1 180 PRO n 
1 181 PRO n 
1 182 SER n 
1 183 THR n 
1 184 CYS n 
1 185 GLU n 
1 186 ALA n 
1 187 ALA n 
1 188 GLN n 
1 189 PRO n 
1 190 LEU n 
1 191 LEU n 
1 192 MET n 
1 193 SER n 
1 194 GLY n 
1 195 ASP n 
1 196 CYS n 
# 
_entity_src_gen.entity_id                          1 
_entity_src_gen.pdbx_src_id                        1 
_entity_src_gen.pdbx_alt_source_flag               sample 
_entity_src_gen.pdbx_seq_type                      'Biological sequence' 
_entity_src_gen.pdbx_beg_seq_num                   1 
_entity_src_gen.pdbx_end_seq_num                   196 
_entity_src_gen.gene_src_common_name               'Western clawed frog' 
_entity_src_gen.gene_src_genus                     ? 
_entity_src_gen.pdbx_gene_src_gene                 epdr1 
_entity_src_gen.gene_src_species                   ? 
_entity_src_gen.gene_src_strain                    ? 
_entity_src_gen.gene_src_tissue                    ? 
_entity_src_gen.gene_src_tissue_fraction           ? 
_entity_src_gen.gene_src_details                   ? 
_entity_src_gen.pdbx_gene_src_fragment             ? 
_entity_src_gen.pdbx_gene_src_scientific_name      'Xenopus tropicalis' 
_entity_src_gen.pdbx_gene_src_ncbi_taxonomy_id     8364 
_entity_src_gen.pdbx_gene_src_variant              ? 
_entity_src_gen.pdbx_gene_src_cell_line            ? 
_entity_src_gen.pdbx_gene_src_atcc                 ? 
_entity_src_gen.pdbx_gene_src_organ                ? 
_entity_src_gen.pdbx_gene_src_organelle            ? 
_entity_src_gen.pdbx_gene_src_cell                 ? 
_entity_src_gen.pdbx_gene_src_cellular_location    ? 
_entity_src_gen.host_org_common_name               ? 
_entity_src_gen.pdbx_host_org_scientific_name      'Spodoptera frugiperda' 
_entity_src_gen.pdbx_host_org_ncbi_taxonomy_id     7108 
_entity_src_gen.host_org_genus                     ? 
_entity_src_gen.pdbx_host_org_gene                 ? 
_entity_src_gen.pdbx_host_org_organ                ? 
_entity_src_gen.host_org_species                   ? 
_entity_src_gen.pdbx_host_org_tissue               ? 
_entity_src_gen.pdbx_host_org_tissue_fraction      ? 
_entity_src_gen.pdbx_host_org_strain               ? 
_entity_src_gen.pdbx_host_org_variant              ? 
_entity_src_gen.pdbx_host_org_cell_line            ? 
_entity_src_gen.pdbx_host_org_atcc                 ? 
_entity_src_gen.pdbx_host_org_culture_collection   ? 
_entity_src_gen.pdbx_host_org_cell                 ? 
_entity_src_gen.pdbx_host_org_organelle            ? 
_entity_src_gen.pdbx_host_org_cellular_location    ? 
_entity_src_gen.pdbx_host_org_vector_type          ? 
_entity_src_gen.pdbx_host_org_vector               ? 
_entity_src_gen.host_org_details                   ? 
_entity_src_gen.expression_system_id               ? 
_entity_src_gen.plasmid_name                       ? 
_entity_src_gen.plasmid_details                    ? 
_entity_src_gen.pdbx_description                   ? 
# 
loop_
_chem_comp.id 
_chem_comp.type 
_chem_comp.mon_nstd_flag 
_chem_comp.name 
_chem_comp.pdbx_synonyms 
_chem_comp.formula 
_chem_comp.formula_weight 
ALA 'L-peptide linking' y ALANINE         ? 'C3 H7 N O2'     89.093  
ARG 'L-peptide linking' y ARGININE        ? 'C6 H15 N4 O2 1' 175.209 
ASN 'L-peptide linking' y ASPARAGINE      ? 'C4 H8 N2 O3'    132.118 
ASP 'L-peptide linking' y 'ASPARTIC ACID' ? 'C4 H7 N O4'     133.103 
CYS 'L-peptide linking' y CYSTEINE        ? 'C3 H7 N O2 S'   121.158 
GLN 'L-peptide linking' y GLUTAMINE       ? 'C5 H10 N2 O3'   146.144 
GLU 'L-peptide linking' y 'GLUTAMIC ACID' ? 'C5 H9 N O4'     147.129 
GLY 'peptide linking'   y GLYCINE         ? 'C2 H5 N O2'     75.067  
HIS 'L-peptide linking' y HISTIDINE       ? 'C6 H10 N3 O2 1' 156.162 
ILE 'L-peptide linking' y ISOLEUCINE      ? 'C6 H13 N O2'    131.173 
LEU 'L-peptide linking' y LEUCINE         ? 'C6 H13 N O2'    131.173 
LYS 'L-peptide linking' y LYSINE          ? 'C6 H15 N2 O2 1' 147.195 
MET 'L-peptide linking' y METHIONINE      ? 'C5 H11 N O2 S'  149.211 
PHE 'L-peptide linking' y PHENYLALANINE   ? 'C9 H11 N O2'    165.189 
PRO 'L-peptide linking' y PROLINE         ? 'C5 H9 N O2'     115.130 
SER 'L-peptide linking' y SERINE          ? 'C3 H7 N O3'     105.093 
THR 'L-peptide linking' y THREONINE       ? 'C4 H9 N O3'     119.119 
TRP 'L-peptide linking' y TRYPTOPHAN      ? 'C11 H12 N2 O2'  204.225 
TYR 'L-peptide linking' y TYROSINE        ? 'C9 H11 N O3'    181.189 
VAL 'L-peptide linking' y VALINE          ? 'C5 H11 N O2'    117.146 
XE  non-polymer         . XENON           ? Xe               131.293 
# 
loop_
_pdbx_poly_seq_scheme.asym_id 
_pdbx_poly_seq_scheme.entity_id 
_pdbx_poly_seq_scheme.seq_id 
_pdbx_poly_seq_scheme.mon_id 
_pdbx_poly_seq_scheme.ndb_seq_num 
_pdbx_poly_seq_scheme.pdb_seq_num 
_pdbx_poly_seq_scheme.auth_seq_num 
_pdbx_poly_seq_scheme.pdb_mon_id 
_pdbx_poly_seq_scheme.auth_mon_id 
_pdbx_poly_seq_scheme.pdb_strand_id 
_pdbx_poly_seq_scheme.pdb_ins_code 
_pdbx_poly_seq_scheme.hetero 
A 1 1   ALA 1   25  ?   ?   ?   A . n 
A 1 2   ASP 2   26  ?   ?   ?   A . n 
A 1 3   PRO 3   27  ?   ?   ?   A . n 
A 1 4   HIS 4   28  ?   ?   ?   A . n 
A 1 5   HIS 5   29  ?   ?   ?   A . n 
A 1 6   HIS 6   30  ?   ?   ?   A . n 
A 1 7   HIS 7   31  ?   ?   ?   A . n 
A 1 8   HIS 8   32  ?   ?   ?   A . n 
A 1 9   HIS 9   33  ?   ?   ?   A . n 
A 1 10  HIS 10  34  34  HIS HIS A . n 
A 1 11  HIS 11  35  35  HIS HIS A . n 
A 1 12  PRO 12  36  36  PRO PRO A . n 
A 1 13  VAL 13  37  37  VAL VAL A . n 
A 1 14  THR 14  38  38  THR THR A . n 
A 1 15  PRO 15  39  39  PRO PRO A . n 
A 1 16  CYS 16  40  40  CYS CYS A . n 
A 1 17  GLU 17  41  41  GLU GLU A . n 
A 1 18  ALA 18  42  42  ALA ALA A . n 
A 1 19  PRO 19  43  43  PRO PRO A . n 
A 1 20  LEU 20  44  44  LEU LEU A . n 
A 1 21  GLN 21  45  45  GLN GLN A . n 
A 1 22  TRP 22  46  46  TRP TRP A . n 
A 1 23  GLU 23  47  47  GLU GLU A . n 
A 1 24  GLY 24  48  48  GLY GLY A . n 
A 1 25  ARG 25  49  49  ARG ARG A . n 
A 1 26  ILE 26  50  50  ILE ILE A . n 
A 1 27  VAL 27  51  51  VAL VAL A . n 
A 1 28  LEU 28  52  52  LEU LEU A . n 
A 1 29  TYR 29  53  53  TYR TYR A . n 
A 1 30  ASP 30  54  54  ASP ASP A . n 
A 1 31  HIS 31  55  55  HIS HIS A . n 
A 1 32  ASN 32  56  56  ASN ASN A . n 
A 1 33  THR 33  57  57  THR THR A . n 
A 1 34  GLY 34  58  58  GLY GLY A . n 
A 1 35  LYS 35  59  59  LYS LYS A . n 
A 1 36  ASN 36  60  60  ASN ASN A . n 
A 1 37  THR 37  61  61  THR THR A . n 
A 1 38  ARG 38  62  62  ARG ARG A . n 
A 1 39  ALA 39  63  63  ALA ALA A . n 
A 1 40  THR 40  64  64  THR THR A . n 
A 1 41  VAL 41  65  65  VAL VAL A . n 
A 1 42  THR 42  66  66  THR THR A . n 
A 1 43  TYR 43  67  67  TYR TYR A . n 
A 1 44  ASP 44  68  68  ASP ASP A . n 
A 1 45  ALA 45  69  69  ALA ALA A . n 
A 1 46  ILE 46  70  70  ILE ILE A . n 
A 1 47  LEU 47  71  71  LEU LEU A . n 
A 1 48  GLN 48  72  72  GLN GLN A . n 
A 1 49  ARG 49  73  73  ARG ARG A . n 
A 1 50  ILE 50  74  74  ILE ILE A . n 
A 1 51  ARG 51  75  75  ARG ARG A . n 
A 1 52  ILE 52  76  76  ILE ILE A . n 
A 1 53  LEU 53  77  77  LEU LEU A . n 
A 1 54  GLU 54  78  78  GLU GLU A . n 
A 1 55  GLU 55  79  79  GLU GLU A . n 
A 1 56  LYS 56  80  80  LYS LYS A . n 
A 1 57  LYS 57  81  81  LYS LYS A . n 
A 1 58  SER 58  82  82  SER SER A . n 
A 1 59  PHE 59  83  83  PHE PHE A . n 
A 1 60  VAL 60  84  84  VAL VAL A . n 
A 1 61  PRO 61  85  85  PRO PRO A . n 
A 1 62  CYS 62  86  86  CYS CYS A . n 
A 1 63  LYS 63  87  87  LYS LYS A . n 
A 1 64  ARG 64  88  88  ARG ARG A . n 
A 1 65  PHE 65  89  89  PHE PHE A . n 
A 1 66  PHE 66  90  90  PHE PHE A . n 
A 1 67  GLU 67  91  91  GLU GLU A . n 
A 1 68  TYR 68  92  92  TYR TYR A . n 
A 1 69  ILE 69  93  93  ILE ILE A . n 
A 1 70  PHE 70  94  94  PHE PHE A . n 
A 1 71  LEU 71  95  95  LEU LEU A . n 
A 1 72  TYR 72  96  96  TYR TYR A . n 
A 1 73  GLN 73  97  97  GLN GLN A . n 
A 1 74  GLU 74  98  98  GLU GLU A . n 
A 1 75  ALA 75  99  99  ALA ALA A . n 
A 1 76  VAL 76  100 100 VAL VAL A . n 
A 1 77  MET 77  101 101 MET MET A . n 
A 1 78  PHE 78  102 102 PHE PHE A . n 
A 1 79  GLN 79  103 103 GLN GLN A . n 
A 1 80  ILE 80  104 104 ILE ILE A . n 
A 1 81  GLU 81  105 105 GLU GLU A . n 
A 1 82  GLN 82  106 106 GLN GLN A . n 
A 1 83  VAL 83  107 107 VAL VAL A . n 
A 1 84  THR 84  108 108 THR THR A . n 
A 1 85  LYS 85  109 109 LYS LYS A . n 
A 1 86  ILE 86  110 110 ILE ILE A . n 
A 1 87  CYS 87  111 111 CYS CYS A . n 
A 1 88  SER 88  112 112 SER SER A . n 
A 1 89  LYS 89  113 113 LYS LYS A . n 
A 1 90  ASN 90  114 114 ASN ASN A . n 
A 1 91  THR 91  115 115 THR THR A . n 
A 1 92  LEU 92  116 116 LEU LEU A . n 
A 1 93  THR 93  117 117 THR THR A . n 
A 1 94  GLU 94  118 118 GLU GLU A . n 
A 1 95  PRO 95  119 119 PRO PRO A . n 
A 1 96  TRP 96  120 120 TRP TRP A . n 
A 1 97  ASP 97  121 121 ASP ASP A . n 
A 1 98  PRO 98  122 122 PRO PRO A . n 
A 1 99  TYR 99  123 123 TYR TYR A . n 
A 1 100 ASP 100 124 124 ASP ASP A . n 
A 1 101 ILE 101 125 125 ILE ILE A . n 
A 1 102 PRO 102 126 126 PRO PRO A . n 
A 1 103 GLU 103 127 127 GLU GLU A . n 
A 1 104 ASN 104 128 128 ASN ASN A . n 
A 1 105 SER 105 129 129 SER SER A . n 
A 1 106 THR 106 130 130 THR THR A . n 
A 1 107 TYR 107 131 131 TYR TYR A . n 
A 1 108 GLU 108 132 132 GLU GLU A . n 
A 1 109 ASP 109 133 133 ASP ASP A . n 
A 1 110 GLN 110 134 134 GLN GLN A . n 
A 1 111 TYR 111 135 135 TYR TYR A . n 
A 1 112 TYR 112 136 136 TYR TYR A . n 
A 1 113 ILE 113 137 137 ILE ILE A . n 
A 1 114 GLY 114 138 138 GLY GLY A . n 
A 1 115 GLY 115 139 139 GLY GLY A . n 
A 1 116 PRO 116 140 140 PRO PRO A . n 
A 1 117 GLY 117 141 141 GLY GLY A . n 
A 1 118 ASP 118 142 142 ASP ASP A . n 
A 1 119 GLN 119 143 143 GLN GLN A . n 
A 1 120 ILE 120 144 144 ILE ILE A . n 
A 1 121 PRO 121 145 145 PRO PRO A . n 
A 1 122 VAL 122 146 146 VAL VAL A . n 
A 1 123 GLN 123 147 147 GLN GLN A . n 
A 1 124 GLU 124 148 148 GLU GLU A . n 
A 1 125 TRP 125 149 149 TRP TRP A . n 
A 1 126 SER 126 150 150 SER SER A . n 
A 1 127 ASP 127 151 151 ASP ASP A . n 
A 1 128 ARG 128 152 152 ARG ARG A . n 
A 1 129 LYS 129 153 153 LYS LYS A . n 
A 1 130 PRO 130 154 154 PRO PRO A . n 
A 1 131 ALA 131 155 155 ALA ALA A . n 
A 1 132 ARG 132 156 156 ARG ARG A . n 
A 1 133 LYS 133 157 157 LYS LYS A . n 
A 1 134 TYR 134 158 158 TYR TYR A . n 
A 1 135 GLU 135 159 159 GLU GLU A . n 
A 1 136 THR 136 160 160 THR THR A . n 
A 1 137 TRP 137 161 161 TRP TRP A . n 
A 1 138 VAL 138 162 162 VAL VAL A . n 
A 1 139 GLY 139 163 163 GLY GLY A . n 
A 1 140 VAL 140 164 164 VAL VAL A . n 
A 1 141 TYR 141 165 165 TYR TYR A . n 
A 1 142 THR 142 166 166 THR THR A . n 
A 1 143 VAL 143 167 167 VAL VAL A . n 
A 1 144 LYS 144 168 168 LYS LYS A . n 
A 1 145 ASP 145 169 169 ASP ASP A . n 
A 1 146 CYS 146 170 170 CYS CYS A . n 
A 1 147 TYR 147 171 171 TYR TYR A . n 
A 1 148 PRO 148 172 172 PRO PRO A . n 
A 1 149 VAL 149 173 173 VAL VAL A . n 
A 1 150 GLN 150 174 174 GLN GLN A . n 
A 1 151 GLU 151 175 175 GLU GLU A . n 
A 1 152 THR 152 176 176 THR THR A . n 
A 1 153 TYR 153 177 177 TYR TYR A . n 
A 1 154 THR 154 178 178 THR THR A . n 
A 1 155 LYS 155 179 179 LYS LYS A . n 
A 1 156 ASN 156 180 180 ASN ASN A . n 
A 1 157 ASP 157 181 181 ASP ASP A . n 
A 1 158 SER 158 182 182 SER SER A . n 
A 1 159 MET 159 183 183 MET MET A . n 
A 1 160 THR 160 184 184 THR THR A . n 
A 1 161 THR 161 185 185 THR THR A . n 
A 1 162 SER 162 186 186 SER SER A . n 
A 1 163 THR 163 187 187 THR THR A . n 
A 1 164 ARG 164 188 188 ARG ARG A . n 
A 1 165 PHE 165 189 189 PHE PHE A . n 
A 1 166 PHE 166 190 190 PHE PHE A . n 
A 1 167 ASP 167 191 191 ASP ASP A . n 
A 1 168 ILE 168 192 192 ILE ILE A . n 
A 1 169 LYS 169 193 193 LYS LYS A . n 
A 1 170 LEU 170 194 194 LEU LEU A . n 
A 1 171 GLY 171 195 195 GLY GLY A . n 
A 1 172 ILE 172 196 196 ILE ILE A . n 
A 1 173 SER 173 197 197 SER SER A . n 
A 1 174 ASP 174 198 198 ASP ASP A . n 
A 1 175 PRO 175 199 199 PRO PRO A . n 
A 1 176 SER 176 200 200 SER SER A . n 
A 1 177 VAL 177 201 201 VAL VAL A . n 
A 1 178 PHE 178 202 202 PHE PHE A . n 
A 1 179 ASN 179 203 203 ASN ASN A . n 
A 1 180 PRO 180 204 204 PRO PRO A . n 
A 1 181 PRO 181 205 205 PRO PRO A . n 
A 1 182 SER 182 206 206 SER SER A . n 
A 1 183 THR 183 207 207 THR THR A . n 
A 1 184 CYS 184 208 208 CYS CYS A . n 
A 1 185 GLU 185 209 209 GLU GLU A . n 
A 1 186 ALA 186 210 210 ALA ALA A . n 
A 1 187 ALA 187 211 211 ALA ALA A . n 
A 1 188 GLN 188 212 212 GLN GLN A . n 
A 1 189 PRO 189 213 213 PRO PRO A . n 
A 1 190 LEU 190 214 214 LEU LEU A . n 
A 1 191 LEU 191 215 215 LEU LEU A . n 
A 1 192 MET 192 216 216 MET MET A . n 
A 1 193 SER 193 217 217 SER SER A . n 
A 1 194 GLY 194 218 218 GLY GLY A . n 
A 1 195 ASP 195 219 ?   ?   ?   A . n 
A 1 196 CYS 196 220 ?   ?   ?   A . n 
# 
_pdbx_entity_instance_feature.ordinal        1 
_pdbx_entity_instance_feature.comp_id        XE 
_pdbx_entity_instance_feature.asym_id        ? 
_pdbx_entity_instance_feature.seq_num        ? 
_pdbx_entity_instance_feature.auth_comp_id   XE 
_pdbx_entity_instance_feature.auth_asym_id   ? 
_pdbx_entity_instance_feature.auth_seq_num   ? 
_pdbx_entity_instance_feature.feature_type   'SUBJECT OF INVESTIGATION' 
_pdbx_entity_instance_feature.details        ? 
# 
loop_
_pdbx_nonpoly_scheme.asym_id 
_pdbx_nonpoly_scheme.entity_id 
_pdbx_nonpoly_scheme.mon_id 
_pdbx_nonpoly_scheme.ndb_seq_num 
_pdbx_nonpoly_scheme.pdb_seq_num 
_pdbx_nonpoly_scheme.auth_seq_num 
_pdbx_nonpoly_scheme.pdb_mon_id 
_pdbx_nonpoly_scheme.auth_mon_id 
_pdbx_nonpoly_scheme.pdb_strand_id 
_pdbx_nonpoly_scheme.pdb_ins_code 
B 2 XE 1 300 300 XE XE A . 
C 2 XE 1 301 301 XE XE A . 
D 2 XE 1 302 302 XE XE A . 
E 2 XE 1 303 303 XE XE A . 
# 
loop_
_software.citation_id 
_software.classification 
_software.compiler_name 
_software.compiler_version 
_software.contact_author 
_software.contact_author_email 
_software.date 
_software.description 
_software.dependencies 
_software.hardware 
_software.language 
_software.location 
_software.mods 
_software.name 
_software.os 
_software.os_version 
_software.type 
_software.version 
_software.pdbx_ordinal 
? refinement       ? ? ? ? ? ? ? ? ? ? ? REFMAC   ? ? ? 5.8.0049 1 
? 'data reduction' ? ? ? ? ? ? ? ? ? ? ? HKL-2000 ? ? ? .        2 
? 'data scaling'   ? ? ? ? ? ? ? ? ? ? ? HKL-2000 ? ? ? .        3 
? phasing          ? ? ? ? ? ? ? ? ? ? ? PHENIX   ? ? ? .        4 
# 
_cell.angle_alpha                  90.000 
_cell.angle_alpha_esd              ? 
_cell.angle_beta                   90.000 
_cell.angle_beta_esd               ? 
_cell.angle_gamma                  120.000 
_cell.angle_gamma_esd              ? 
_cell.entry_id                     6L9X 
_cell.details                      ? 
_cell.formula_units_Z              ? 
_cell.length_a                     61.455 
_cell.length_a_esd                 ? 
_cell.length_b                     61.455 
_cell.length_b_esd                 ? 
_cell.length_c                     233.838 
_cell.length_c_esd                 ? 
_cell.volume                       ? 
_cell.volume_esd                   ? 
_cell.Z_PDB                        12 
_cell.reciprocal_angle_alpha       ? 
_cell.reciprocal_angle_beta        ? 
_cell.reciprocal_angle_gamma       ? 
_cell.reciprocal_angle_alpha_esd   ? 
_cell.reciprocal_angle_beta_esd    ? 
_cell.reciprocal_angle_gamma_esd   ? 
_cell.reciprocal_length_a          ? 
_cell.reciprocal_length_b          ? 
_cell.reciprocal_length_c          ? 
_cell.reciprocal_length_a_esd      ? 
_cell.reciprocal_length_b_esd      ? 
_cell.reciprocal_length_c_esd      ? 
_cell.pdbx_unique_axis             ? 
# 
_symmetry.entry_id                         6L9X 
_symmetry.cell_setting                     ? 
_symmetry.Int_Tables_number                179 
_symmetry.space_group_name_Hall            ? 
_symmetry.space_group_name_H-M             'P 65 2 2' 
_symmetry.pdbx_full_space_group_name_H-M   ? 
# 
_exptl.absorpt_coefficient_mu     ? 
_exptl.absorpt_correction_T_max   ? 
_exptl.absorpt_correction_T_min   ? 
_exptl.absorpt_correction_type    ? 
_exptl.absorpt_process_details    ? 
_exptl.entry_id                   6L9X 
_exptl.crystals_number            1 
_exptl.details                    ? 
_exptl.method                     'X-RAY DIFFRACTION' 
_exptl.method_details             ? 
# 
_exptl_crystal.colour                      ? 
_exptl_crystal.density_diffrn              ? 
_exptl_crystal.density_Matthews            2.96 
_exptl_crystal.density_method              ? 
_exptl_crystal.density_percent_sol         58.50 
_exptl_crystal.description                 ? 
_exptl_crystal.F_000                       ? 
_exptl_crystal.id                          1 
_exptl_crystal.preparation                 ? 
_exptl_crystal.size_max                    ? 
_exptl_crystal.size_mid                    ? 
_exptl_crystal.size_min                    ? 
_exptl_crystal.size_rad                    ? 
_exptl_crystal.colour_lustre               ? 
_exptl_crystal.colour_modifier             ? 
_exptl_crystal.colour_primary              ? 
_exptl_crystal.density_meas                ? 
_exptl_crystal.density_meas_esd            ? 
_exptl_crystal.density_meas_gt             ? 
_exptl_crystal.density_meas_lt             ? 
_exptl_crystal.density_meas_temp           ? 
_exptl_crystal.density_meas_temp_esd       ? 
_exptl_crystal.density_meas_temp_gt        ? 
_exptl_crystal.density_meas_temp_lt        ? 
_exptl_crystal.pdbx_crystal_image_url      ? 
_exptl_crystal.pdbx_crystal_image_format   ? 
_exptl_crystal.pdbx_mosaicity              ? 
_exptl_crystal.pdbx_mosaicity_esd          ? 
# 
_exptl_crystal_grow.apparatus       ? 
_exptl_crystal_grow.atmosphere      ? 
_exptl_crystal_grow.crystal_id      1 
_exptl_crystal_grow.details         ? 
_exptl_crystal_grow.method          'VAPOR DIFFUSION, HANGING DROP' 
_exptl_crystal_grow.method_ref      ? 
_exptl_crystal_grow.pH              ? 
_exptl_crystal_grow.pressure        ? 
_exptl_crystal_grow.pressure_esd    ? 
_exptl_crystal_grow.seeding         ? 
_exptl_crystal_grow.seeding_ref     ? 
_exptl_crystal_grow.temp            298 
_exptl_crystal_grow.temp_details    ? 
_exptl_crystal_grow.temp_esd        ? 
_exptl_crystal_grow.time            ? 
_exptl_crystal_grow.pdbx_details    'PEG 8000, 0.2M calcium acetate, 0.1M sodium cacodylate pH 6.5' 
_exptl_crystal_grow.pdbx_pH_range   ? 
# 
_diffrn.ambient_environment              ? 
_diffrn.ambient_temp                     100 
_diffrn.ambient_temp_details             ? 
_diffrn.ambient_temp_esd                 ? 
_diffrn.crystal_id                       1 
_diffrn.crystal_support                  ? 
_diffrn.crystal_treatment                ? 
_diffrn.details                          ? 
_diffrn.id                               1 
_diffrn.ambient_pressure                 ? 
_diffrn.ambient_pressure_esd             ? 
_diffrn.ambient_pressure_gt              ? 
_diffrn.ambient_pressure_lt              ? 
_diffrn.ambient_temp_gt                  ? 
_diffrn.ambient_temp_lt                  ? 
_diffrn.pdbx_serial_crystal_experiment   N 
# 
_diffrn_detector.details                      ? 
_diffrn_detector.detector                     CCD 
_diffrn_detector.diffrn_id                    1 
_diffrn_detector.type                         'ADSC QUANTUM 270' 
_diffrn_detector.area_resol_mean              ? 
_diffrn_detector.dtime                        ? 
_diffrn_detector.pdbx_frames_total            ? 
_diffrn_detector.pdbx_collection_time_total   ? 
_diffrn_detector.pdbx_collection_date         2018-07-25 
_diffrn_detector.pdbx_frequency               ? 
# 
_diffrn_radiation.collimation                      ? 
_diffrn_radiation.diffrn_id                        1 
_diffrn_radiation.filter_edge                      ? 
_diffrn_radiation.inhomogeneity                    ? 
_diffrn_radiation.monochromator                    ? 
_diffrn_radiation.polarisn_norm                    ? 
_diffrn_radiation.polarisn_ratio                   ? 
_diffrn_radiation.probe                            ? 
_diffrn_radiation.type                             ? 
_diffrn_radiation.xray_symbol                      ? 
_diffrn_radiation.wavelength_id                    1 
_diffrn_radiation.pdbx_monochromatic_or_laue_m_l   M 
_diffrn_radiation.pdbx_wavelength_list             ? 
_diffrn_radiation.pdbx_wavelength                  ? 
_diffrn_radiation.pdbx_diffrn_protocol             'SINGLE WAVELENGTH' 
_diffrn_radiation.pdbx_analyzer                    ? 
_diffrn_radiation.pdbx_scattering_type             x-ray 
# 
_diffrn_radiation_wavelength.id           1 
_diffrn_radiation_wavelength.wavelength   1.54 
_diffrn_radiation_wavelength.wt           1.0 
# 
_diffrn_source.current                     ? 
_diffrn_source.details                     ? 
_diffrn_source.diffrn_id                   1 
_diffrn_source.power                       ? 
_diffrn_source.size                        ? 
_diffrn_source.source                      SYNCHROTRON 
_diffrn_source.target                      ? 
_diffrn_source.type                        'PAL/PLS BEAMLINE 7A (6B, 6C1)' 
_diffrn_source.voltage                     ? 
_diffrn_source.take-off_angle              ? 
_diffrn_source.pdbx_wavelength_list        1.54 
_diffrn_source.pdbx_wavelength             ? 
_diffrn_source.pdbx_synchrotron_beamline   '7A (6B, 6C1)' 
_diffrn_source.pdbx_synchrotron_site       PAL/PLS 
# 
_reflns.B_iso_Wilson_estimate            ? 
_reflns.entry_id                         6L9X 
_reflns.data_reduction_details           ? 
_reflns.data_reduction_method            ? 
_reflns.d_resolution_high                2.9 
_reflns.d_resolution_low                 50 
_reflns.details                          ? 
_reflns.limit_h_max                      ? 
_reflns.limit_h_min                      ? 
_reflns.limit_k_max                      ? 
_reflns.limit_k_min                      ? 
_reflns.limit_l_max                      ? 
_reflns.limit_l_min                      ? 
_reflns.number_all                       ? 
_reflns.number_obs                       6390 
_reflns.observed_criterion               ? 
_reflns.observed_criterion_F_max         ? 
_reflns.observed_criterion_F_min         ? 
_reflns.observed_criterion_I_max         ? 
_reflns.observed_criterion_I_min         ? 
_reflns.observed_criterion_sigma_F       ? 
_reflns.observed_criterion_sigma_I       ? 
_reflns.percent_possible_obs             100 
_reflns.R_free_details                   ? 
_reflns.Rmerge_F_all                     ? 
_reflns.Rmerge_F_obs                     ? 
_reflns.Friedel_coverage                 ? 
_reflns.number_gt                        ? 
_reflns.threshold_expression             ? 
_reflns.pdbx_redundancy                  20 
_reflns.pdbx_Rmerge_I_obs                0.097 
_reflns.pdbx_Rmerge_I_all                ? 
_reflns.pdbx_Rsym_value                  ? 
_reflns.pdbx_netI_over_av_sigmaI         ? 
_reflns.pdbx_netI_over_sigmaI            71.0 
_reflns.pdbx_res_netI_over_av_sigmaI_2   ? 
_reflns.pdbx_res_netI_over_sigmaI_2      ? 
_reflns.pdbx_chi_squared                 ? 
_reflns.pdbx_scaling_rejects             ? 
_reflns.pdbx_d_res_high_opt              ? 
_reflns.pdbx_d_res_low_opt               ? 
_reflns.pdbx_d_res_opt_method            ? 
_reflns.phase_calculation_details        ? 
_reflns.pdbx_Rrim_I_all                  ? 
_reflns.pdbx_Rpim_I_all                  ? 
_reflns.pdbx_d_opt                       ? 
_reflns.pdbx_number_measured_all         ? 
_reflns.pdbx_diffrn_id                   1 
_reflns.pdbx_ordinal                     1 
_reflns.pdbx_CC_half                     0.976 
_reflns.pdbx_CC_star                     ? 
_reflns.pdbx_R_split                     ? 
# 
_reflns_shell.d_res_high                  2.90 
_reflns_shell.d_res_low                   2.95 
_reflns_shell.meanI_over_sigI_all         ? 
_reflns_shell.meanI_over_sigI_obs         ? 
_reflns_shell.number_measured_all         ? 
_reflns_shell.number_measured_obs         ? 
_reflns_shell.number_possible             ? 
_reflns_shell.number_unique_all           ? 
_reflns_shell.number_unique_obs           2312 
_reflns_shell.percent_possible_all        ? 
_reflns_shell.percent_possible_obs        ? 
_reflns_shell.Rmerge_F_all                ? 
_reflns_shell.Rmerge_F_obs                ? 
_reflns_shell.Rmerge_I_all                ? 
_reflns_shell.Rmerge_I_obs                0.582 
_reflns_shell.meanI_over_sigI_gt          ? 
_reflns_shell.meanI_over_uI_all           ? 
_reflns_shell.meanI_over_uI_gt            ? 
_reflns_shell.number_measured_gt          ? 
_reflns_shell.number_unique_gt            ? 
_reflns_shell.percent_possible_gt         ? 
_reflns_shell.Rmerge_F_gt                 ? 
_reflns_shell.Rmerge_I_gt                 ? 
_reflns_shell.pdbx_redundancy             ? 
_reflns_shell.pdbx_Rsym_value             ? 
_reflns_shell.pdbx_chi_squared            ? 
_reflns_shell.pdbx_netI_over_sigmaI_all   ? 
_reflns_shell.pdbx_netI_over_sigmaI_obs   ? 
_reflns_shell.pdbx_Rrim_I_all             ? 
_reflns_shell.pdbx_Rpim_I_all             ? 
_reflns_shell.pdbx_rejects                ? 
_reflns_shell.pdbx_ordinal                1 
_reflns_shell.pdbx_diffrn_id              1 
_reflns_shell.pdbx_CC_half                0.976 
_reflns_shell.pdbx_CC_star                ? 
_reflns_shell.pdbx_R_split                ? 
# 
_refine.aniso_B[1][1]                            1.5300 
_refine.aniso_B[1][2]                            0.7600 
_refine.aniso_B[1][3]                            0.0000 
_refine.aniso_B[2][2]                            1.5300 
_refine.aniso_B[2][3]                            0.0000 
_refine.aniso_B[3][3]                            -4.9600 
_refine.B_iso_max                                185.660 
_refine.B_iso_mean                               63.6 
_refine.B_iso_min                                39.490 
_refine.correlation_coeff_Fo_to_Fc               0.9300 
_refine.correlation_coeff_Fo_to_Fc_free          0.8680 
_refine.details                                  
'HYDROGENS HAVE BEEN ADDED IN THE RIDING POSITIONS U VALUES      : REFINED INDIVIDUALLY' 
_refine.diff_density_max                         ? 
_refine.diff_density_max_esd                     ? 
_refine.diff_density_min                         ? 
_refine.diff_density_min_esd                     ? 
_refine.diff_density_rms                         ? 
_refine.diff_density_rms_esd                     ? 
_refine.entry_id                                 6L9X 
_refine.pdbx_refine_id                           'X-RAY DIFFRACTION' 
_refine.ls_abs_structure_details                 ? 
_refine.ls_abs_structure_Flack                   ? 
_refine.ls_abs_structure_Flack_esd               ? 
_refine.ls_abs_structure_Rogers                  ? 
_refine.ls_abs_structure_Rogers_esd              ? 
_refine.ls_d_res_high                            2.9000 
_refine.ls_d_res_low                             50 
_refine.ls_extinction_coef                       ? 
_refine.ls_extinction_coef_esd                   ? 
_refine.ls_extinction_expression                 ? 
_refine.ls_extinction_method                     ? 
_refine.ls_goodness_of_fit_all                   ? 
_refine.ls_goodness_of_fit_all_esd               ? 
_refine.ls_goodness_of_fit_obs                   ? 
_refine.ls_goodness_of_fit_obs_esd               ? 
_refine.ls_hydrogen_treatment                    ? 
_refine.ls_matrix_type                           ? 
_refine.ls_number_constraints                    ? 
_refine.ls_number_parameters                     ? 
_refine.ls_number_reflns_all                     ? 
_refine.ls_number_reflns_obs                     6093 
_refine.ls_number_reflns_R_free                  295 
_refine.ls_number_reflns_R_work                  ? 
_refine.ls_number_restraints                     ? 
_refine.ls_percent_reflns_obs                    99.8600 
_refine.ls_percent_reflns_R_free                 4.6000 
_refine.ls_R_factor_all                          ? 
_refine.ls_R_factor_obs                          0.2228 
_refine.ls_R_factor_R_free                       0.3076 
_refine.ls_R_factor_R_free_error                 ? 
_refine.ls_R_factor_R_free_error_details         ? 
_refine.ls_R_factor_R_work                       0.2190 
_refine.ls_R_Fsqd_factor_obs                     ? 
_refine.ls_R_I_factor_obs                        ? 
_refine.ls_redundancy_reflns_all                 ? 
_refine.ls_redundancy_reflns_obs                 ? 
_refine.ls_restrained_S_all                      ? 
_refine.ls_restrained_S_obs                      ? 
_refine.ls_shift_over_esd_max                    ? 
_refine.ls_shift_over_esd_mean                   ? 
_refine.ls_structure_factor_coef                 ? 
_refine.ls_weighting_details                     ? 
_refine.ls_weighting_scheme                      ? 
_refine.ls_wR_factor_all                         ? 
_refine.ls_wR_factor_obs                         ? 
_refine.ls_wR_factor_R_free                      ? 
_refine.ls_wR_factor_R_work                      ? 
_refine.occupancy_max                            ? 
_refine.occupancy_min                            ? 
_refine.solvent_model_details                    ? 
_refine.solvent_model_param_bsol                 ? 
_refine.solvent_model_param_ksol                 ? 
_refine.pdbx_R_complete                          ? 
_refine.ls_R_factor_gt                           ? 
_refine.ls_goodness_of_fit_gt                    ? 
_refine.ls_goodness_of_fit_ref                   ? 
_refine.ls_shift_over_su_max                     ? 
_refine.ls_shift_over_su_max_lt                  ? 
_refine.ls_shift_over_su_mean                    ? 
_refine.ls_shift_over_su_mean_lt                 ? 
_refine.pdbx_ls_sigma_I                          ? 
_refine.pdbx_ls_sigma_F                          0.000 
_refine.pdbx_ls_sigma_Fsqd                       ? 
_refine.pdbx_data_cutoff_high_absF               ? 
_refine.pdbx_data_cutoff_high_rms_absF           ? 
_refine.pdbx_data_cutoff_low_absF                ? 
_refine.pdbx_isotropic_thermal_model             ? 
_refine.pdbx_ls_cross_valid_method               THROUGHOUT 
_refine.pdbx_method_to_determine_struct          SAD 
_refine.pdbx_starting_model                      ? 
_refine.pdbx_stereochemistry_target_values       ? 
_refine.pdbx_R_Free_selection_details            RANDOM 
_refine.pdbx_stereochem_target_val_spec_case     ? 
_refine.pdbx_overall_ESU_R                       ? 
_refine.pdbx_overall_ESU_R_Free                  0.4540 
_refine.pdbx_solvent_vdw_probe_radii             1.2000 
_refine.pdbx_solvent_ion_probe_radii             0.8000 
_refine.pdbx_solvent_shrinkage_radii             0.8000 
_refine.pdbx_real_space_R                        ? 
_refine.pdbx_density_correlation                 ? 
_refine.pdbx_pd_number_of_powder_patterns        ? 
_refine.pdbx_pd_number_of_points                 ? 
_refine.pdbx_pd_meas_number_of_points            ? 
_refine.pdbx_pd_proc_ls_prof_R_factor            ? 
_refine.pdbx_pd_proc_ls_prof_wR_factor           ? 
_refine.pdbx_pd_Marquardt_correlation_coeff      ? 
_refine.pdbx_pd_Fsqrd_R_factor                   ? 
_refine.pdbx_pd_ls_matrix_band_width             ? 
_refine.pdbx_overall_phase_error                 ? 
_refine.pdbx_overall_SU_R_free_Cruickshank_DPI   ? 
_refine.pdbx_overall_SU_R_free_Blow_DPI          ? 
_refine.pdbx_overall_SU_R_Blow_DPI               ? 
_refine.pdbx_TLS_residual_ADP_flag               ? 
_refine.pdbx_diffrn_id                           1 
_refine.overall_SU_B                             16.8120 
_refine.overall_SU_ML                            0.3250 
_refine.overall_SU_R_Cruickshank_DPI             ? 
_refine.overall_SU_R_free                        ? 
_refine.overall_FOM_free_R_set                   ? 
_refine.overall_FOM_work_R_set                   ? 
_refine.pdbx_average_fsc_overall                 ? 
_refine.pdbx_average_fsc_work                    ? 
_refine.pdbx_average_fsc_free                    ? 
# 
_refine_hist.pdbx_refine_id                   'X-RAY DIFFRACTION' 
_refine_hist.cycle_id                         final 
_refine_hist.details                          ? 
_refine_hist.d_res_high                       2.9000 
_refine_hist.d_res_low                        50 
_refine_hist.number_atoms_solvent             0 
_refine_hist.number_atoms_total               1518 
_refine_hist.number_reflns_all                ? 
_refine_hist.number_reflns_obs                ? 
_refine_hist.number_reflns_R_free             ? 
_refine_hist.number_reflns_R_work             ? 
_refine_hist.R_factor_all                     ? 
_refine_hist.R_factor_obs                     ? 
_refine_hist.R_factor_R_free                  ? 
_refine_hist.R_factor_R_work                  ? 
_refine_hist.pdbx_number_residues_total       185 
_refine_hist.pdbx_B_iso_mean_ligand           131.49 
_refine_hist.pdbx_B_iso_mean_solvent          ? 
_refine_hist.pdbx_number_atoms_protein        1514 
_refine_hist.pdbx_number_atoms_nucleic_acid   0 
_refine_hist.pdbx_number_atoms_ligand         4 
_refine_hist.pdbx_number_atoms_lipid          ? 
_refine_hist.pdbx_number_atoms_carb           ? 
_refine_hist.pdbx_pseudo_atom_details         ? 
# 
loop_
_refine_ls_restr.pdbx_refine_id 
_refine_ls_restr.criterion 
_refine_ls_restr.dev_ideal 
_refine_ls_restr.dev_ideal_target 
_refine_ls_restr.number 
_refine_ls_restr.rejects 
_refine_ls_restr.type 
_refine_ls_restr.weight 
_refine_ls_restr.pdbx_restraint_function 
'X-RAY DIFFRACTION' ? 0.011  0.020  1561 ? r_bond_refined_d       ? ? 
'X-RAY DIFFRACTION' ? 0.002  0.020  1417 ? r_bond_other_d         ? ? 
'X-RAY DIFFRACTION' ? 1.500  1.952  2130 ? r_angle_refined_deg    ? ? 
'X-RAY DIFFRACTION' ? 0.787  3.000  3284 ? r_angle_other_deg      ? ? 
'X-RAY DIFFRACTION' ? 8.226  5.000  184  ? r_dihedral_angle_1_deg ? ? 
'X-RAY DIFFRACTION' ? 37.955 24.342 76   ? r_dihedral_angle_2_deg ? ? 
'X-RAY DIFFRACTION' ? 18.491 15.000 255  ? r_dihedral_angle_3_deg ? ? 
'X-RAY DIFFRACTION' ? 21.278 15.000 8    ? r_dihedral_angle_4_deg ? ? 
'X-RAY DIFFRACTION' ? 0.074  0.200  227  ? r_chiral_restr         ? ? 
'X-RAY DIFFRACTION' ? 0.007  0.021  1749 ? r_gen_planes_refined   ? ? 
'X-RAY DIFFRACTION' ? 0.001  0.020  357  ? r_gen_planes_other     ? ? 
# 
_refine_ls_shell.pdbx_refine_id                   'X-RAY DIFFRACTION' 
_refine_ls_shell.d_res_high                       2.9030 
_refine_ls_shell.d_res_low                        2.9780 
_refine_ls_shell.number_reflns_all                444 
_refine_ls_shell.number_reflns_obs                ? 
_refine_ls_shell.number_reflns_R_free             18 
_refine_ls_shell.number_reflns_R_work             426 
_refine_ls_shell.percent_reflns_obs               99.7800 
_refine_ls_shell.percent_reflns_R_free            ? 
_refine_ls_shell.R_factor_all                     ? 
_refine_ls_shell.R_factor_obs                     ? 
_refine_ls_shell.R_factor_R_free                  0.3420 
_refine_ls_shell.R_factor_R_free_error            0.0000 
_refine_ls_shell.R_factor_R_work                  0.2710 
_refine_ls_shell.redundancy_reflns_all            ? 
_refine_ls_shell.redundancy_reflns_obs            ? 
_refine_ls_shell.wR_factor_all                    ? 
_refine_ls_shell.wR_factor_obs                    ? 
_refine_ls_shell.wR_factor_R_free                 ? 
_refine_ls_shell.wR_factor_R_work                 ? 
_refine_ls_shell.pdbx_R_complete                  ? 
_refine_ls_shell.pdbx_total_number_of_bins_used   20 
_refine_ls_shell.pdbx_phase_error                 ? 
_refine_ls_shell.pdbx_fsc_work                    ? 
_refine_ls_shell.pdbx_fsc_free                    ? 
# 
_struct.entry_id                     6L9X 
_struct.title                        'Xenons in frog EPDR1' 
_struct.pdbx_model_details           ? 
_struct.pdbx_formula_weight          ? 
_struct.pdbx_formula_weight_method   ? 
_struct.pdbx_model_type_details      ? 
_struct.pdbx_CASP_flag               N 
# 
_struct_keywords.entry_id        6L9X 
_struct_keywords.text            'EPDR1, Xenon, UNKNOWN FUNCTION' 
_struct_keywords.pdbx_keywords   'UNKNOWN FUNCTION' 
# 
loop_
_struct_asym.id 
_struct_asym.pdbx_blank_PDB_chainid_flag 
_struct_asym.pdbx_modified 
_struct_asym.entity_id 
_struct_asym.details 
A N N 1 ? 
B N N 2 ? 
C N N 2 ? 
D N N 2 ? 
E N N 2 ? 
# 
_struct_ref.id                         1 
_struct_ref.db_name                    UNP 
_struct_ref.db_code                    F6VRB7_XENTR 
_struct_ref.pdbx_db_accession          F6VRB7 
_struct_ref.pdbx_db_isoform            ? 
_struct_ref.entity_id                  1 
_struct_ref.pdbx_seq_one_letter_code   
;VTPCEAPLQWEGRIVLYDHNTGKNTRATVTYDAILQRIRILEEKKSFVPCKRFFEYIFLYQEAVMFQIEQVTKICSKNTL
TEPWDPYDIPENSTYEDQYYIGGPGDQIPVQEWSDRKPARKYETWVGVYTVKDCYPVQETYTKNDSMTTSTRFFDIKLGI
SDPSVFNPPSTCEAAQPLLMSGDC
;
_struct_ref.pdbx_align_begin           1 
# 
_struct_ref_seq.align_id                      1 
_struct_ref_seq.ref_id                        1 
_struct_ref_seq.pdbx_PDB_id_code              6L9X 
_struct_ref_seq.pdbx_strand_id                A 
_struct_ref_seq.seq_align_beg                 13 
_struct_ref_seq.pdbx_seq_align_beg_ins_code   ? 
_struct_ref_seq.seq_align_end                 196 
_struct_ref_seq.pdbx_seq_align_end_ins_code   ? 
_struct_ref_seq.pdbx_db_accession             F6VRB7 
_struct_ref_seq.db_align_beg                  1 
_struct_ref_seq.pdbx_db_align_beg_ins_code    ? 
_struct_ref_seq.db_align_end                  184 
_struct_ref_seq.pdbx_db_align_end_ins_code    ? 
_struct_ref_seq.pdbx_auth_seq_align_beg       37 
_struct_ref_seq.pdbx_auth_seq_align_end       220 
# 
loop_
_struct_ref_seq_dif.align_id 
_struct_ref_seq_dif.pdbx_pdb_id_code 
_struct_ref_seq_dif.mon_id 
_struct_ref_seq_dif.pdbx_pdb_strand_id 
_struct_ref_seq_dif.seq_num 
_struct_ref_seq_dif.pdbx_pdb_ins_code 
_struct_ref_seq_dif.pdbx_seq_db_name 
_struct_ref_seq_dif.pdbx_seq_db_accession_code 
_struct_ref_seq_dif.db_mon_id 
_struct_ref_seq_dif.pdbx_seq_db_seq_num 
_struct_ref_seq_dif.details 
_struct_ref_seq_dif.pdbx_auth_seq_num 
_struct_ref_seq_dif.pdbx_ordinal 
1 6L9X ALA A 1  ? UNP F6VRB7 ? ? 'expression tag' 25 1  
1 6L9X ASP A 2  ? UNP F6VRB7 ? ? 'expression tag' 26 2  
1 6L9X PRO A 3  ? UNP F6VRB7 ? ? 'expression tag' 27 3  
1 6L9X HIS A 4  ? UNP F6VRB7 ? ? 'expression tag' 28 4  
1 6L9X HIS A 5  ? UNP F6VRB7 ? ? 'expression tag' 29 5  
1 6L9X HIS A 6  ? UNP F6VRB7 ? ? 'expression tag' 30 6  
1 6L9X HIS A 7  ? UNP F6VRB7 ? ? 'expression tag' 31 7  
1 6L9X HIS A 8  ? UNP F6VRB7 ? ? 'expression tag' 32 8  
1 6L9X HIS A 9  ? UNP F6VRB7 ? ? 'expression tag' 33 9  
1 6L9X HIS A 10 ? UNP F6VRB7 ? ? 'expression tag' 34 10 
1 6L9X HIS A 11 ? UNP F6VRB7 ? ? 'expression tag' 35 11 
1 6L9X PRO A 12 ? UNP F6VRB7 ? ? 'expression tag' 36 12 
# 
_pdbx_struct_assembly.id                   1 
_pdbx_struct_assembly.details              author_and_software_defined_assembly 
_pdbx_struct_assembly.method_details       PISA 
_pdbx_struct_assembly.oligomeric_details   dimeric 
_pdbx_struct_assembly.oligomeric_count     2 
# 
loop_
_pdbx_struct_assembly_prop.biol_id 
_pdbx_struct_assembly_prop.type 
_pdbx_struct_assembly_prop.value 
_pdbx_struct_assembly_prop.details 
1 'ABSA (A^2)' 5770  ? 
1 MORE         -9    ? 
1 'SSA (A^2)'  18380 ? 
# 
_pdbx_struct_assembly_gen.assembly_id       1 
_pdbx_struct_assembly_gen.oper_expression   1,2 
_pdbx_struct_assembly_gen.asym_id_list      A,B,C,D,E 
# 
_pdbx_struct_assembly_auth_evidence.id                     1 
_pdbx_struct_assembly_auth_evidence.assembly_id            1 
_pdbx_struct_assembly_auth_evidence.experimental_support   none 
_pdbx_struct_assembly_auth_evidence.details                ? 
# 
loop_
_pdbx_struct_oper_list.id 
_pdbx_struct_oper_list.type 
_pdbx_struct_oper_list.name 
_pdbx_struct_oper_list.symmetry_operation 
_pdbx_struct_oper_list.matrix[1][1] 
_pdbx_struct_oper_list.matrix[1][2] 
_pdbx_struct_oper_list.matrix[1][3] 
_pdbx_struct_oper_list.vector[1] 
_pdbx_struct_oper_list.matrix[2][1] 
_pdbx_struct_oper_list.matrix[2][2] 
_pdbx_struct_oper_list.matrix[2][3] 
_pdbx_struct_oper_list.vector[2] 
_pdbx_struct_oper_list.matrix[3][1] 
_pdbx_struct_oper_list.matrix[3][2] 
_pdbx_struct_oper_list.matrix[3][3] 
_pdbx_struct_oper_list.vector[3] 
1 'identity operation'         1_555  x,y,z            1.0000000000  0.0000000000  0.0000000000  0.0000000000  0.0000000000  1.0000000000 0.0000000000 0.0000000000 0.0000000000  0.0000000000 1.0000000000  0.0000000000 
2 'crystal symmetry operation' 10_775 -y+2,-x+2,-z+1/6 -0.9425970182 -0.3054690071 -0.1349056967 25.0918946444 -0.3054690071 0.6255482093 0.7178984076 1.5400134809 -0.1349056967 0.7178984076 -0.6829511911 7.1896384385 
# 
_struct_conf.conf_type_id            HELX_P 
_struct_conf.id                      HELX_P1 
_struct_conf.pdbx_PDB_helix_id       AA1 
_struct_conf.beg_label_comp_id       ASP 
_struct_conf.beg_label_asym_id       A 
_struct_conf.beg_label_seq_id        174 
_struct_conf.pdbx_beg_PDB_ins_code   ? 
_struct_conf.end_label_comp_id       ASN 
_struct_conf.end_label_asym_id       A 
_struct_conf.end_label_seq_id        179 
_struct_conf.pdbx_end_PDB_ins_code   ? 
_struct_conf.beg_auth_comp_id        ASP 
_struct_conf.beg_auth_asym_id        A 
_struct_conf.beg_auth_seq_id         198 
_struct_conf.end_auth_comp_id        ASN 
_struct_conf.end_auth_asym_id        A 
_struct_conf.end_auth_seq_id         203 
_struct_conf.pdbx_PDB_helix_class    5 
_struct_conf.details                 ? 
_struct_conf.pdbx_PDB_helix_length   6 
# 
_struct_conf_type.id          HELX_P 
_struct_conf_type.criteria    ? 
_struct_conf_type.reference   ? 
# 
loop_
_struct_conn.id 
_struct_conn.conn_type_id 
_struct_conn.pdbx_leaving_atom_flag 
_struct_conn.pdbx_PDB_id 
_struct_conn.ptnr1_label_asym_id 
_struct_conn.ptnr1_label_comp_id 
_struct_conn.ptnr1_label_seq_id 
_struct_conn.ptnr1_label_atom_id 
_struct_conn.pdbx_ptnr1_label_alt_id 
_struct_conn.pdbx_ptnr1_PDB_ins_code 
_struct_conn.pdbx_ptnr1_standard_comp_id 
_struct_conn.ptnr1_symmetry 
_struct_conn.ptnr2_label_asym_id 
_struct_conn.ptnr2_label_comp_id 
_struct_conn.ptnr2_label_seq_id 
_struct_conn.ptnr2_label_atom_id 
_struct_conn.pdbx_ptnr2_label_alt_id 
_struct_conn.pdbx_ptnr2_PDB_ins_code 
_struct_conn.ptnr1_auth_asym_id 
_struct_conn.ptnr1_auth_comp_id 
_struct_conn.ptnr1_auth_seq_id 
_struct_conn.ptnr2_auth_asym_id 
_struct_conn.ptnr2_auth_comp_id 
_struct_conn.ptnr2_auth_seq_id 
_struct_conn.ptnr2_symmetry 
_struct_conn.pdbx_ptnr3_label_atom_id 
_struct_conn.pdbx_ptnr3_label_seq_id 
_struct_conn.pdbx_ptnr3_label_comp_id 
_struct_conn.pdbx_ptnr3_label_asym_id 
_struct_conn.pdbx_ptnr3_label_alt_id 
_struct_conn.pdbx_ptnr3_PDB_ins_code 
_struct_conn.details 
_struct_conn.pdbx_dist_value 
_struct_conn.pdbx_value_order 
_struct_conn.pdbx_role 
disulf1 disulf ? ? A CYS 16 SG ? ? ? 1_555 A CYS 146 SG ? ? A CYS 40  A CYS 170 1_555 ? ? ? ? ? ? ? 2.049 ? ? 
disulf2 disulf ? ? A CYS 87 SG ? ? ? 1_555 A CYS 184 SG ? ? A CYS 111 A CYS 208 1_555 ? ? ? ? ? ? ? 2.047 ? ? 
# 
_struct_conn_type.id          disulf 
_struct_conn_type.criteria    ? 
_struct_conn_type.reference   ? 
# 
loop_
_pdbx_modification_feature.ordinal 
_pdbx_modification_feature.label_comp_id 
_pdbx_modification_feature.label_asym_id 
_pdbx_modification_feature.label_seq_id 
_pdbx_modification_feature.label_alt_id 
_pdbx_modification_feature.modified_residue_label_comp_id 
_pdbx_modification_feature.modified_residue_label_asym_id 
_pdbx_modification_feature.modified_residue_label_seq_id 
_pdbx_modification_feature.modified_residue_label_alt_id 
_pdbx_modification_feature.auth_comp_id 
_pdbx_modification_feature.auth_asym_id 
_pdbx_modification_feature.auth_seq_id 
_pdbx_modification_feature.PDB_ins_code 
_pdbx_modification_feature.symmetry 
_pdbx_modification_feature.modified_residue_auth_comp_id 
_pdbx_modification_feature.modified_residue_auth_asym_id 
_pdbx_modification_feature.modified_residue_auth_seq_id 
_pdbx_modification_feature.modified_residue_PDB_ins_code 
_pdbx_modification_feature.modified_residue_symmetry 
_pdbx_modification_feature.comp_id_linking_atom 
_pdbx_modification_feature.modified_residue_id_linking_atom 
_pdbx_modification_feature.modified_residue_id 
_pdbx_modification_feature.ref_pcm_id 
_pdbx_modification_feature.ref_comp_id 
_pdbx_modification_feature.type 
_pdbx_modification_feature.category 
1 CYS A 16 ? CYS A 146 ? CYS A 40  ? 1_555 CYS A 170 ? 1_555 SG SG . . . None 'Disulfide bridge' 
2 CYS A 87 ? CYS A 184 ? CYS A 111 ? 1_555 CYS A 208 ? 1_555 SG SG . . . None 'Disulfide bridge' 
# 
_struct_sheet.id               AA1 
_struct_sheet.type             ? 
_struct_sheet.number_strands   11 
_struct_sheet.details          ? 
# 
loop_
_struct_sheet_order.sheet_id 
_struct_sheet_order.range_id_1 
_struct_sheet_order.range_id_2 
_struct_sheet_order.offset 
_struct_sheet_order.sense 
AA1 1  2  ? anti-parallel 
AA1 2  3  ? anti-parallel 
AA1 3  4  ? anti-parallel 
AA1 4  5  ? anti-parallel 
AA1 5  6  ? anti-parallel 
AA1 6  7  ? anti-parallel 
AA1 7  8  ? anti-parallel 
AA1 8  9  ? anti-parallel 
AA1 9  10 ? anti-parallel 
AA1 10 11 ? anti-parallel 
# 
loop_
_struct_sheet_range.sheet_id 
_struct_sheet_range.id 
_struct_sheet_range.beg_label_comp_id 
_struct_sheet_range.beg_label_asym_id 
_struct_sheet_range.beg_label_seq_id 
_struct_sheet_range.pdbx_beg_PDB_ins_code 
_struct_sheet_range.end_label_comp_id 
_struct_sheet_range.end_label_asym_id 
_struct_sheet_range.end_label_seq_id 
_struct_sheet_range.pdbx_end_PDB_ins_code 
_struct_sheet_range.beg_auth_comp_id 
_struct_sheet_range.beg_auth_asym_id 
_struct_sheet_range.beg_auth_seq_id 
_struct_sheet_range.end_auth_comp_id 
_struct_sheet_range.end_auth_asym_id 
_struct_sheet_range.end_auth_seq_id 
AA1 1  ASN A 90  ? THR A 91  ? ASN A 114 THR A 115 
AA1 2  VAL A 76  ? GLU A 81  ? VAL A 100 GLU A 105 
AA1 3  PHE A 66  ? LEU A 71  ? PHE A 90  LEU A 95  
AA1 4  ARG A 49  ? GLU A 54  ? ARG A 73  GLU A 78  
AA1 5  LYS A 35  ? ASP A 44  ? LYS A 59  ASP A 68  
AA1 6  GLN A 21  ? ASP A 30  ? GLN A 45  ASP A 54  
AA1 7  MET A 159 ? LEU A 170 ? MET A 183 LEU A 194 
AA1 8  PRO A 148 ? LYS A 155 ? PRO A 172 LYS A 179 
AA1 9  VAL A 138 ? THR A 142 ? VAL A 162 THR A 166 
AA1 10 ILE A 120 ? SER A 126 ? ILE A 144 SER A 150 
AA1 11 THR A 106 ? ILE A 113 ? THR A 130 ILE A 137 
# 
loop_
_pdbx_struct_sheet_hbond.sheet_id 
_pdbx_struct_sheet_hbond.range_id_1 
_pdbx_struct_sheet_hbond.range_id_2 
_pdbx_struct_sheet_hbond.range_1_label_atom_id 
_pdbx_struct_sheet_hbond.range_1_label_comp_id 
_pdbx_struct_sheet_hbond.range_1_label_asym_id 
_pdbx_struct_sheet_hbond.range_1_label_seq_id 
_pdbx_struct_sheet_hbond.range_1_PDB_ins_code 
_pdbx_struct_sheet_hbond.range_1_auth_atom_id 
_pdbx_struct_sheet_hbond.range_1_auth_comp_id 
_pdbx_struct_sheet_hbond.range_1_auth_asym_id 
_pdbx_struct_sheet_hbond.range_1_auth_seq_id 
_pdbx_struct_sheet_hbond.range_2_label_atom_id 
_pdbx_struct_sheet_hbond.range_2_label_comp_id 
_pdbx_struct_sheet_hbond.range_2_label_asym_id 
_pdbx_struct_sheet_hbond.range_2_label_seq_id 
_pdbx_struct_sheet_hbond.range_2_PDB_ins_code 
_pdbx_struct_sheet_hbond.range_2_auth_atom_id 
_pdbx_struct_sheet_hbond.range_2_auth_comp_id 
_pdbx_struct_sheet_hbond.range_2_auth_asym_id 
_pdbx_struct_sheet_hbond.range_2_auth_seq_id 
AA1 1  2  O ASN A 90  ? O ASN A 114 N MET A 77  ? N MET A 101 
AA1 2  3  O ILE A 80  ? O ILE A 104 N GLU A 67  ? N GLU A 91  
AA1 3  4  O TYR A 68  ? O TYR A 92  N ILE A 52  ? N ILE A 76  
AA1 4  5  O LEU A 53  ? O LEU A 77  N THR A 40  ? N THR A 64  
AA1 5  6  O TYR A 43  ? O TYR A 67  N TRP A 22  ? N TRP A 46  
AA1 6  7  N TYR A 29  ? N TYR A 53  O SER A 162 ? O SER A 186 
AA1 7  8  O THR A 163 ? O THR A 187 N GLU A 151 ? N GLU A 175 
AA1 8  9  O GLN A 150 ? O GLN A 174 N VAL A 140 ? N VAL A 164 
AA1 9  10 O GLY A 139 ? O GLY A 163 N TRP A 125 ? N TRP A 149 
AA1 10 11 O VAL A 122 ? O VAL A 146 N TYR A 111 ? N TYR A 135 
# 
loop_
_struct_site.id 
_struct_site.pdbx_evidence_code 
_struct_site.pdbx_auth_asym_id 
_struct_site.pdbx_auth_comp_id 
_struct_site.pdbx_auth_seq_id 
_struct_site.pdbx_auth_ins_code 
_struct_site.pdbx_num_residues 
_struct_site.details 
AC1 Software A XE 300 ? 2 'binding site for residue XE A 300' 
AC2 Software A XE 301 ? 2 'binding site for residue XE A 301' 
AC3 Software A XE 302 ? 3 'binding site for residue XE A 302' 
# 
loop_
_struct_site_gen.id 
_struct_site_gen.site_id 
_struct_site_gen.pdbx_num_res 
_struct_site_gen.label_comp_id 
_struct_site_gen.label_asym_id 
_struct_site_gen.label_seq_id 
_struct_site_gen.pdbx_auth_ins_code 
_struct_site_gen.auth_comp_id 
_struct_site_gen.auth_asym_id 
_struct_site_gen.auth_seq_id 
_struct_site_gen.label_atom_id 
_struct_site_gen.label_alt_id 
_struct_site_gen.symmetry 
_struct_site_gen.details 
1 AC1 2 ASP A 97  ? ASP A 121 . ? 1_555 ? 
2 AC1 2 PRO A 98  ? PRO A 122 . ? 1_555 ? 
3 AC2 2 GLN A 150 ? GLN A 174 . ? 1_555 ? 
4 AC2 2 THR A 152 ? THR A 176 . ? 1_555 ? 
5 AC3 3 GLU A 135 ? GLU A 159 . ? 1_555 ? 
6 AC3 3 THR A 152 ? THR A 176 . ? 1_555 ? 
7 AC3 3 THR A 154 ? THR A 178 . ? 1_555 ? 
# 
_pdbx_entry_details.entry_id                   6L9X 
_pdbx_entry_details.has_ligand_of_interest     Y 
_pdbx_entry_details.compound_details           ? 
_pdbx_entry_details.source_details             ? 
_pdbx_entry_details.nonpolymer_details         ? 
_pdbx_entry_details.sequence_details           ? 
_pdbx_entry_details.has_protein_modification   Y 
# 
_pdbx_validate_symm_contact.id                1 
_pdbx_validate_symm_contact.PDB_model_num     1 
_pdbx_validate_symm_contact.auth_atom_id_1    OD2 
_pdbx_validate_symm_contact.auth_asym_id_1    A 
_pdbx_validate_symm_contact.auth_comp_id_1    ASP 
_pdbx_validate_symm_contact.auth_seq_id_1     142 
_pdbx_validate_symm_contact.PDB_ins_code_1    ? 
_pdbx_validate_symm_contact.label_alt_id_1    ? 
_pdbx_validate_symm_contact.site_symmetry_1   1_555 
_pdbx_validate_symm_contact.auth_atom_id_2    CE 
_pdbx_validate_symm_contact.auth_asym_id_2    A 
_pdbx_validate_symm_contact.auth_comp_id_2    LYS 
_pdbx_validate_symm_contact.auth_seq_id_2     168 
_pdbx_validate_symm_contact.PDB_ins_code_2    ? 
_pdbx_validate_symm_contact.label_alt_id_2    ? 
_pdbx_validate_symm_contact.site_symmetry_2   10_775 
_pdbx_validate_symm_contact.dist              1.68 
# 
loop_
_pdbx_validate_torsion.id 
_pdbx_validate_torsion.PDB_model_num 
_pdbx_validate_torsion.auth_comp_id 
_pdbx_validate_torsion.auth_asym_id 
_pdbx_validate_torsion.auth_seq_id 
_pdbx_validate_torsion.PDB_ins_code 
_pdbx_validate_torsion.label_alt_id 
_pdbx_validate_torsion.phi 
_pdbx_validate_torsion.psi 
1  1 HIS A 35  ? ? -34.65  114.89  
2  1 ASN A 56  ? ? -28.84  -51.15  
3  1 PHE A 83  ? ? 71.35   31.30   
4  1 VAL A 107 ? ? -73.16  -81.60  
5  1 SER A 112 ? ? -167.27 86.58   
6  1 LYS A 168 ? ? -59.60  -71.82  
7  1 GLN A 174 ? ? -170.62 142.29  
8  1 ASP A 181 ? ? 61.33   60.10   
9  1 SER A 182 ? ? 95.00   4.98    
10 1 THR A 207 ? ? -67.66  5.81    
11 1 CYS A 208 ? ? -108.02 59.20   
12 1 GLU A 209 ? ? -117.93 50.84   
13 1 ALA A 210 ? ? -131.13 -147.07 
14 1 ALA A 211 ? ? -125.61 -156.20 
# 
_pdbx_struct_special_symmetry.id              1 
_pdbx_struct_special_symmetry.PDB_model_num   1 
_pdbx_struct_special_symmetry.auth_asym_id    A 
_pdbx_struct_special_symmetry.auth_comp_id    XE 
_pdbx_struct_special_symmetry.auth_seq_id     303 
_pdbx_struct_special_symmetry.PDB_ins_code    ? 
_pdbx_struct_special_symmetry.label_asym_id   E 
_pdbx_struct_special_symmetry.label_comp_id   XE 
_pdbx_struct_special_symmetry.label_seq_id    . 
# 
loop_
_pdbx_unobs_or_zero_occ_residues.id 
_pdbx_unobs_or_zero_occ_residues.PDB_model_num 
_pdbx_unobs_or_zero_occ_residues.polymer_flag 
_pdbx_unobs_or_zero_occ_residues.occupancy_flag 
_pdbx_unobs_or_zero_occ_residues.auth_asym_id 
_pdbx_unobs_or_zero_occ_residues.auth_comp_id 
_pdbx_unobs_or_zero_occ_residues.auth_seq_id 
_pdbx_unobs_or_zero_occ_residues.PDB_ins_code 
_pdbx_unobs_or_zero_occ_residues.label_asym_id 
_pdbx_unobs_or_zero_occ_residues.label_comp_id 
_pdbx_unobs_or_zero_occ_residues.label_seq_id 
1  1 Y 1 A ALA 25  ? A ALA 1   
2  1 Y 1 A ASP 26  ? A ASP 2   
3  1 Y 1 A PRO 27  ? A PRO 3   
4  1 Y 1 A HIS 28  ? A HIS 4   
5  1 Y 1 A HIS 29  ? A HIS 5   
6  1 Y 1 A HIS 30  ? A HIS 6   
7  1 Y 1 A HIS 31  ? A HIS 7   
8  1 Y 1 A HIS 32  ? A HIS 8   
9  1 Y 1 A HIS 33  ? A HIS 9   
10 1 Y 1 A ASP 219 ? A ASP 195 
11 1 Y 1 A CYS 220 ? A CYS 196 
# 
loop_
_chem_comp_atom.comp_id 
_chem_comp_atom.atom_id 
_chem_comp_atom.type_symbol 
_chem_comp_atom.pdbx_aromatic_flag 
_chem_comp_atom.pdbx_stereo_config 
_chem_comp_atom.pdbx_ordinal 
ALA N    N  N N 1   
ALA CA   C  N S 2   
ALA C    C  N N 3   
ALA O    O  N N 4   
ALA CB   C  N N 5   
ALA OXT  O  N N 6   
ALA H    H  N N 7   
ALA H2   H  N N 8   
ALA HA   H  N N 9   
ALA HB1  H  N N 10  
ALA HB2  H  N N 11  
ALA HB3  H  N N 12  
ALA HXT  H  N N 13  
ARG N    N  N N 14  
ARG CA   C  N S 15  
ARG C    C  N N 16  
ARG O    O  N N 17  
ARG CB   C  N N 18  
ARG CG   C  N N 19  
ARG CD   C  N N 20  
ARG NE   N  N N 21  
ARG CZ   C  N N 22  
ARG NH1  N  N N 23  
ARG NH2  N  N N 24  
ARG OXT  O  N N 25  
ARG H    H  N N 26  
ARG H2   H  N N 27  
ARG HA   H  N N 28  
ARG HB2  H  N N 29  
ARG HB3  H  N N 30  
ARG HG2  H  N N 31  
ARG HG3  H  N N 32  
ARG HD2  H  N N 33  
ARG HD3  H  N N 34  
ARG HE   H  N N 35  
ARG HH11 H  N N 36  
ARG HH12 H  N N 37  
ARG HH21 H  N N 38  
ARG HH22 H  N N 39  
ARG HXT  H  N N 40  
ASN N    N  N N 41  
ASN CA   C  N S 42  
ASN C    C  N N 43  
ASN O    O  N N 44  
ASN CB   C  N N 45  
ASN CG   C  N N 46  
ASN OD1  O  N N 47  
ASN ND2  N  N N 48  
ASN OXT  O  N N 49  
ASN H    H  N N 50  
ASN H2   H  N N 51  
ASN HA   H  N N 52  
ASN HB2  H  N N 53  
ASN HB3  H  N N 54  
ASN HD21 H  N N 55  
ASN HD22 H  N N 56  
ASN HXT  H  N N 57  
ASP N    N  N N 58  
ASP CA   C  N S 59  
ASP C    C  N N 60  
ASP O    O  N N 61  
ASP CB   C  N N 62  
ASP CG   C  N N 63  
ASP OD1  O  N N 64  
ASP OD2  O  N N 65  
ASP OXT  O  N N 66  
ASP H    H  N N 67  
ASP H2   H  N N 68  
ASP HA   H  N N 69  
ASP HB2  H  N N 70  
ASP HB3  H  N N 71  
ASP HD2  H  N N 72  
ASP HXT  H  N N 73  
CYS N    N  N N 74  
CYS CA   C  N R 75  
CYS C    C  N N 76  
CYS O    O  N N 77  
CYS CB   C  N N 78  
CYS SG   S  N N 79  
CYS OXT  O  N N 80  
CYS H    H  N N 81  
CYS H2   H  N N 82  
CYS HA   H  N N 83  
CYS HB2  H  N N 84  
CYS HB3  H  N N 85  
CYS HG   H  N N 86  
CYS HXT  H  N N 87  
GLN N    N  N N 88  
GLN CA   C  N S 89  
GLN C    C  N N 90  
GLN O    O  N N 91  
GLN CB   C  N N 92  
GLN CG   C  N N 93  
GLN CD   C  N N 94  
GLN OE1  O  N N 95  
GLN NE2  N  N N 96  
GLN OXT  O  N N 97  
GLN H    H  N N 98  
GLN H2   H  N N 99  
GLN HA   H  N N 100 
GLN HB2  H  N N 101 
GLN HB3  H  N N 102 
GLN HG2  H  N N 103 
GLN HG3  H  N N 104 
GLN HE21 H  N N 105 
GLN HE22 H  N N 106 
GLN HXT  H  N N 107 
GLU N    N  N N 108 
GLU CA   C  N S 109 
GLU C    C  N N 110 
GLU O    O  N N 111 
GLU CB   C  N N 112 
GLU CG   C  N N 113 
GLU CD   C  N N 114 
GLU OE1  O  N N 115 
GLU OE2  O  N N 116 
GLU OXT  O  N N 117 
GLU H    H  N N 118 
GLU H2   H  N N 119 
GLU HA   H  N N 120 
GLU HB2  H  N N 121 
GLU HB3  H  N N 122 
GLU HG2  H  N N 123 
GLU HG3  H  N N 124 
GLU HE2  H  N N 125 
GLU HXT  H  N N 126 
GLY N    N  N N 127 
GLY CA   C  N N 128 
GLY C    C  N N 129 
GLY O    O  N N 130 
GLY OXT  O  N N 131 
GLY H    H  N N 132 
GLY H2   H  N N 133 
GLY HA2  H  N N 134 
GLY HA3  H  N N 135 
GLY HXT  H  N N 136 
HIS N    N  N N 137 
HIS CA   C  N S 138 
HIS C    C  N N 139 
HIS O    O  N N 140 
HIS CB   C  N N 141 
HIS CG   C  Y N 142 
HIS ND1  N  Y N 143 
HIS CD2  C  Y N 144 
HIS CE1  C  Y N 145 
HIS NE2  N  Y N 146 
HIS OXT  O  N N 147 
HIS H    H  N N 148 
HIS H2   H  N N 149 
HIS HA   H  N N 150 
HIS HB2  H  N N 151 
HIS HB3  H  N N 152 
HIS HD1  H  N N 153 
HIS HD2  H  N N 154 
HIS HE1  H  N N 155 
HIS HE2  H  N N 156 
HIS HXT  H  N N 157 
ILE N    N  N N 158 
ILE CA   C  N S 159 
ILE C    C  N N 160 
ILE O    O  N N 161 
ILE CB   C  N S 162 
ILE CG1  C  N N 163 
ILE CG2  C  N N 164 
ILE CD1  C  N N 165 
ILE OXT  O  N N 166 
ILE H    H  N N 167 
ILE H2   H  N N 168 
ILE HA   H  N N 169 
ILE HB   H  N N 170 
ILE HG12 H  N N 171 
ILE HG13 H  N N 172 
ILE HG21 H  N N 173 
ILE HG22 H  N N 174 
ILE HG23 H  N N 175 
ILE HD11 H  N N 176 
ILE HD12 H  N N 177 
ILE HD13 H  N N 178 
ILE HXT  H  N N 179 
LEU N    N  N N 180 
LEU CA   C  N S 181 
LEU C    C  N N 182 
LEU O    O  N N 183 
LEU CB   C  N N 184 
LEU CG   C  N N 185 
LEU CD1  C  N N 186 
LEU CD2  C  N N 187 
LEU OXT  O  N N 188 
LEU H    H  N N 189 
LEU H2   H  N N 190 
LEU HA   H  N N 191 
LEU HB2  H  N N 192 
LEU HB3  H  N N 193 
LEU HG   H  N N 194 
LEU HD11 H  N N 195 
LEU HD12 H  N N 196 
LEU HD13 H  N N 197 
LEU HD21 H  N N 198 
LEU HD22 H  N N 199 
LEU HD23 H  N N 200 
LEU HXT  H  N N 201 
LYS N    N  N N 202 
LYS CA   C  N S 203 
LYS C    C  N N 204 
LYS O    O  N N 205 
LYS CB   C  N N 206 
LYS CG   C  N N 207 
LYS CD   C  N N 208 
LYS CE   C  N N 209 
LYS NZ   N  N N 210 
LYS OXT  O  N N 211 
LYS H    H  N N 212 
LYS H2   H  N N 213 
LYS HA   H  N N 214 
LYS HB2  H  N N 215 
LYS HB3  H  N N 216 
LYS HG2  H  N N 217 
LYS HG3  H  N N 218 
LYS HD2  H  N N 219 
LYS HD3  H  N N 220 
LYS HE2  H  N N 221 
LYS HE3  H  N N 222 
LYS HZ1  H  N N 223 
LYS HZ2  H  N N 224 
LYS HZ3  H  N N 225 
LYS HXT  H  N N 226 
MET N    N  N N 227 
MET CA   C  N S 228 
MET C    C  N N 229 
MET O    O  N N 230 
MET CB   C  N N 231 
MET CG   C  N N 232 
MET SD   S  N N 233 
MET CE   C  N N 234 
MET OXT  O  N N 235 
MET H    H  N N 236 
MET H2   H  N N 237 
MET HA   H  N N 238 
MET HB2  H  N N 239 
MET HB3  H  N N 240 
MET HG2  H  N N 241 
MET HG3  H  N N 242 
MET HE1  H  N N 243 
MET HE2  H  N N 244 
MET HE3  H  N N 245 
MET HXT  H  N N 246 
PHE N    N  N N 247 
PHE CA   C  N S 248 
PHE C    C  N N 249 
PHE O    O  N N 250 
PHE CB   C  N N 251 
PHE CG   C  Y N 252 
PHE CD1  C  Y N 253 
PHE CD2  C  Y N 254 
PHE CE1  C  Y N 255 
PHE CE2  C  Y N 256 
PHE CZ   C  Y N 257 
PHE OXT  O  N N 258 
PHE H    H  N N 259 
PHE H2   H  N N 260 
PHE HA   H  N N 261 
PHE HB2  H  N N 262 
PHE HB3  H  N N 263 
PHE HD1  H  N N 264 
PHE HD2  H  N N 265 
PHE HE1  H  N N 266 
PHE HE2  H  N N 267 
PHE HZ   H  N N 268 
PHE HXT  H  N N 269 
PRO N    N  N N 270 
PRO CA   C  N S 271 
PRO C    C  N N 272 
PRO O    O  N N 273 
PRO CB   C  N N 274 
PRO CG   C  N N 275 
PRO CD   C  N N 276 
PRO OXT  O  N N 277 
PRO H    H  N N 278 
PRO HA   H  N N 279 
PRO HB2  H  N N 280 
PRO HB3  H  N N 281 
PRO HG2  H  N N 282 
PRO HG3  H  N N 283 
PRO HD2  H  N N 284 
PRO HD3  H  N N 285 
PRO HXT  H  N N 286 
SER N    N  N N 287 
SER CA   C  N S 288 
SER C    C  N N 289 
SER O    O  N N 290 
SER CB   C  N N 291 
SER OG   O  N N 292 
SER OXT  O  N N 293 
SER H    H  N N 294 
SER H2   H  N N 295 
SER HA   H  N N 296 
SER HB2  H  N N 297 
SER HB3  H  N N 298 
SER HG   H  N N 299 
SER HXT  H  N N 300 
THR N    N  N N 301 
THR CA   C  N S 302 
THR C    C  N N 303 
THR O    O  N N 304 
THR CB   C  N R 305 
THR OG1  O  N N 306 
THR CG2  C  N N 307 
THR OXT  O  N N 308 
THR H    H  N N 309 
THR H2   H  N N 310 
THR HA   H  N N 311 
THR HB   H  N N 312 
THR HG1  H  N N 313 
THR HG21 H  N N 314 
THR HG22 H  N N 315 
THR HG23 H  N N 316 
THR HXT  H  N N 317 
TRP N    N  N N 318 
TRP CA   C  N S 319 
TRP C    C  N N 320 
TRP O    O  N N 321 
TRP CB   C  N N 322 
TRP CG   C  Y N 323 
TRP CD1  C  Y N 324 
TRP CD2  C  Y N 325 
TRP NE1  N  Y N 326 
TRP CE2  C  Y N 327 
TRP CE3  C  Y N 328 
TRP CZ2  C  Y N 329 
TRP CZ3  C  Y N 330 
TRP CH2  C  Y N 331 
TRP OXT  O  N N 332 
TRP H    H  N N 333 
TRP H2   H  N N 334 
TRP HA   H  N N 335 
TRP HB2  H  N N 336 
TRP HB3  H  N N 337 
TRP HD1  H  N N 338 
TRP HE1  H  N N 339 
TRP HE3  H  N N 340 
TRP HZ2  H  N N 341 
TRP HZ3  H  N N 342 
TRP HH2  H  N N 343 
TRP HXT  H  N N 344 
TYR N    N  N N 345 
TYR CA   C  N S 346 
TYR C    C  N N 347 
TYR O    O  N N 348 
TYR CB   C  N N 349 
TYR CG   C  Y N 350 
TYR CD1  C  Y N 351 
TYR CD2  C  Y N 352 
TYR CE1  C  Y N 353 
TYR CE2  C  Y N 354 
TYR CZ   C  Y N 355 
TYR OH   O  N N 356 
TYR OXT  O  N N 357 
TYR H    H  N N 358 
TYR H2   H  N N 359 
TYR HA   H  N N 360 
TYR HB2  H  N N 361 
TYR HB3  H  N N 362 
TYR HD1  H  N N 363 
TYR HD2  H  N N 364 
TYR HE1  H  N N 365 
TYR HE2  H  N N 366 
TYR HH   H  N N 367 
TYR HXT  H  N N 368 
VAL N    N  N N 369 
VAL CA   C  N S 370 
VAL C    C  N N 371 
VAL O    O  N N 372 
VAL CB   C  N N 373 
VAL CG1  C  N N 374 
VAL CG2  C  N N 375 
VAL OXT  O  N N 376 
VAL H    H  N N 377 
VAL H2   H  N N 378 
VAL HA   H  N N 379 
VAL HB   H  N N 380 
VAL HG11 H  N N 381 
VAL HG12 H  N N 382 
VAL HG13 H  N N 383 
VAL HG21 H  N N 384 
VAL HG22 H  N N 385 
VAL HG23 H  N N 386 
VAL HXT  H  N N 387 
XE  XE   XE N N 388 
# 
loop_
_chem_comp_bond.comp_id 
_chem_comp_bond.atom_id_1 
_chem_comp_bond.atom_id_2 
_chem_comp_bond.value_order 
_chem_comp_bond.pdbx_aromatic_flag 
_chem_comp_bond.pdbx_stereo_config 
_chem_comp_bond.pdbx_ordinal 
ALA N   CA   sing N N 1   
ALA N   H    sing N N 2   
ALA N   H2   sing N N 3   
ALA CA  C    sing N N 4   
ALA CA  CB   sing N N 5   
ALA CA  HA   sing N N 6   
ALA C   O    doub N N 7   
ALA C   OXT  sing N N 8   
ALA CB  HB1  sing N N 9   
ALA CB  HB2  sing N N 10  
ALA CB  HB3  sing N N 11  
ALA OXT HXT  sing N N 12  
ARG N   CA   sing N N 13  
ARG N   H    sing N N 14  
ARG N   H2   sing N N 15  
ARG CA  C    sing N N 16  
ARG CA  CB   sing N N 17  
ARG CA  HA   sing N N 18  
ARG C   O    doub N N 19  
ARG C   OXT  sing N N 20  
ARG CB  CG   sing N N 21  
ARG CB  HB2  sing N N 22  
ARG CB  HB3  sing N N 23  
ARG CG  CD   sing N N 24  
ARG CG  HG2  sing N N 25  
ARG CG  HG3  sing N N 26  
ARG CD  NE   sing N N 27  
ARG CD  HD2  sing N N 28  
ARG CD  HD3  sing N N 29  
ARG NE  CZ   sing N N 30  
ARG NE  HE   sing N N 31  
ARG CZ  NH1  sing N N 32  
ARG CZ  NH2  doub N N 33  
ARG NH1 HH11 sing N N 34  
ARG NH1 HH12 sing N N 35  
ARG NH2 HH21 sing N N 36  
ARG NH2 HH22 sing N N 37  
ARG OXT HXT  sing N N 38  
ASN N   CA   sing N N 39  
ASN N   H    sing N N 40  
ASN N   H2   sing N N 41  
ASN CA  C    sing N N 42  
ASN CA  CB   sing N N 43  
ASN CA  HA   sing N N 44  
ASN C   O    doub N N 45  
ASN C   OXT  sing N N 46  
ASN CB  CG   sing N N 47  
ASN CB  HB2  sing N N 48  
ASN CB  HB3  sing N N 49  
ASN CG  OD1  doub N N 50  
ASN CG  ND2  sing N N 51  
ASN ND2 HD21 sing N N 52  
ASN ND2 HD22 sing N N 53  
ASN OXT HXT  sing N N 54  
ASP N   CA   sing N N 55  
ASP N   H    sing N N 56  
ASP N   H2   sing N N 57  
ASP CA  C    sing N N 58  
ASP CA  CB   sing N N 59  
ASP CA  HA   sing N N 60  
ASP C   O    doub N N 61  
ASP C   OXT  sing N N 62  
ASP CB  CG   sing N N 63  
ASP CB  HB2  sing N N 64  
ASP CB  HB3  sing N N 65  
ASP CG  OD1  doub N N 66  
ASP CG  OD2  sing N N 67  
ASP OD2 HD2  sing N N 68  
ASP OXT HXT  sing N N 69  
CYS N   CA   sing N N 70  
CYS N   H    sing N N 71  
CYS N   H2   sing N N 72  
CYS CA  C    sing N N 73  
CYS CA  CB   sing N N 74  
CYS CA  HA   sing N N 75  
CYS C   O    doub N N 76  
CYS C   OXT  sing N N 77  
CYS CB  SG   sing N N 78  
CYS CB  HB2  sing N N 79  
CYS CB  HB3  sing N N 80  
CYS SG  HG   sing N N 81  
CYS OXT HXT  sing N N 82  
GLN N   CA   sing N N 83  
GLN N   H    sing N N 84  
GLN N   H2   sing N N 85  
GLN CA  C    sing N N 86  
GLN CA  CB   sing N N 87  
GLN CA  HA   sing N N 88  
GLN C   O    doub N N 89  
GLN C   OXT  sing N N 90  
GLN CB  CG   sing N N 91  
GLN CB  HB2  sing N N 92  
GLN CB  HB3  sing N N 93  
GLN CG  CD   sing N N 94  
GLN CG  HG2  sing N N 95  
GLN CG  HG3  sing N N 96  
GLN CD  OE1  doub N N 97  
GLN CD  NE2  sing N N 98  
GLN NE2 HE21 sing N N 99  
GLN NE2 HE22 sing N N 100 
GLN OXT HXT  sing N N 101 
GLU N   CA   sing N N 102 
GLU N   H    sing N N 103 
GLU N   H2   sing N N 104 
GLU CA  C    sing N N 105 
GLU CA  CB   sing N N 106 
GLU CA  HA   sing N N 107 
GLU C   O    doub N N 108 
GLU C   OXT  sing N N 109 
GLU CB  CG   sing N N 110 
GLU CB  HB2  sing N N 111 
GLU CB  HB3  sing N N 112 
GLU CG  CD   sing N N 113 
GLU CG  HG2  sing N N 114 
GLU CG  HG3  sing N N 115 
GLU CD  OE1  doub N N 116 
GLU CD  OE2  sing N N 117 
GLU OE2 HE2  sing N N 118 
GLU OXT HXT  sing N N 119 
GLY N   CA   sing N N 120 
GLY N   H    sing N N 121 
GLY N   H2   sing N N 122 
GLY CA  C    sing N N 123 
GLY CA  HA2  sing N N 124 
GLY CA  HA3  sing N N 125 
GLY C   O    doub N N 126 
GLY C   OXT  sing N N 127 
GLY OXT HXT  sing N N 128 
HIS N   CA   sing N N 129 
HIS N   H    sing N N 130 
HIS N   H2   sing N N 131 
HIS CA  C    sing N N 132 
HIS CA  CB   sing N N 133 
HIS CA  HA   sing N N 134 
HIS C   O    doub N N 135 
HIS C   OXT  sing N N 136 
HIS CB  CG   sing N N 137 
HIS CB  HB2  sing N N 138 
HIS CB  HB3  sing N N 139 
HIS CG  ND1  sing Y N 140 
HIS CG  CD2  doub Y N 141 
HIS ND1 CE1  doub Y N 142 
HIS ND1 HD1  sing N N 143 
HIS CD2 NE2  sing Y N 144 
HIS CD2 HD2  sing N N 145 
HIS CE1 NE2  sing Y N 146 
HIS CE1 HE1  sing N N 147 
HIS NE2 HE2  sing N N 148 
HIS OXT HXT  sing N N 149 
ILE N   CA   sing N N 150 
ILE N   H    sing N N 151 
ILE N   H2   sing N N 152 
ILE CA  C    sing N N 153 
ILE CA  CB   sing N N 154 
ILE CA  HA   sing N N 155 
ILE C   O    doub N N 156 
ILE C   OXT  sing N N 157 
ILE CB  CG1  sing N N 158 
ILE CB  CG2  sing N N 159 
ILE CB  HB   sing N N 160 
ILE CG1 CD1  sing N N 161 
ILE CG1 HG12 sing N N 162 
ILE CG1 HG13 sing N N 163 
ILE CG2 HG21 sing N N 164 
ILE CG2 HG22 sing N N 165 
ILE CG2 HG23 sing N N 166 
ILE CD1 HD11 sing N N 167 
ILE CD1 HD12 sing N N 168 
ILE CD1 HD13 sing N N 169 
ILE OXT HXT  sing N N 170 
LEU N   CA   sing N N 171 
LEU N   H    sing N N 172 
LEU N   H2   sing N N 173 
LEU CA  C    sing N N 174 
LEU CA  CB   sing N N 175 
LEU CA  HA   sing N N 176 
LEU C   O    doub N N 177 
LEU C   OXT  sing N N 178 
LEU CB  CG   sing N N 179 
LEU CB  HB2  sing N N 180 
LEU CB  HB3  sing N N 181 
LEU CG  CD1  sing N N 182 
LEU CG  CD2  sing N N 183 
LEU CG  HG   sing N N 184 
LEU CD1 HD11 sing N N 185 
LEU CD1 HD12 sing N N 186 
LEU CD1 HD13 sing N N 187 
LEU CD2 HD21 sing N N 188 
LEU CD2 HD22 sing N N 189 
LEU CD2 HD23 sing N N 190 
LEU OXT HXT  sing N N 191 
LYS N   CA   sing N N 192 
LYS N   H    sing N N 193 
LYS N   H2   sing N N 194 
LYS CA  C    sing N N 195 
LYS CA  CB   sing N N 196 
LYS CA  HA   sing N N 197 
LYS C   O    doub N N 198 
LYS C   OXT  sing N N 199 
LYS CB  CG   sing N N 200 
LYS CB  HB2  sing N N 201 
LYS CB  HB3  sing N N 202 
LYS CG  CD   sing N N 203 
LYS CG  HG2  sing N N 204 
LYS CG  HG3  sing N N 205 
LYS CD  CE   sing N N 206 
LYS CD  HD2  sing N N 207 
LYS CD  HD3  sing N N 208 
LYS CE  NZ   sing N N 209 
LYS CE  HE2  sing N N 210 
LYS CE  HE3  sing N N 211 
LYS NZ  HZ1  sing N N 212 
LYS NZ  HZ2  sing N N 213 
LYS NZ  HZ3  sing N N 214 
LYS OXT HXT  sing N N 215 
MET N   CA   sing N N 216 
MET N   H    sing N N 217 
MET N   H2   sing N N 218 
MET CA  C    sing N N 219 
MET CA  CB   sing N N 220 
MET CA  HA   sing N N 221 
MET C   O    doub N N 222 
MET C   OXT  sing N N 223 
MET CB  CG   sing N N 224 
MET CB  HB2  sing N N 225 
MET CB  HB3  sing N N 226 
MET CG  SD   sing N N 227 
MET CG  HG2  sing N N 228 
MET CG  HG3  sing N N 229 
MET SD  CE   sing N N 230 
MET CE  HE1  sing N N 231 
MET CE  HE2  sing N N 232 
MET CE  HE3  sing N N 233 
MET OXT HXT  sing N N 234 
PHE N   CA   sing N N 235 
PHE N   H    sing N N 236 
PHE N   H2   sing N N 237 
PHE CA  C    sing N N 238 
PHE CA  CB   sing N N 239 
PHE CA  HA   sing N N 240 
PHE C   O    doub N N 241 
PHE C   OXT  sing N N 242 
PHE CB  CG   sing N N 243 
PHE CB  HB2  sing N N 244 
PHE CB  HB3  sing N N 245 
PHE CG  CD1  doub Y N 246 
PHE CG  CD2  sing Y N 247 
PHE CD1 CE1  sing Y N 248 
PHE CD1 HD1  sing N N 249 
PHE CD2 CE2  doub Y N 250 
PHE CD2 HD2  sing N N 251 
PHE CE1 CZ   doub Y N 252 
PHE CE1 HE1  sing N N 253 
PHE CE2 CZ   sing Y N 254 
PHE CE2 HE2  sing N N 255 
PHE CZ  HZ   sing N N 256 
PHE OXT HXT  sing N N 257 
PRO N   CA   sing N N 258 
PRO N   CD   sing N N 259 
PRO N   H    sing N N 260 
PRO CA  C    sing N N 261 
PRO CA  CB   sing N N 262 
PRO CA  HA   sing N N 263 
PRO C   O    doub N N 264 
PRO C   OXT  sing N N 265 
PRO CB  CG   sing N N 266 
PRO CB  HB2  sing N N 267 
PRO CB  HB3  sing N N 268 
PRO CG  CD   sing N N 269 
PRO CG  HG2  sing N N 270 
PRO CG  HG3  sing N N 271 
PRO CD  HD2  sing N N 272 
PRO CD  HD3  sing N N 273 
PRO OXT HXT  sing N N 274 
SER N   CA   sing N N 275 
SER N   H    sing N N 276 
SER N   H2   sing N N 277 
SER CA  C    sing N N 278 
SER CA  CB   sing N N 279 
SER CA  HA   sing N N 280 
SER C   O    doub N N 281 
SER C   OXT  sing N N 282 
SER CB  OG   sing N N 283 
SER CB  HB2  sing N N 284 
SER CB  HB3  sing N N 285 
SER OG  HG   sing N N 286 
SER OXT HXT  sing N N 287 
THR N   CA   sing N N 288 
THR N   H    sing N N 289 
THR N   H2   sing N N 290 
THR CA  C    sing N N 291 
THR CA  CB   sing N N 292 
THR CA  HA   sing N N 293 
THR C   O    doub N N 294 
THR C   OXT  sing N N 295 
THR CB  OG1  sing N N 296 
THR CB  CG2  sing N N 297 
THR CB  HB   sing N N 298 
THR OG1 HG1  sing N N 299 
THR CG2 HG21 sing N N 300 
THR CG2 HG22 sing N N 301 
THR CG2 HG23 sing N N 302 
THR OXT HXT  sing N N 303 
TRP N   CA   sing N N 304 
TRP N   H    sing N N 305 
TRP N   H2   sing N N 306 
TRP CA  C    sing N N 307 
TRP CA  CB   sing N N 308 
TRP CA  HA   sing N N 309 
TRP C   O    doub N N 310 
TRP C   OXT  sing N N 311 
TRP CB  CG   sing N N 312 
TRP CB  HB2  sing N N 313 
TRP CB  HB3  sing N N 314 
TRP CG  CD1  doub Y N 315 
TRP CG  CD2  sing Y N 316 
TRP CD1 NE1  sing Y N 317 
TRP CD1 HD1  sing N N 318 
TRP CD2 CE2  doub Y N 319 
TRP CD2 CE3  sing Y N 320 
TRP NE1 CE2  sing Y N 321 
TRP NE1 HE1  sing N N 322 
TRP CE2 CZ2  sing Y N 323 
TRP CE3 CZ3  doub Y N 324 
TRP CE3 HE3  sing N N 325 
TRP CZ2 CH2  doub Y N 326 
TRP CZ2 HZ2  sing N N 327 
TRP CZ3 CH2  sing Y N 328 
TRP CZ3 HZ3  sing N N 329 
TRP CH2 HH2  sing N N 330 
TRP OXT HXT  sing N N 331 
TYR N   CA   sing N N 332 
TYR N   H    sing N N 333 
TYR N   H2   sing N N 334 
TYR CA  C    sing N N 335 
TYR CA  CB   sing N N 336 
TYR CA  HA   sing N N 337 
TYR C   O    doub N N 338 
TYR C   OXT  sing N N 339 
TYR CB  CG   sing N N 340 
TYR CB  HB2  sing N N 341 
TYR CB  HB3  sing N N 342 
TYR CG  CD1  doub Y N 343 
TYR CG  CD2  sing Y N 344 
TYR CD1 CE1  sing Y N 345 
TYR CD1 HD1  sing N N 346 
TYR CD2 CE2  doub Y N 347 
TYR CD2 HD2  sing N N 348 
TYR CE1 CZ   doub Y N 349 
TYR CE1 HE1  sing N N 350 
TYR CE2 CZ   sing Y N 351 
TYR CE2 HE2  sing N N 352 
TYR CZ  OH   sing N N 353 
TYR OH  HH   sing N N 354 
TYR OXT HXT  sing N N 355 
VAL N   CA   sing N N 356 
VAL N   H    sing N N 357 
VAL N   H2   sing N N 358 
VAL CA  C    sing N N 359 
VAL CA  CB   sing N N 360 
VAL CA  HA   sing N N 361 
VAL C   O    doub N N 362 
VAL C   OXT  sing N N 363 
VAL CB  CG1  sing N N 364 
VAL CB  CG2  sing N N 365 
VAL CB  HB   sing N N 366 
VAL CG1 HG11 sing N N 367 
VAL CG1 HG12 sing N N 368 
VAL CG1 HG13 sing N N 369 
VAL CG2 HG21 sing N N 370 
VAL CG2 HG22 sing N N 371 
VAL CG2 HG23 sing N N 372 
VAL OXT HXT  sing N N 373 
# 
_pdbx_audit_support.funding_organization   'National Research Foundation (Korea)' 
_pdbx_audit_support.country                'Korea, Republic Of' 
_pdbx_audit_support.grant_number           2019R1F1A1059170 
_pdbx_audit_support.ordinal                1 
# 
_atom_sites.entry_id                    6L9X 
_atom_sites.Cartn_transf_matrix[1][1]   ? 
_atom_sites.Cartn_transf_matrix[1][2]   ? 
_atom_sites.Cartn_transf_matrix[1][3]   ? 
_atom_sites.Cartn_transf_matrix[2][1]   ? 
_atom_sites.Cartn_transf_matrix[2][2]   ? 
_atom_sites.Cartn_transf_matrix[2][3]   ? 
_atom_sites.Cartn_transf_matrix[3][1]   ? 
_atom_sites.Cartn_transf_matrix[3][2]   ? 
_atom_sites.Cartn_transf_matrix[3][3]   ? 
_atom_sites.Cartn_transf_vector[1]      ? 
_atom_sites.Cartn_transf_vector[2]      ? 
_atom_sites.Cartn_transf_vector[3]      ? 
_atom_sites.fract_transf_matrix[1][1]   0.01237129 
_atom_sites.fract_transf_matrix[1][2]   0.01389870 
_atom_sites.fract_transf_matrix[1][3]   -0.00261178 
_atom_sites.fract_transf_matrix[2][1]   0.01555394 
_atom_sites.fract_transf_matrix[2][2]   -0.00304049 
_atom_sites.fract_transf_matrix[2][3]   -0.01009242 
_atom_sites.fract_transf_matrix[3][1]   -0.00207290 
_atom_sites.fract_transf_matrix[3][2]   0.00117808 
_atom_sites.fract_transf_matrix[3][3]   -0.00354956 
_atom_sites.fract_transf_vector[1]      0.617801 
_atom_sites.fract_transf_vector[2]      1.069155 
_atom_sites.fract_transf_vector[3]      0.121184 
_atom_sites.solution_primary            ? 
_atom_sites.solution_secondary          ? 
_atom_sites.solution_hydrogens          ? 
_atom_sites.special_details             ? 
# 
loop_
_atom_type.symbol 
C  
N  
O  
S  
XE 
# 
loop_
_atom_site.group_PDB 
_atom_site.id 
_atom_site.type_symbol 
_atom_site.label_atom_id 
_atom_site.label_alt_id 
_atom_site.label_comp_id 
_atom_site.label_asym_id 
_atom_site.label_entity_id 
_atom_site.label_seq_id 
_atom_site.pdbx_PDB_ins_code 
_atom_site.Cartn_x 
_atom_site.Cartn_y 
_atom_site.Cartn_z 
_atom_site.occupancy 
_atom_site.B_iso_or_equiv 
_atom_site.pdbx_formal_charge 
_atom_site.auth_seq_id 
_atom_site.auth_comp_id 
_atom_site.auth_asym_id 
_atom_site.auth_atom_id 
_atom_site.pdbx_PDB_model_num 
ATOM   1    N  N   . HIS A 1 10  ? 7.748   4.293   28.395  1.00 89.41  ? 34  HIS A N   1 
ATOM   2    C  CA  . HIS A 1 10  ? 6.519   3.476   28.685  1.00 98.62  ? 34  HIS A CA  1 
ATOM   3    C  C   . HIS A 1 10  ? 5.960   2.835   27.398  1.00 93.89  ? 34  HIS A C   1 
ATOM   4    O  O   . HIS A 1 10  ? 5.241   3.466   26.616  1.00 96.82  ? 34  HIS A O   1 
ATOM   5    C  CB  . HIS A 1 10  ? 5.440   4.316   29.411  1.00 100.58 ? 34  HIS A CB  1 
ATOM   6    C  CG  . HIS A 1 10  ? 4.890   3.667   30.650  1.00 106.75 ? 34  HIS A CG  1 
ATOM   7    N  ND1 . HIS A 1 10  ? 3.564   3.312   30.789  1.00 108.23 ? 34  HIS A ND1 1 
ATOM   8    C  CD2 . HIS A 1 10  ? 5.489   3.321   31.817  1.00 108.73 ? 34  HIS A CD2 1 
ATOM   9    C  CE1 . HIS A 1 10  ? 3.370   2.772   31.981  1.00 103.54 ? 34  HIS A CE1 1 
ATOM   10   N  NE2 . HIS A 1 10  ? 4.523   2.765   32.624  1.00 107.07 ? 34  HIS A NE2 1 
ATOM   11   N  N   . HIS A 1 11  ? 6.364   1.589   27.185  1.00 81.82  ? 35  HIS A N   1 
ATOM   12   C  CA  . HIS A 1 11  ? 5.774   0.674   26.227  1.00 81.26  ? 35  HIS A CA  1 
ATOM   13   C  C   . HIS A 1 11  ? 4.247   0.849   26.078  1.00 79.91  ? 35  HIS A C   1 
ATOM   14   O  O   . HIS A 1 11  ? 3.498   0.576   27.011  1.00 80.56  ? 35  HIS A O   1 
ATOM   15   C  CB  . HIS A 1 11  ? 6.075   -0.736  26.723  1.00 88.90  ? 35  HIS A CB  1 
ATOM   16   C  CG  . HIS A 1 11  ? 5.663   -1.822  25.784  1.00 99.67  ? 35  HIS A CG  1 
ATOM   17   N  ND1 . HIS A 1 11  ? 6.551   -2.763  25.313  1.00 109.31 ? 35  HIS A ND1 1 
ATOM   18   C  CD2 . HIS A 1 11  ? 4.458   -2.143  25.257  1.00 103.93 ? 35  HIS A CD2 1 
ATOM   19   C  CE1 . HIS A 1 11  ? 5.913   -3.613  24.527  1.00 116.28 ? 35  HIS A CE1 1 
ATOM   20   N  NE2 . HIS A 1 11  ? 4.642   -3.256  24.474  1.00 114.28 ? 35  HIS A NE2 1 
ATOM   21   N  N   . PRO A 1 12  ? 3.775   1.273   24.890  1.00 78.05  ? 36  PRO A N   1 
ATOM   22   C  CA  . PRO A 1 12  ? 2.344   1.494   24.646  1.00 71.62  ? 36  PRO A CA  1 
ATOM   23   C  C   . PRO A 1 12  ? 1.488   0.243   24.784  1.00 71.89  ? 36  PRO A C   1 
ATOM   24   O  O   . PRO A 1 12  ? 1.838   -0.793  24.222  1.00 74.48  ? 36  PRO A O   1 
ATOM   25   C  CB  . PRO A 1 12  ? 2.302   1.956   23.186  1.00 70.80  ? 36  PRO A CB  1 
ATOM   26   C  CG  . PRO A 1 12  ? 3.667   2.445   22.879  1.00 72.77  ? 36  PRO A CG  1 
ATOM   27   C  CD  . PRO A 1 12  ? 4.586   1.596   23.698  1.00 78.76  ? 36  PRO A CD  1 
ATOM   28   N  N   . VAL A 1 13  ? 0.360   0.348   25.492  1.00 70.68  ? 37  VAL A N   1 
ATOM   29   C  CA  . VAL A 1 13  ? -0.519  -0.811  25.679  1.00 72.26  ? 37  VAL A CA  1 
ATOM   30   C  C   . VAL A 1 13  ? -1.245  -1.195  24.382  1.00 70.04  ? 37  VAL A C   1 
ATOM   31   O  O   . VAL A 1 13  ? -1.596  -2.370  24.192  1.00 65.94  ? 37  VAL A O   1 
ATOM   32   C  CB  . VAL A 1 13  ? -1.530  -0.621  26.830  1.00 73.91  ? 37  VAL A CB  1 
ATOM   33   C  CG1 . VAL A 1 13  ? -0.801  -0.237  28.103  1.00 77.41  ? 37  VAL A CG1 1 
ATOM   34   C  CG2 . VAL A 1 13  ? -2.586  0.417   26.479  1.00 77.22  ? 37  VAL A CG2 1 
ATOM   35   N  N   . THR A 1 14  ? -1.490  -0.214  23.511  1.00 64.52  ? 38  THR A N   1 
ATOM   36   C  CA  . THR A 1 14  ? -1.926  -0.507  22.136  1.00 70.05  ? 38  THR A CA  1 
ATOM   37   C  C   . THR A 1 14  ? -1.365  0.483   21.119  1.00 67.10  ? 38  THR A C   1 
ATOM   38   O  O   . THR A 1 14  ? -0.951  1.600   21.459  1.00 58.95  ? 38  THR A O   1 
ATOM   39   C  CB  . THR A 1 14  ? -3.465  -0.525  21.940  1.00 74.63  ? 38  THR A CB  1 
ATOM   40   O  OG1 . THR A 1 14  ? -4.027  0.727   22.357  1.00 64.39  ? 38  THR A OG1 1 
ATOM   41   C  CG2 . THR A 1 14  ? -4.110  -1.729  22.672  1.00 73.87  ? 38  THR A CG2 1 
ATOM   42   N  N   . PRO A 1 15  ? -1.333  0.053   19.858  1.00 63.65  ? 39  PRO A N   1 
ATOM   43   C  CA  . PRO A 1 15  ? -0.836  0.940   18.830  1.00 64.45  ? 39  PRO A CA  1 
ATOM   44   C  C   . PRO A 1 15  ? -1.868  2.012   18.522  1.00 65.40  ? 39  PRO A C   1 
ATOM   45   O  O   . PRO A 1 15  ? -3.071  1.758   18.681  1.00 67.92  ? 39  PRO A O   1 
ATOM   46   C  CB  . PRO A 1 15  ? -0.629  0.009   17.625  1.00 68.54  ? 39  PRO A CB  1 
ATOM   47   C  CG  . PRO A 1 15  ? -1.396  -1.240  17.923  1.00 66.53  ? 39  PRO A CG  1 
ATOM   48   C  CD  . PRO A 1 15  ? -1.463  -1.346  19.407  1.00 63.74  ? 39  PRO A CD  1 
ATOM   49   N  N   . CYS A 1 16  ? -1.383  3.190   18.120  1.00 64.95  ? 40  CYS A N   1 
ATOM   50   C  CA  . CYS A 1 16  ? -2.222  4.269   17.634  1.00 73.99  ? 40  CYS A CA  1 
ATOM   51   C  C   . CYS A 1 16  ? -3.093  3.714   16.515  1.00 78.60  ? 40  CYS A C   1 
ATOM   52   O  O   . CYS A 1 16  ? -2.809  2.637   15.983  1.00 81.21  ? 40  CYS A O   1 
ATOM   53   C  CB  . CYS A 1 16  ? -1.381  5.463   17.106  1.00 81.57  ? 40  CYS A CB  1 
ATOM   54   S  SG  . CYS A 1 16  ? -0.033  5.124   15.895  1.00 92.74  ? 40  CYS A SG  1 
ATOM   55   N  N   . GLU A 1 17  ? -4.151  4.439   16.158  1.00 75.82  ? 41  GLU A N   1 
ATOM   56   C  CA  . GLU A 1 17  ? -5.060  3.977   15.120  1.00 68.00  ? 41  GLU A CA  1 
ATOM   57   C  C   . GLU A 1 17  ? -4.822  4.814   13.861  1.00 58.76  ? 41  GLU A C   1 
ATOM   58   O  O   . GLU A 1 17  ? -5.014  6.022   13.843  1.00 52.58  ? 41  GLU A O   1 
ATOM   59   C  CB  . GLU A 1 17  ? -6.528  3.976   15.604  1.00 67.28  ? 41  GLU A CB  1 
ATOM   60   C  CG  . GLU A 1 17  ? -6.915  2.860   16.607  1.00 71.84  ? 41  GLU A CG  1 
ATOM   61   C  CD  . GLU A 1 17  ? -6.395  1.426   16.303  1.00 80.88  ? 41  GLU A CD  1 
ATOM   62   O  OE1 . GLU A 1 17  ? -6.810  0.765   15.309  1.00 80.11  ? 41  GLU A OE1 1 
ATOM   63   O  OE2 . GLU A 1 17  ? -5.579  0.917   17.113  1.00 90.10  ? 41  GLU A OE2 1 
ATOM   64   N  N   . ALA A 1 18  ? -4.349  4.136   12.820  1.00 59.61  ? 42  ALA A N   1 
ATOM   65   C  CA  . ALA A 1 18  ? -3.974  4.767   11.550  1.00 56.46  ? 42  ALA A CA  1 
ATOM   66   C  C   . ALA A 1 18  ? -5.200  5.326   10.814  1.00 53.28  ? 42  ALA A C   1 
ATOM   67   O  O   . ALA A 1 18  ? -6.318  4.807   10.990  1.00 45.88  ? 42  ALA A O   1 
ATOM   68   C  CB  . ALA A 1 18  ? -3.274  3.745   10.664  1.00 56.27  ? 42  ALA A CB  1 
ATOM   69   N  N   . PRO A 1 19  ? -4.989  6.368   9.980   1.00 50.81  ? 43  PRO A N   1 
ATOM   70   C  CA  . PRO A 1 19  ? -6.061  6.975   9.201   1.00 51.19  ? 43  PRO A CA  1 
ATOM   71   C  C   . PRO A 1 19  ? -6.728  5.995   8.265   1.00 55.93  ? 43  PRO A C   1 
ATOM   72   O  O   . PRO A 1 19  ? -6.062  5.124   7.695   1.00 61.67  ? 43  PRO A O   1 
ATOM   73   C  CB  . PRO A 1 19  ? -5.372  8.083   8.390   1.00 47.77  ? 43  PRO A CB  1 
ATOM   74   C  CG  . PRO A 1 19  ? -3.934  7.958   8.638   1.00 49.93  ? 43  PRO A CG  1 
ATOM   75   C  CD  . PRO A 1 19  ? -3.739  7.137   9.876   1.00 53.24  ? 43  PRO A CD  1 
ATOM   76   N  N   . LEU A 1 20  ? -8.041  6.167   8.114   1.00 58.81  ? 44  LEU A N   1 
ATOM   77   C  CA  . LEU A 1 20  ? -8.873  5.257   7.347   1.00 58.45  ? 44  LEU A CA  1 
ATOM   78   C  C   . LEU A 1 20  ? -8.993  5.676   5.888   1.00 56.87  ? 44  LEU A C   1 
ATOM   79   O  O   . LEU A 1 20  ? -9.305  4.862   5.016   1.00 55.92  ? 44  LEU A O   1 
ATOM   80   C  CB  . LEU A 1 20  ? -10.244 5.223   7.966   1.00 59.30  ? 44  LEU A CB  1 
ATOM   81   C  CG  . LEU A 1 20  ? -10.229 4.796   9.430   1.00 62.47  ? 44  LEU A CG  1 
ATOM   82   C  CD1 . LEU A 1 20  ? -11.263 5.618   10.199  1.00 62.43  ? 44  LEU A CD1 1 
ATOM   83   C  CD2 . LEU A 1 20  ? -10.459 3.286   9.538   1.00 58.52  ? 44  LEU A CD2 1 
ATOM   84   N  N   . GLN A 1 21  ? -8.750  6.943   5.623   1.00 53.14  ? 45  GLN A N   1 
ATOM   85   C  CA  . GLN A 1 21  ? -8.869  7.449   4.280   1.00 57.31  ? 45  GLN A CA  1 
ATOM   86   C  C   . GLN A 1 21  ? -7.790  8.460   3.977   1.00 58.71  ? 45  GLN A C   1 
ATOM   87   O  O   . GLN A 1 21  ? -7.636  9.453   4.709   1.00 55.92  ? 45  GLN A O   1 
ATOM   88   C  CB  . GLN A 1 21  ? -10.206 8.142   4.119   1.00 60.48  ? 45  GLN A CB  1 
ATOM   89   C  CG  . GLN A 1 21  ? -11.372 7.226   4.408   1.00 63.07  ? 45  GLN A CG  1 
ATOM   90   C  CD  . GLN A 1 21  ? -12.627 7.712   3.739   1.00 61.43  ? 45  GLN A CD  1 
ATOM   91   O  OE1 . GLN A 1 21  ? -13.025 8.863   3.928   1.00 64.14  ? 45  GLN A OE1 1 
ATOM   92   N  NE2 . GLN A 1 21  ? -13.251 6.849   2.938   1.00 55.87  ? 45  GLN A NE2 1 
ATOM   93   N  N   . TRP A 1 22  ? -7.068  8.230   2.887   1.00 55.01  ? 46  TRP A N   1 
ATOM   94   C  CA  . TRP A 1 22  ? -6.122  9.219   2.431   1.00 53.22  ? 46  TRP A CA  1 
ATOM   95   C  C   . TRP A 1 22  ? -5.758  9.013   0.977   1.00 52.71  ? 46  TRP A C   1 
ATOM   96   O  O   . TRP A 1 22  ? -5.988  7.946   0.398   1.00 44.41  ? 46  TRP A O   1 
ATOM   97   C  CB  . TRP A 1 22  ? -4.869  9.197   3.312   1.00 54.37  ? 46  TRP A CB  1 
ATOM   98   C  CG  . TRP A 1 22  ? -4.279  7.823   3.548   1.00 54.56  ? 46  TRP A CG  1 
ATOM   99   C  CD1 . TRP A 1 22  ? -4.466  7.031   4.630   1.00 55.24  ? 46  TRP A CD1 1 
ATOM   100  C  CD2 . TRP A 1 22  ? -3.409  7.098   2.667   1.00 56.88  ? 46  TRP A CD2 1 
ATOM   101  N  NE1 . TRP A 1 22  ? -3.771  5.854   4.487   1.00 54.65  ? 46  TRP A NE1 1 
ATOM   102  C  CE2 . TRP A 1 22  ? -3.113  5.874   3.289   1.00 53.41  ? 46  TRP A CE2 1 
ATOM   103  C  CE3 . TRP A 1 22  ? -2.865  7.364   1.399   1.00 59.67  ? 46  TRP A CE3 1 
ATOM   104  C  CZ2 . TRP A 1 22  ? -2.298  4.918   2.697   1.00 53.60  ? 46  TRP A CZ2 1 
ATOM   105  C  CZ3 . TRP A 1 22  ? -2.048  6.410   0.810   1.00 55.51  ? 46  TRP A CZ3 1 
ATOM   106  C  CH2 . TRP A 1 22  ? -1.776  5.205   1.461   1.00 54.10  ? 46  TRP A CH2 1 
ATOM   107  N  N   . GLU A 1 23  ? -5.189  10.072  0.417   1.00 58.10  ? 47  GLU A N   1 
ATOM   108  C  CA  . GLU A 1 23  ? -4.618  10.085  -0.917  1.00 61.33  ? 47  GLU A CA  1 
ATOM   109  C  C   . GLU A 1 23  ? -3.140  10.350  -0.752  1.00 60.20  ? 47  GLU A C   1 
ATOM   110  O  O   . GLU A 1 23  ? -2.741  11.318  -0.105  1.00 58.10  ? 47  GLU A O   1 
ATOM   111  C  CB  . GLU A 1 23  ? -5.247  11.187  -1.750  1.00 64.12  ? 47  GLU A CB  1 
ATOM   112  C  CG  . GLU A 1 23  ? -6.682  10.881  -2.157  1.00 73.53  ? 47  GLU A CG  1 
ATOM   113  C  CD  . GLU A 1 23  ? -7.495  12.125  -2.481  1.00 80.23  ? 47  GLU A CD  1 
ATOM   114  O  OE1 . GLU A 1 23  ? -7.444  13.099  -1.689  1.00 89.90  ? 47  GLU A OE1 1 
ATOM   115  O  OE2 . GLU A 1 23  ? -8.211  12.125  -3.508  1.00 77.78  ? 47  GLU A OE2 1 
ATOM   116  N  N   . GLY A 1 24  ? -2.318  9.472   -1.306  1.00 60.22  ? 48  GLY A N   1 
ATOM   117  C  CA  . GLY A 1 24  ? -0.879  9.622   -1.166  1.00 64.33  ? 48  GLY A CA  1 
ATOM   118  C  C   . GLY A 1 24  ? -0.149  8.963   -2.304  1.00 61.04  ? 48  GLY A C   1 
ATOM   119  O  O   . GLY A 1 24  ? -0.748  8.679   -3.337  1.00 64.72  ? 48  GLY A O   1 
ATOM   120  N  N   . ARG A 1 25  ? 1.142   8.717   -2.108  1.00 55.64  ? 49  ARG A N   1 
ATOM   121  C  CA  . ARG A 1 25  ? 1.991   8.144   -3.139  1.00 52.88  ? 49  ARG A CA  1 
ATOM   122  C  C   . ARG A 1 25  ? 2.905   7.178   -2.466  1.00 50.31  ? 49  ARG A C   1 
ATOM   123  O  O   . ARG A 1 25  ? 3.253   7.383   -1.325  1.00 48.35  ? 49  ARG A O   1 
ATOM   124  C  CB  . ARG A 1 25  ? 2.816   9.234   -3.821  1.00 53.79  ? 49  ARG A CB  1 
ATOM   125  C  CG  . ARG A 1 25  ? 1.952   10.262  -4.536  1.00 58.24  ? 49  ARG A CG  1 
ATOM   126  C  CD  . ARG A 1 25  ? 2.706   11.497  -4.979  1.00 58.97  ? 49  ARG A CD  1 
ATOM   127  N  NE  . ARG A 1 25  ? 3.804   11.176  -5.895  1.00 63.33  ? 49  ARG A NE  1 
ATOM   128  C  CZ  . ARG A 1 25  ? 5.076   11.533  -5.716  1.00 64.17  ? 49  ARG A CZ  1 
ATOM   129  N  NH1 . ARG A 1 25  ? 5.444   12.241  -4.647  1.00 65.35  ? 49  ARG A NH1 1 
ATOM   130  N  NH2 . ARG A 1 25  ? 5.989   11.194  -6.621  1.00 62.66  ? 49  ARG A NH2 1 
ATOM   131  N  N   . ILE A 1 26  ? 3.297   6.125   -3.169  1.00 52.06  ? 50  ILE A N   1 
ATOM   132  C  CA  . ILE A 1 26  ? 4.183   5.137   -2.596  1.00 54.14  ? 50  ILE A CA  1 
ATOM   133  C  C   . ILE A 1 26  ? 5.233   4.676   -3.581  1.00 53.64  ? 50  ILE A C   1 
ATOM   134  O  O   . ILE A 1 26  ? 5.205   5.034   -4.754  1.00 56.35  ? 50  ILE A O   1 
ATOM   135  C  CB  . ILE A 1 26  ? 3.412   3.899   -2.097  1.00 56.74  ? 50  ILE A CB  1 
ATOM   136  C  CG1 . ILE A 1 26  ? 2.760   3.155   -3.266  1.00 59.85  ? 50  ILE A CG1 1 
ATOM   137  C  CG2 . ILE A 1 26  ? 2.354   4.297   -1.082  1.00 55.32  ? 50  ILE A CG2 1 
ATOM   138  C  CD1 . ILE A 1 26  ? 2.099   1.858   -2.841  1.00 61.60  ? 50  ILE A CD1 1 
ATOM   139  N  N   . VAL A 1 27  ? 6.166   3.885   -3.069  1.00 52.62  ? 51  VAL A N   1 
ATOM   140  C  CA  . VAL A 1 27  ? 7.063   3.112   -3.889  1.00 50.50  ? 51  VAL A CA  1 
ATOM   141  C  C   . VAL A 1 27  ? 7.078   1.734   -3.302  1.00 50.34  ? 51  VAL A C   1 
ATOM   142  O  O   . VAL A 1 27  ? 7.467   1.563   -2.148  1.00 52.81  ? 51  VAL A O   1 
ATOM   143  C  CB  . VAL A 1 27  ? 8.492   3.652   -3.866  1.00 51.50  ? 51  VAL A CB  1 
ATOM   144  C  CG1 . VAL A 1 27  ? 9.343   2.914   -4.886  1.00 52.31  ? 51  VAL A CG1 1 
ATOM   145  C  CG2 . VAL A 1 27  ? 8.491   5.143   -4.146  1.00 53.23  ? 51  VAL A CG2 1 
ATOM   146  N  N   . LEU A 1 28  ? 6.662   0.762   -4.101  1.00 51.16  ? 52  LEU A N   1 
ATOM   147  C  CA  . LEU A 1 28  ? 6.615   -0.623  -3.680  1.00 58.20  ? 52  LEU A CA  1 
ATOM   148  C  C   . LEU A 1 28  ? 7.825   -1.346  -4.242  1.00 58.34  ? 52  LEU A C   1 
ATOM   149  O  O   . LEU A 1 28  ? 7.992   -1.405  -5.449  1.00 64.77  ? 52  LEU A O   1 
ATOM   150  C  CB  . LEU A 1 28  ? 5.324   -1.239  -4.192  1.00 66.40  ? 52  LEU A CB  1 
ATOM   151  C  CG  . LEU A 1 28  ? 5.121   -2.749  -4.117  1.00 76.11  ? 52  LEU A CG  1 
ATOM   152  C  CD1 . LEU A 1 28  ? 5.774   -3.393  -2.901  1.00 80.79  ? 52  LEU A CD1 1 
ATOM   153  C  CD2 . LEU A 1 28  ? 3.621   -3.017  -4.146  1.00 78.29  ? 52  LEU A CD2 1 
ATOM   154  N  N   . TYR A 1 29  ? 8.684   -1.866  -3.374  1.00 56.85  ? 53  TYR A N   1 
ATOM   155  C  CA  . TYR A 1 29  ? 9.894   -2.550  -3.816  1.00 57.98  ? 53  TYR A CA  1 
ATOM   156  C  C   . TYR A 1 29  ? 9.725   -4.056  -3.703  1.00 63.76  ? 53  TYR A C   1 
ATOM   157  O  O   . TYR A 1 29  ? 9.816   -4.609  -2.620  1.00 61.15  ? 53  TYR A O   1 
ATOM   158  C  CB  . TYR A 1 29  ? 11.112  -2.123  -2.999  1.00 56.44  ? 53  TYR A CB  1 
ATOM   159  C  CG  . TYR A 1 29  ? 12.322  -2.942  -3.294  1.00 64.23  ? 53  TYR A CG  1 
ATOM   160  C  CD1 . TYR A 1 29  ? 12.424  -3.628  -4.492  1.00 80.34  ? 53  TYR A CD1 1 
ATOM   161  C  CD2 . TYR A 1 29  ? 13.373  -3.043  -2.395  1.00 71.61  ? 53  TYR A CD2 1 
ATOM   162  C  CE1 . TYR A 1 29  ? 13.510  -4.417  -4.787  1.00 88.13  ? 53  TYR A CE1 1 
ATOM   163  C  CE2 . TYR A 1 29  ? 14.492  -3.816  -2.693  1.00 75.19  ? 53  TYR A CE2 1 
ATOM   164  C  CZ  . TYR A 1 29  ? 14.540  -4.509  -3.903  1.00 88.26  ? 53  TYR A CZ  1 
ATOM   165  O  OH  . TYR A 1 29  ? 15.592  -5.310  -4.301  1.00 99.33  ? 53  TYR A OH  1 
ATOM   166  N  N   . ASP A 1 30  ? 9.511   -4.721  -4.832  1.00 68.81  ? 54  ASP A N   1 
ATOM   167  C  CA  . ASP A 1 30  ? 9.319   -6.163  -4.832  1.00 78.11  ? 54  ASP A CA  1 
ATOM   168  C  C   . ASP A 1 30  ? 10.665  -6.837  -4.960  1.00 79.21  ? 54  ASP A C   1 
ATOM   169  O  O   . ASP A 1 30  ? 11.343  -6.614  -5.956  1.00 94.25  ? 54  ASP A O   1 
ATOM   170  C  CB  . ASP A 1 30  ? 8.419   -6.566  -6.002  1.00 82.80  ? 54  ASP A CB  1 
ATOM   171  C  CG  . ASP A 1 30  ? 8.555   -8.029  -6.369  1.00 89.99  ? 54  ASP A CG  1 
ATOM   172  O  OD1 . ASP A 1 30  ? 8.897   -8.856  -5.491  1.00 86.13  ? 54  ASP A OD1 1 
ATOM   173  O  OD2 . ASP A 1 30  ? 8.322   -8.349  -7.552  1.00 104.16 ? 54  ASP A OD2 1 
ATOM   174  N  N   . HIS A 1 31  ? 11.056  -7.674  -3.994  1.00 72.45  ? 55  HIS A N   1 
ATOM   175  C  CA  . HIS A 1 31  ? 12.376  -8.309  -4.084  1.00 75.49  ? 55  HIS A CA  1 
ATOM   176  C  C   . HIS A 1 31  ? 12.494  -9.477  -5.054  1.00 75.34  ? 55  HIS A C   1 
ATOM   177  O  O   . HIS A 1 31  ? 13.503  -9.626  -5.758  1.00 68.24  ? 55  HIS A O   1 
ATOM   178  C  CB  . HIS A 1 31  ? 12.896  -8.813  -2.771  1.00 75.04  ? 55  HIS A CB  1 
ATOM   179  C  CG  . HIS A 1 31  ? 14.291  -9.341  -2.895  1.00 85.78  ? 55  HIS A CG  1 
ATOM   180  N  ND1 . HIS A 1 31  ? 14.572  -10.677 -3.089  1.00 96.89  ? 55  HIS A ND1 1 
ATOM   181  C  CD2 . HIS A 1 31  ? 15.481  -8.697  -2.946  1.00 89.76  ? 55  HIS A CD2 1 
ATOM   182  C  CE1 . HIS A 1 31  ? 15.881  -10.844 -3.196  1.00 88.84  ? 55  HIS A CE1 1 
ATOM   183  N  NE2 . HIS A 1 31  ? 16.455  -9.658  -3.107  1.00 98.92  ? 55  HIS A NE2 1 
ATOM   184  N  N   . ASN A 1 32  ? 11.495  -10.336 -5.069  1.00 84.99  ? 56  ASN A N   1 
ATOM   185  C  CA  . ASN A 1 32  ? 11.445  -11.371 -6.082  1.00 95.87  ? 56  ASN A CA  1 
ATOM   186  C  C   . ASN A 1 32  ? 12.145  -10.908 -7.372  1.00 96.56  ? 56  ASN A C   1 
ATOM   187  O  O   . ASN A 1 32  ? 13.039  -11.581 -7.874  1.00 109.74 ? 56  ASN A O   1 
ATOM   188  C  CB  . ASN A 1 32  ? 9.994   -11.734 -6.381  1.00 103.30 ? 56  ASN A CB  1 
ATOM   189  C  CG  . ASN A 1 32  ? 9.873   -13.033 -7.135  1.00 106.75 ? 56  ASN A CG  1 
ATOM   190  O  OD1 . ASN A 1 32  ? 10.163  -14.096 -6.592  1.00 107.01 ? 56  ASN A OD1 1 
ATOM   191  N  ND2 . ASN A 1 32  ? 9.455   -12.959 -8.393  1.00 114.04 ? 56  ASN A ND2 1 
ATOM   192  N  N   . THR A 1 33  ? 11.764  -9.727  -7.856  1.00 90.12  ? 57  THR A N   1 
ATOM   193  C  CA  . THR A 1 33  ? 12.186  -9.205  -9.151  1.00 73.95  ? 57  THR A CA  1 
ATOM   194  C  C   . THR A 1 33  ? 13.217  -8.079  -9.091  1.00 73.92  ? 57  THR A C   1 
ATOM   195  O  O   . THR A 1 33  ? 13.838  -7.790  -10.097 1.00 83.04  ? 57  THR A O   1 
ATOM   196  C  CB  . THR A 1 33  ? 10.977  -8.603  -9.872  1.00 78.10  ? 57  THR A CB  1 
ATOM   197  O  OG1 . THR A 1 33  ? 10.653  -7.344  -9.261  1.00 71.92  ? 57  THR A OG1 1 
ATOM   198  C  CG2 . THR A 1 33  ? 9.735   -9.565  -9.821  1.00 76.48  ? 57  THR A CG2 1 
ATOM   199  N  N   . GLY A 1 34  ? 13.379  -7.411  -7.949  1.00 73.56  ? 58  GLY A N   1 
ATOM   200  C  CA  . GLY A 1 34  ? 14.276  -6.234  -7.851  1.00 70.98  ? 58  GLY A CA  1 
ATOM   201  C  C   . GLY A 1 34  ? 13.664  -4.902  -8.339  1.00 69.66  ? 58  GLY A C   1 
ATOM   202  O  O   . GLY A 1 34  ? 14.334  -3.861  -8.350  1.00 63.51  ? 58  GLY A O   1 
ATOM   203  N  N   . LYS A 1 35  ? 12.388  -4.937  -8.723  1.00 61.47  ? 59  LYS A N   1 
ATOM   204  C  CA  . LYS A 1 35  ? 11.663  -3.792  -9.255  1.00 60.72  ? 59  LYS A CA  1 
ATOM   205  C  C   . LYS A 1 35  ? 11.065  -2.862  -8.187  1.00 59.34  ? 59  LYS A C   1 
ATOM   206  O  O   . LYS A 1 35  ? 10.422  -3.343  -7.246  1.00 60.48  ? 59  LYS A O   1 
ATOM   207  C  CB  . LYS A 1 35  ? 10.510  -4.349  -10.066 1.00 66.84  ? 59  LYS A CB  1 
ATOM   208  C  CG  . LYS A 1 35  ? 9.546   -3.355  -10.689 1.00 77.32  ? 59  LYS A CG  1 
ATOM   209  C  CD  . LYS A 1 35  ? 8.661   -4.123  -11.679 1.00 85.33  ? 59  LYS A CD  1 
ATOM   210  C  CE  . LYS A 1 35  ? 7.321   -3.452  -11.947 1.00 86.03  ? 59  LYS A CE  1 
ATOM   211  N  NZ  . LYS A 1 35  ? 7.455   -2.271  -12.838 1.00 84.20  ? 59  LYS A NZ  1 
ATOM   212  N  N   . ASN A 1 36  ? 11.255  -1.548  -8.359  1.00 51.37  ? 60  ASN A N   1 
ATOM   213  C  CA  . ASN A 1 36  ? 10.467  -0.528  -7.663  1.00 51.12  ? 60  ASN A CA  1 
ATOM   214  C  C   . ASN A 1 36  ? 9.303   -0.044  -8.531  1.00 53.24  ? 60  ASN A C   1 
ATOM   215  O  O   . ASN A 1 36  ? 9.509   0.636   -9.515  1.00 52.33  ? 60  ASN A O   1 
ATOM   216  C  CB  . ASN A 1 36  ? 11.302  0.722   -7.341  1.00 50.10  ? 60  ASN A CB  1 
ATOM   217  C  CG  . ASN A 1 36  ? 12.458  0.461   -6.389  1.00 49.04  ? 60  ASN A CG  1 
ATOM   218  O  OD1 . ASN A 1 36  ? 12.329  0.557   -5.154  1.00 50.75  ? 60  ASN A OD1 1 
ATOM   219  N  ND2 . ASN A 1 36  ? 13.613  0.202   -6.960  1.00 48.74  ? 60  ASN A ND2 1 
ATOM   220  N  N   . THR A 1 37  ? 8.070   -0.356  -8.174  1.00 57.57  ? 61  THR A N   1 
ATOM   221  C  CA  . THR A 1 37  ? 6.948   0.320   -8.814  1.00 55.96  ? 61  THR A CA  1 
ATOM   222  C  C   . THR A 1 37  ? 6.716   1.598   -8.057  1.00 54.81  ? 61  THR A C   1 
ATOM   223  O  O   . THR A 1 37  ? 6.860   1.590   -6.855  1.00 61.98  ? 61  THR A O   1 
ATOM   224  C  CB  . THR A 1 37  ? 5.653   -0.483  -8.728  1.00 55.68  ? 61  THR A CB  1 
ATOM   225  O  OG1 . THR A 1 37  ? 5.873   -1.812  -9.188  1.00 51.91  ? 61  THR A OG1 1 
ATOM   226  C  CG2 . THR A 1 37  ? 4.583   0.157   -9.592  1.00 57.04  ? 61  THR A CG2 1 
ATOM   227  N  N   . ARG A 1 38  ? 6.366   2.674   -8.760  1.00 57.29  ? 62  ARG A N   1 
ATOM   228  C  CA  . ARG A 1 38  ? 5.972   3.969   -8.162  1.00 57.59  ? 62  ARG A CA  1 
ATOM   229  C  C   . ARG A 1 38  ? 4.515   4.267   -8.465  1.00 53.38  ? 62  ARG A C   1 
ATOM   230  O  O   . ARG A 1 38  ? 4.080   4.138   -9.609  1.00 49.82  ? 62  ARG A O   1 
ATOM   231  C  CB  . ARG A 1 38  ? 6.806   5.113   -8.745  1.00 58.14  ? 62  ARG A CB  1 
ATOM   232  C  CG  . ARG A 1 38  ? 8.199   5.151   -8.188  1.00 62.80  ? 62  ARG A CG  1 
ATOM   233  C  CD  . ARG A 1 38  ? 9.159   5.938   -9.064  1.00 68.76  ? 62  ARG A CD  1 
ATOM   234  N  NE  . ARG A 1 38  ? 10.524  5.652   -8.628  1.00 68.66  ? 62  ARG A NE  1 
ATOM   235  C  CZ  . ARG A 1 38  ? 11.060  6.120   -7.499  1.00 71.34  ? 62  ARG A CZ  1 
ATOM   236  N  NH1 . ARG A 1 38  ? 10.367  6.934   -6.681  1.00 69.00  ? 62  ARG A NH1 1 
ATOM   237  N  NH2 . ARG A 1 38  ? 12.312  5.791   -7.190  1.00 71.18  ? 62  ARG A NH2 1 
ATOM   238  N  N   . ALA A 1 39  ? 3.776   4.721   -7.466  1.00 49.71  ? 63  ALA A N   1 
ATOM   239  C  CA  . ALA A 1 39  ? 2.337   4.763   -7.597  1.00 53.30  ? 63  ALA A CA  1 
ATOM   240  C  C   . ALA A 1 39  ? 1.705   5.893   -6.833  1.00 54.07  ? 63  ALA A C   1 
ATOM   241  O  O   . ALA A 1 39  ? 2.216   6.342   -5.809  1.00 50.18  ? 63  ALA A O   1 
ATOM   242  C  CB  . ALA A 1 39  ? 1.743   3.442   -7.128  1.00 57.55  ? 63  ALA A CB  1 
ATOM   243  N  N   . THR A 1 40  ? 0.570   6.342   -7.352  1.00 56.86  ? 64  THR A N   1 
ATOM   244  C  CA  . THR A 1 40  ? -0.302  7.234   -6.625  1.00 59.23  ? 64  THR A CA  1 
ATOM   245  C  C   . THR A 1 40  ? -1.437  6.391   -6.119  1.00 54.16  ? 64  THR A C   1 
ATOM   246  O  O   . THR A 1 40  ? -1.948  5.554   -6.844  1.00 53.79  ? 64  THR A O   1 
ATOM   247  C  CB  . THR A 1 40  ? -0.833  8.341   -7.524  1.00 59.13  ? 64  THR A CB  1 
ATOM   248  O  OG1 . THR A 1 40  ? 0.281   8.945   -8.184  1.00 65.80  ? 64  THR A OG1 1 
ATOM   249  C  CG2 . THR A 1 40  ? -1.573  9.397   -6.696  1.00 58.72  ? 64  THR A CG2 1 
ATOM   250  N  N   . VAL A 1 41  ? -1.806  6.625   -4.868  1.00 52.80  ? 65  VAL A N   1 
ATOM   251  C  CA  . VAL A 1 41  ? -2.725  5.762   -4.140  1.00 54.24  ? 65  VAL A CA  1 
ATOM   252  C  C   . VAL A 1 41  ? -3.873  6.550   -3.482  1.00 58.33  ? 65  VAL A C   1 
ATOM   253  O  O   . VAL A 1 41  ? -3.683  7.632   -2.907  1.00 57.24  ? 65  VAL A O   1 
ATOM   254  C  CB  . VAL A 1 41  ? -1.960  4.980   -3.079  1.00 52.23  ? 65  VAL A CB  1 
ATOM   255  C  CG1 . VAL A 1 41  ? -2.906  4.135   -2.245  1.00 51.66  ? 65  VAL A CG1 1 
ATOM   256  C  CG2 . VAL A 1 41  ? -0.889  4.130   -3.752  1.00 54.56  ? 65  VAL A CG2 1 
ATOM   257  N  N   . THR A 1 42  ? -5.073  5.992   -3.597  1.00 59.40  ? 66  THR A N   1 
ATOM   258  C  CA  . THR A 1 42  ? -6.272  6.580   -3.032  1.00 55.18  ? 66  THR A CA  1 
ATOM   259  C  C   . THR A 1 42  ? -6.846  5.496   -2.155  1.00 56.05  ? 66  THR A C   1 
ATOM   260  O  O   . THR A 1 42  ? -7.277  4.454   -2.648  1.00 64.22  ? 66  THR A O   1 
ATOM   261  C  CB  . THR A 1 42  ? -7.227  6.963   -4.148  1.00 52.93  ? 66  THR A CB  1 
ATOM   262  O  OG1 . THR A 1 42  ? -6.494  7.689   -5.143  1.00 59.73  ? 66  THR A OG1 1 
ATOM   263  C  CG2 . THR A 1 42  ? -8.308  7.836   -3.625  1.00 54.63  ? 66  THR A CG2 1 
ATOM   264  N  N   . TYR A 1 43  ? -6.777  5.700   -0.848  1.00 53.99  ? 67  TYR A N   1 
ATOM   265  C  CA  . TYR A 1 43  ? -6.963  4.600   0.102   1.00 53.69  ? 67  TYR A CA  1 
ATOM   266  C  C   . TYR A 1 43  ? -8.168  4.884   0.967   1.00 54.75  ? 67  TYR A C   1 
ATOM   267  O  O   . TYR A 1 43  ? -8.357  6.034   1.434   1.00 54.00  ? 67  TYR A O   1 
ATOM   268  C  CB  . TYR A 1 43  ? -5.686  4.416   0.956   1.00 52.55  ? 67  TYR A CB  1 
ATOM   269  C  CG  . TYR A 1 43  ? -5.806  3.536   2.195   1.00 45.18  ? 67  TYR A CG  1 
ATOM   270  C  CD1 . TYR A 1 43  ? -5.515  2.184   2.146   1.00 42.08  ? 67  TYR A CD1 1 
ATOM   271  C  CD2 . TYR A 1 43  ? -6.147  4.087   3.424   1.00 42.37  ? 67  TYR A CD2 1 
ATOM   272  C  CE1 . TYR A 1 43  ? -5.601  1.398   3.288   1.00 41.07  ? 67  TYR A CE1 1 
ATOM   273  C  CE2 . TYR A 1 43  ? -6.240  3.312   4.562   1.00 41.95  ? 67  TYR A CE2 1 
ATOM   274  C  CZ  . TYR A 1 43  ? -5.961  1.963   4.497   1.00 40.87  ? 67  TYR A CZ  1 
ATOM   275  O  OH  . TYR A 1 43  ? -6.066  1.194   5.651   1.00 39.49  ? 67  TYR A OH  1 
ATOM   276  N  N   . ASP A 1 44  ? -8.967  3.832   1.175   1.00 50.93  ? 68  ASP A N   1 
ATOM   277  C  CA  . ASP A 1 44  ? -10.217 3.927   1.923   1.00 53.13  ? 68  ASP A CA  1 
ATOM   278  C  C   . ASP A 1 44  ? -10.539 2.628   2.632   1.00 51.72  ? 68  ASP A C   1 
ATOM   279  O  O   . ASP A 1 44  ? -11.087 1.708   2.016   1.00 47.57  ? 68  ASP A O   1 
ATOM   280  C  CB  . ASP A 1 44  ? -11.376 4.296   0.991   1.00 56.08  ? 68  ASP A CB  1 
ATOM   281  C  CG  . ASP A 1 44  ? -12.739 4.258   1.692   1.00 63.86  ? 68  ASP A CG  1 
ATOM   282  O  OD1 . ASP A 1 44  ? -12.817 4.010   2.932   1.00 65.28  ? 68  ASP A OD1 1 
ATOM   283  O  OD2 . ASP A 1 44  ? -13.749 4.489   0.991   1.00 67.41  ? 68  ASP A OD2 1 
ATOM   284  N  N   . ALA A 1 45  ? -10.242 2.581   3.934   1.00 52.44  ? 69  ALA A N   1 
ATOM   285  C  CA  . ALA A 1 45  ? -10.495 1.393   4.756   1.00 56.03  ? 69  ALA A CA  1 
ATOM   286  C  C   . ALA A 1 45  ? -11.941 1.278   5.191   1.00 59.26  ? 69  ALA A C   1 
ATOM   287  O  O   . ALA A 1 45  ? -12.360 0.230   5.667   1.00 55.03  ? 69  ALA A O   1 
ATOM   288  C  CB  . ALA A 1 45  ? -9.611  1.404   5.990   1.00 55.59  ? 69  ALA A CB  1 
ATOM   289  N  N   . ILE A 1 46  ? -12.701 2.359   5.071   1.00 62.25  ? 70  ILE A N   1 
ATOM   290  C  CA  . ILE A 1 46  ? -14.096 2.300   5.449   1.00 64.66  ? 70  ILE A CA  1 
ATOM   291  C  C   . ILE A 1 46  ? -14.850 1.439   4.452   1.00 64.53  ? 70  ILE A C   1 
ATOM   292  O  O   . ILE A 1 46  ? -15.563 0.514   4.847   1.00 61.53  ? 70  ILE A O   1 
ATOM   293  C  CB  . ILE A 1 46  ? -14.711 3.694   5.519   1.00 66.40  ? 70  ILE A CB  1 
ATOM   294  C  CG1 . ILE A 1 46  ? -14.085 4.448   6.686   1.00 63.66  ? 70  ILE A CG1 1 
ATOM   295  C  CG2 . ILE A 1 46  ? -16.222 3.600   5.677   1.00 65.17  ? 70  ILE A CG2 1 
ATOM   296  C  CD1 . ILE A 1 46  ? -14.187 5.943   6.543   1.00 65.51  ? 70  ILE A CD1 1 
ATOM   297  N  N   . LEU A 1 47  ? -14.675 1.741   3.169   1.00 63.12  ? 71  LEU A N   1 
ATOM   298  C  CA  . LEU A 1 47  ? -15.296 0.949   2.118   1.00 67.82  ? 71  LEU A CA  1 
ATOM   299  C  C   . LEU A 1 47  ? -14.465 -0.279  1.701   1.00 64.55  ? 71  LEU A C   1 
ATOM   300  O  O   . LEU A 1 47  ? -14.903 -1.060  0.869   1.00 63.40  ? 71  LEU A O   1 
ATOM   301  C  CB  . LEU A 1 47  ? -15.662 1.840   0.926   1.00 76.52  ? 71  LEU A CB  1 
ATOM   302  C  CG  . LEU A 1 47  ? -16.926 2.674   1.234   1.00 84.98  ? 71  LEU A CG  1 
ATOM   303  C  CD1 . LEU A 1 47  ? -17.006 4.023   0.535   1.00 83.42  ? 71  LEU A CD1 1 
ATOM   304  C  CD2 . LEU A 1 47  ? -18.171 1.854   0.920   1.00 90.03  ? 71  LEU A CD2 1 
ATOM   305  N  N   . GLN A 1 48  ? -13.302 -0.482  2.314   1.00 60.19  ? 72  GLN A N   1 
ATOM   306  C  CA  . GLN A 1 48  ? -12.421 -1.599  1.958   1.00 60.29  ? 72  GLN A CA  1 
ATOM   307  C  C   . GLN A 1 48  ? -12.087 -1.579  0.460   1.00 57.50  ? 72  GLN A C   1 
ATOM   308  O  O   . GLN A 1 48  ? -12.189 -2.585  -0.217  1.00 59.09  ? 72  GLN A O   1 
ATOM   309  C  CB  . GLN A 1 48  ? -13.003 -2.958  2.427   1.00 62.37  ? 72  GLN A CB  1 
ATOM   310  C  CG  . GLN A 1 48  ? -12.937 -3.122  3.954   1.00 66.56  ? 72  GLN A CG  1 
ATOM   311  C  CD  . GLN A 1 48  ? -13.765 -4.269  4.542   1.00 66.60  ? 72  GLN A CD  1 
ATOM   312  O  OE1 . GLN A 1 48  ? -14.912 -4.503  4.171   1.00 75.02  ? 72  GLN A OE1 1 
ATOM   313  N  NE2 . GLN A 1 48  ? -13.190 -4.953  5.505   1.00 66.20  ? 72  GLN A NE2 1 
ATOM   314  N  N   . ARG A 1 49  ? -11.675 -0.415  -0.040  1.00 60.20  ? 73  ARG A N   1 
ATOM   315  C  CA  . ARG A 1 49  ? -11.302 -0.243  -1.453  1.00 65.58  ? 73  ARG A CA  1 
ATOM   316  C  C   . ARG A 1 49  ? -10.063 0.646   -1.647  1.00 63.22  ? 73  ARG A C   1 
ATOM   317  O  O   . ARG A 1 49  ? -9.890  1.645   -0.959  1.00 61.15  ? 73  ARG A O   1 
ATOM   318  C  CB  . ARG A 1 49  ? -12.471 0.351   -2.236  1.00 68.86  ? 73  ARG A CB  1 
ATOM   319  C  CG  . ARG A 1 49  ? -12.926 1.702   -1.728  1.00 71.79  ? 73  ARG A CG  1 
ATOM   320  C  CD  . ARG A 1 49  ? -14.106 2.281   -2.496  1.00 74.42  ? 73  ARG A CD  1 
ATOM   321  N  NE  . ARG A 1 49  ? -14.542 3.549   -1.886  1.00 75.98  ? 73  ARG A NE  1 
ATOM   322  C  CZ  . ARG A 1 49  ? -15.180 4.531   -2.522  1.00 76.91  ? 73  ARG A CZ  1 
ATOM   323  N  NH1 . ARG A 1 49  ? -15.495 4.439   -3.818  1.00 83.14  ? 73  ARG A NH1 1 
ATOM   324  N  NH2 . ARG A 1 49  ? -15.499 5.627   -1.856  1.00 70.94  ? 73  ARG A NH2 1 
ATOM   325  N  N   . ILE A 1 50  ? -9.219  0.286   -2.609  1.00 64.20  ? 74  ILE A N   1 
ATOM   326  C  CA  . ILE A 1 50  ? -7.960  1.004   -2.841  1.00 59.51  ? 74  ILE A CA  1 
ATOM   327  C  C   . ILE A 1 50  ? -7.611  1.077   -4.333  1.00 59.95  ? 74  ILE A C   1 
ATOM   328  O  O   . ILE A 1 50  ? -7.671  0.079   -5.057  1.00 58.18  ? 74  ILE A O   1 
ATOM   329  C  CB  . ILE A 1 50  ? -6.822  0.354   -2.050  1.00 57.52  ? 74  ILE A CB  1 
ATOM   330  C  CG1 . ILE A 1 50  ? -5.554  1.198   -2.148  1.00 59.26  ? 74  ILE A CG1 1 
ATOM   331  C  CG2 . ILE A 1 50  ? -6.577  -1.074  -2.515  1.00 55.24  ? 74  ILE A CG2 1 
ATOM   332  C  CD1 . ILE A 1 50  ? -4.356  0.554   -1.482  1.00 58.35  ? 74  ILE A CD1 1 
ATOM   333  N  N   . ARG A 1 51  ? -7.256  2.272   -4.780  1.00 56.59  ? 75  ARG A N   1 
ATOM   334  C  CA  . ARG A 1 51  ? -6.991  2.526   -6.180  1.00 56.38  ? 75  ARG A CA  1 
ATOM   335  C  C   . ARG A 1 51  ? -5.549  2.985   -6.336  1.00 58.04  ? 75  ARG A C   1 
ATOM   336  O  O   . ARG A 1 51  ? -5.149  4.002   -5.748  1.00 58.49  ? 75  ARG A O   1 
ATOM   337  C  CB  . ARG A 1 51  ? -7.923  3.616   -6.653  1.00 59.57  ? 75  ARG A CB  1 
ATOM   338  C  CG  . ARG A 1 51  ? -7.794  3.941   -8.119  1.00 62.74  ? 75  ARG A CG  1 
ATOM   339  C  CD  . ARG A 1 51  ? -6.826  5.074   -8.366  1.00 65.58  ? 75  ARG A CD  1 
ATOM   340  N  NE  . ARG A 1 51  ? -6.960  5.613   -9.718  1.00 65.54  ? 75  ARG A NE  1 
ATOM   341  C  CZ  . ARG A 1 51  ? -6.494  6.800   -10.103 1.00 69.22  ? 75  ARG A CZ  1 
ATOM   342  N  NH1 . ARG A 1 51  ? -5.856  7.602   -9.245  1.00 67.13  ? 75  ARG A NH1 1 
ATOM   343  N  NH2 . ARG A 1 51  ? -6.673  7.194   -11.357 1.00 72.62  ? 75  ARG A NH2 1 
ATOM   344  N  N   . ILE A 1 52  ? -4.793  2.250   -7.150  1.00 55.66  ? 76  ILE A N   1 
ATOM   345  C  CA  . ILE A 1 52  ? -3.351  2.427   -7.323  1.00 50.27  ? 76  ILE A CA  1 
ATOM   346  C  C   . ILE A 1 52  ? -3.058  2.783   -8.769  1.00 48.26  ? 76  ILE A C   1 
ATOM   347  O  O   . ILE A 1 52  ? -3.292  1.973   -9.657  1.00 52.89  ? 76  ILE A O   1 
ATOM   348  C  CB  . ILE A 1 52  ? -2.641  1.108   -6.986  1.00 51.33  ? 76  ILE A CB  1 
ATOM   349  C  CG1 . ILE A 1 52  ? -2.973  0.708   -5.534  1.00 54.39  ? 76  ILE A CG1 1 
ATOM   350  C  CG2 . ILE A 1 52  ? -1.134  1.218   -7.196  1.00 49.56  ? 76  ILE A CG2 1 
ATOM   351  C  CD1 . ILE A 1 52  ? -2.686  -0.750  -5.185  1.00 53.50  ? 76  ILE A CD1 1 
ATOM   352  N  N   . LEU A 1 53  ? -2.561  3.988   -9.017  1.00 48.67  ? 77  LEU A N   1 
ATOM   353  C  CA  . LEU A 1 53  ? -2.234  4.436   -10.393 1.00 50.16  ? 77  LEU A CA  1 
ATOM   354  C  C   . LEU A 1 53  ? -0.729  4.506   -10.633 1.00 50.06  ? 77  LEU A C   1 
ATOM   355  O  O   . LEU A 1 53  ? -0.106  5.480   -10.253 1.00 47.26  ? 77  LEU A O   1 
ATOM   356  C  CB  . LEU A 1 53  ? -2.825  5.819   -10.643 1.00 50.42  ? 77  LEU A CB  1 
ATOM   357  C  CG  . LEU A 1 53  ? -2.527  6.483   -11.988 1.00 50.83  ? 77  LEU A CG  1 
ATOM   358  C  CD1 . LEU A 1 53  ? -3.288  5.773   -13.095 1.00 51.21  ? 77  LEU A CD1 1 
ATOM   359  C  CD2 . LEU A 1 53  ? -2.918  7.957   -11.949 1.00 49.59  ? 77  LEU A CD2 1 
ATOM   360  N  N   . GLU A 1 54  ? -0.159  3.485   -11.270 1.00 53.23  ? 78  GLU A N   1 
ATOM   361  C  CA  . GLU A 1 54  ? 1.286   3.422   -11.535 1.00 52.43  ? 78  GLU A CA  1 
ATOM   362  C  C   . GLU A 1 54  ? 1.770   4.645   -12.282 1.00 52.97  ? 78  GLU A C   1 
ATOM   363  O  O   . GLU A 1 54  ? 1.043   5.249   -13.066 1.00 54.61  ? 78  GLU A O   1 
ATOM   364  C  CB  . GLU A 1 54  ? 1.667   2.168   -12.324 1.00 56.03  ? 78  GLU A CB  1 
ATOM   365  C  CG  . GLU A 1 54  ? 1.659   0.882   -11.490 1.00 60.48  ? 78  GLU A CG  1 
ATOM   366  C  CD  . GLU A 1 54  ? 1.797   -0.379  -12.329 1.00 66.16  ? 78  GLU A CD  1 
ATOM   367  O  OE1 . GLU A 1 54  ? 2.079   -0.274  -13.548 1.00 69.28  ? 78  GLU A OE1 1 
ATOM   368  O  OE2 . GLU A 1 54  ? 1.620   -1.488  -11.773 1.00 77.25  ? 78  GLU A OE2 1 
ATOM   369  N  N   . GLU A 1 55  ? 3.021   4.988   -12.023 1.00 56.16  ? 79  GLU A N   1 
ATOM   370  C  CA  . GLU A 1 55  ? 3.575   6.283   -12.354 1.00 57.15  ? 79  GLU A CA  1 
ATOM   371  C  C   . GLU A 1 55  ? 4.714   6.030   -13.326 1.00 54.34  ? 79  GLU A C   1 
ATOM   372  O  O   . GLU A 1 55  ? 5.430   5.026   -13.219 1.00 54.53  ? 79  GLU A O   1 
ATOM   373  C  CB  . GLU A 1 55  ? 4.048   6.939   -11.058 1.00 64.81  ? 79  GLU A CB  1 
ATOM   374  C  CG  . GLU A 1 55  ? 4.804   8.253   -11.196 1.00 76.11  ? 79  GLU A CG  1 
ATOM   375  C  CD  . GLU A 1 55  ? 5.277   8.816   -9.843  1.00 87.12  ? 79  GLU A CD  1 
ATOM   376  O  OE1 . GLU A 1 55  ? 4.480   8.796   -8.838  1.00 82.44  ? 79  GLU A OE1 1 
ATOM   377  O  OE2 . GLU A 1 55  ? 6.454   9.291   -9.801  1.00 78.19  ? 79  GLU A OE2 1 
ATOM   378  N  N   . LYS A 1 56  ? 4.855   6.910   -14.307 1.00 53.64  ? 80  LYS A N   1 
ATOM   379  C  CA  . LYS A 1 56  ? 5.889   6.743   -15.328 1.00 57.26  ? 80  LYS A CA  1 
ATOM   380  C  C   . LYS A 1 56  ? 6.984   7.787   -15.216 1.00 58.49  ? 80  LYS A C   1 
ATOM   381  O  O   . LYS A 1 56  ? 6.739   8.945   -14.824 1.00 60.73  ? 80  LYS A O   1 
ATOM   382  C  CB  . LYS A 1 56  ? 5.282   6.800   -16.719 1.00 61.80  ? 80  LYS A CB  1 
ATOM   383  C  CG  . LYS A 1 56  ? 6.278   6.445   -17.803 1.00 65.65  ? 80  LYS A CG  1 
ATOM   384  C  CD  . LYS A 1 56  ? 5.743   6.733   -19.185 1.00 68.15  ? 80  LYS A CD  1 
ATOM   385  C  CE  . LYS A 1 56  ? 6.859   6.679   -20.208 1.00 68.48  ? 80  LYS A CE  1 
ATOM   386  N  NZ  . LYS A 1 56  ? 6.264   6.938   -21.539 1.00 74.39  ? 80  LYS A NZ  1 
ATOM   387  N  N   . LYS A 1 57  ? 8.198   7.356   -15.554 1.00 64.02  ? 81  LYS A N   1 
ATOM   388  C  CA  . LYS A 1 57  ? 9.400   8.191   -15.494 1.00 65.52  ? 81  LYS A CA  1 
ATOM   389  C  C   . LYS A 1 57  ? 10.134  8.131   -16.819 1.00 65.11  ? 81  LYS A C   1 
ATOM   390  O  O   . LYS A 1 57  ? 9.945   7.225   -17.636 1.00 64.51  ? 81  LYS A O   1 
ATOM   391  C  CB  . LYS A 1 57  ? 10.353  7.729   -14.393 1.00 68.86  ? 81  LYS A CB  1 
ATOM   392  C  CG  . LYS A 1 57  ? 9.684   7.457   -13.060 1.00 76.65  ? 81  LYS A CG  1 
ATOM   393  C  CD  . LYS A 1 57  ? 9.377   8.741   -12.317 1.00 78.57  ? 81  LYS A CD  1 
ATOM   394  C  CE  . LYS A 1 57  ? 10.597  9.236   -11.546 1.00 79.28  ? 81  LYS A CE  1 
ATOM   395  N  NZ  . LYS A 1 57  ? 10.149  9.887   -10.286 1.00 81.46  ? 81  LYS A NZ  1 
ATOM   396  N  N   . SER A 1 58  ? 11.001  9.105   -17.001 1.00 66.01  ? 82  SER A N   1 
ATOM   397  C  CA  . SER A 1 58  ? 11.670  9.279   -18.249 1.00 67.43  ? 82  SER A CA  1 
ATOM   398  C  C   . SER A 1 58  ? 12.621  8.131   -18.452 1.00 67.73  ? 82  SER A C   1 
ATOM   399  O  O   . SER A 1 58  ? 13.446  7.833   -17.585 1.00 65.51  ? 82  SER A O   1 
ATOM   400  C  CB  . SER A 1 58  ? 12.405  10.607  -18.241 1.00 72.58  ? 82  SER A CB  1 
ATOM   401  O  OG  . SER A 1 58  ? 11.475  11.640  -17.950 1.00 81.56  ? 82  SER A OG  1 
ATOM   402  N  N   . PHE A 1 59  ? 12.448  7.464   -19.588 1.00 67.26  ? 83  PHE A N   1 
ATOM   403  C  CA  . PHE A 1 59  ? 13.441  6.555   -20.130 1.00 68.96  ? 83  PHE A CA  1 
ATOM   404  C  C   . PHE A 1 59  ? 13.564  5.281   -19.341 1.00 70.41  ? 83  PHE A C   1 
ATOM   405  O  O   . PHE A 1 59  ? 14.635  4.678   -19.276 1.00 76.77  ? 83  PHE A O   1 
ATOM   406  C  CB  . PHE A 1 59  ? 14.803  7.247   -20.269 1.00 68.70  ? 83  PHE A CB  1 
ATOM   407  C  CG  . PHE A 1 59  ? 14.750  8.504   -21.083 1.00 63.33  ? 83  PHE A CG  1 
ATOM   408  C  CD1 . PHE A 1 59  ? 14.416  8.451   -22.409 1.00 60.33  ? 83  PHE A CD1 1 
ATOM   409  C  CD2 . PHE A 1 59  ? 15.021  9.734   -20.510 1.00 65.10  ? 83  PHE A CD2 1 
ATOM   410  C  CE1 . PHE A 1 59  ? 14.351  9.599   -23.165 1.00 67.96  ? 83  PHE A CE1 1 
ATOM   411  C  CE2 . PHE A 1 59  ? 14.961  10.885  -21.255 1.00 66.36  ? 83  PHE A CE2 1 
ATOM   412  C  CZ  . PHE A 1 59  ? 14.619  10.823  -22.589 1.00 67.20  ? 83  PHE A CZ  1 
ATOM   413  N  N   . VAL A 1 60  ? 12.447  4.872   -18.761 1.00 75.39  ? 84  VAL A N   1 
ATOM   414  C  CA  . VAL A 1 60  ? 12.297  3.512   -18.246 1.00 85.08  ? 84  VAL A CA  1 
ATOM   415  C  C   . VAL A 1 60  ? 12.027  2.535   -19.408 1.00 89.66  ? 84  VAL A C   1 
ATOM   416  O  O   . VAL A 1 60  ? 11.445  2.930   -20.423 1.00 75.62  ? 84  VAL A O   1 
ATOM   417  C  CB  . VAL A 1 60  ? 11.158  3.434   -17.216 1.00 84.04  ? 84  VAL A CB  1 
ATOM   418  C  CG1 . VAL A 1 60  ? 11.418  4.429   -16.090 1.00 81.98  ? 84  VAL A CG1 1 
ATOM   419  C  CG2 . VAL A 1 60  ? 9.800   3.695   -17.874 1.00 83.42  ? 84  VAL A CG2 1 
ATOM   420  N  N   . PRO A 1 61  ? 12.448  1.255   -19.270 1.00 111.20 ? 85  PRO A N   1 
ATOM   421  C  CA  . PRO A 1 61  ? 12.282  0.312   -20.387 1.00 112.24 ? 85  PRO A CA  1 
ATOM   422  C  C   . PRO A 1 61  ? 10.945  -0.464  -20.423 1.00 108.69 ? 85  PRO A C   1 
ATOM   423  O  O   . PRO A 1 61  ? 10.698  -1.179  -21.391 1.00 122.24 ? 85  PRO A O   1 
ATOM   424  C  CB  . PRO A 1 61  ? 13.472  -0.648  -20.215 1.00 110.32 ? 85  PRO A CB  1 
ATOM   425  C  CG  . PRO A 1 61  ? 13.952  -0.466  -18.801 1.00 119.20 ? 85  PRO A CG  1 
ATOM   426  C  CD  . PRO A 1 61  ? 13.124  0.605   -18.133 1.00 117.54 ? 85  PRO A CD  1 
ATOM   427  N  N   . CYS A 1 62  ? 10.097  -0.334  -19.401 1.00 94.21  ? 86  CYS A N   1 
ATOM   428  C  CA  . CYS A 1 62  ? 8.762   -0.938  -19.437 1.00 87.49  ? 86  CYS A CA  1 
ATOM   429  C  C   . CYS A 1 62  ? 7.770   -0.102  -20.234 1.00 79.14  ? 86  CYS A C   1 
ATOM   430  O  O   . CYS A 1 62  ? 7.535   1.063   -19.926 1.00 58.78  ? 86  CYS A O   1 
ATOM   431  C  CB  . CYS A 1 62  ? 8.232   -1.127  -18.023 1.00 98.73  ? 86  CYS A CB  1 
ATOM   432  S  SG  . CYS A 1 62  ? 8.833   0.153   -16.907 1.00 112.73 ? 86  CYS A SG  1 
ATOM   433  N  N   . LYS A 1 63  ? 7.154   -0.714  -21.238 1.00 82.07  ? 87  LYS A N   1 
ATOM   434  C  CA  . LYS A 1 63  ? 6.168   -0.003  -22.052 1.00 86.05  ? 87  LYS A CA  1 
ATOM   435  C  C   . LYS A 1 63  ? 4.793   0.162   -21.367 1.00 83.01  ? 87  LYS A C   1 
ATOM   436  O  O   . LYS A 1 63  ? 4.033   1.089   -21.703 1.00 70.03  ? 87  LYS A O   1 
ATOM   437  C  CB  . LYS A 1 63  ? 6.001   -0.616  -23.466 1.00 100.20 ? 87  LYS A CB  1 
ATOM   438  C  CG  . LYS A 1 63  ? 6.392   -2.083  -23.721 1.00 106.63 ? 87  LYS A CG  1 
ATOM   439  C  CD  . LYS A 1 63  ? 7.587   -2.213  -24.673 1.00 107.64 ? 87  LYS A CD  1 
ATOM   440  C  CE  . LYS A 1 63  ? 7.678   -3.615  -25.277 1.00 110.01 ? 87  LYS A CE  1 
ATOM   441  N  NZ  . LYS A 1 63  ? 8.754   -3.741  -26.298 1.00 104.42 ? 87  LYS A NZ  1 
ATOM   442  N  N   . ARG A 1 64  ? 4.486   -0.703  -20.395 1.00 81.47  ? 88  ARG A N   1 
ATOM   443  C  CA  . ARG A 1 64  ? 3.111   -0.841  -19.891 1.00 80.22  ? 88  ARG A CA  1 
ATOM   444  C  C   . ARG A 1 64  ? 2.891   -0.328  -18.458 1.00 67.80  ? 88  ARG A C   1 
ATOM   445  O  O   . ARG A 1 64  ? 3.645   -0.660  -17.550 1.00 63.52  ? 88  ARG A O   1 
ATOM   446  C  CB  . ARG A 1 64  ? 2.709   -2.315  -19.988 1.00 91.56  ? 88  ARG A CB  1 
ATOM   447  C  CG  . ARG A 1 64  ? 2.916   -2.904  -21.381 1.00 100.22 ? 88  ARG A CG  1 
ATOM   448  C  CD  . ARG A 1 64  ? 3.051   -4.423  -21.383 1.00 104.56 ? 88  ARG A CD  1 
ATOM   449  N  NE  . ARG A 1 64  ? 1.963   -5.073  -22.104 1.00 108.82 ? 88  ARG A NE  1 
ATOM   450  C  CZ  . ARG A 1 64  ? 1.846   -5.090  -23.433 1.00 106.00 ? 88  ARG A CZ  1 
ATOM   451  N  NH1 . ARG A 1 64  ? 2.744   -4.483  -24.207 1.00 97.68  ? 88  ARG A NH1 1 
ATOM   452  N  NH2 . ARG A 1 64  ? 0.816   -5.710  -23.994 1.00 106.96 ? 88  ARG A NH2 1 
ATOM   453  N  N   . PHE A 1 65  ? 1.830   0.452   -18.263 1.00 64.19  ? 89  PHE A N   1 
ATOM   454  C  CA  . PHE A 1 65  ? 1.509   1.040   -16.955 1.00 67.91  ? 89  PHE A CA  1 
ATOM   455  C  C   . PHE A 1 65  ? 0.029   0.927   -16.621 1.00 66.87  ? 89  PHE A C   1 
ATOM   456  O  O   . PHE A 1 65  ? -0.823  1.361   -17.417 1.00 67.04  ? 89  PHE A O   1 
ATOM   457  C  CB  . PHE A 1 65  ? 1.913   2.511   -16.938 1.00 68.46  ? 89  PHE A CB  1 
ATOM   458  C  CG  . PHE A 1 65  ? 3.365   2.718   -17.221 1.00 75.81  ? 89  PHE A CG  1 
ATOM   459  C  CD1 . PHE A 1 65  ? 4.305   2.596   -16.202 1.00 74.43  ? 89  PHE A CD1 1 
ATOM   460  C  CD2 . PHE A 1 65  ? 3.805   2.983   -18.521 1.00 76.58  ? 89  PHE A CD2 1 
ATOM   461  C  CE1 . PHE A 1 65  ? 5.654   2.757   -16.476 1.00 74.76  ? 89  PHE A CE1 1 
ATOM   462  C  CE2 . PHE A 1 65  ? 5.149   3.141   -18.797 1.00 71.16  ? 89  PHE A CE2 1 
ATOM   463  C  CZ  . PHE A 1 65  ? 6.072   3.024   -17.773 1.00 73.25  ? 89  PHE A CZ  1 
ATOM   464  N  N   . PHE A 1 66  ? -0.268  0.392   -15.430 1.00 62.04  ? 90  PHE A N   1 
ATOM   465  C  CA  . PHE A 1 66  ? -1.658  0.076   -15.029 1.00 62.76  ? 90  PHE A CA  1 
ATOM   466  C  C   . PHE A 1 66  ? -2.248  0.930   -13.911 1.00 56.19  ? 90  PHE A C   1 
ATOM   467  O  O   . PHE A 1 66  ? -1.596  1.243   -12.932 1.00 57.35  ? 90  PHE A O   1 
ATOM   468  C  CB  . PHE A 1 66  ? -1.771  -1.394  -14.594 1.00 61.99  ? 90  PHE A CB  1 
ATOM   469  C  CG  . PHE A 1 66  ? -1.160  -2.358  -15.560 1.00 65.16  ? 90  PHE A CG  1 
ATOM   470  C  CD1 . PHE A 1 66  ? -1.779  -2.623  -16.778 1.00 71.59  ? 90  PHE A CD1 1 
ATOM   471  C  CD2 . PHE A 1 66  ? 0.027   -3.003  -15.262 1.00 68.67  ? 90  PHE A CD2 1 
ATOM   472  C  CE1 . PHE A 1 66  ? -1.222  -3.503  -17.688 1.00 69.47  ? 90  PHE A CE1 1 
ATOM   473  C  CE2 . PHE A 1 66  ? 0.595   -3.886  -16.164 1.00 70.64  ? 90  PHE A CE2 1 
ATOM   474  C  CZ  . PHE A 1 66  ? -0.030  -4.134  -17.381 1.00 72.66  ? 90  PHE A CZ  1 
ATOM   475  N  N   . GLU A 1 67  ? -3.515  1.260   -14.043 1.00 54.87  ? 91  GLU A N   1 
ATOM   476  C  CA  . GLU A 1 67  ? -4.295  1.710   -12.900 1.00 60.35  ? 91  GLU A CA  1 
ATOM   477  C  C   . GLU A 1 67  ? -4.993  0.490   -12.326 1.00 60.37  ? 91  GLU A C   1 
ATOM   478  O  O   . GLU A 1 67  ? -5.608  -0.273  -13.072 1.00 58.48  ? 91  GLU A O   1 
ATOM   479  C  CB  . GLU A 1 67  ? -5.330  2.724   -13.357 1.00 64.59  ? 91  GLU A CB  1 
ATOM   480  C  CG  . GLU A 1 67  ? -6.319  3.159   -12.293 1.00 73.25  ? 91  GLU A CG  1 
ATOM   481  C  CD  . GLU A 1 67  ? -7.319  4.183   -12.828 1.00 83.98  ? 91  GLU A CD  1 
ATOM   482  O  OE1 . GLU A 1 67  ? -7.508  4.276   -14.070 1.00 85.43  ? 91  GLU A OE1 1 
ATOM   483  O  OE2 . GLU A 1 67  ? -7.925  4.906   -12.002 1.00 84.16  ? 91  GLU A OE2 1 
ATOM   484  N  N   . TYR A 1 68  ? -4.889  0.276   -11.019 1.00 62.38  ? 92  TYR A N   1 
ATOM   485  C  CA  . TYR A 1 68  ? -5.677  -0.781  -10.377 1.00 62.41  ? 92  TYR A CA  1 
ATOM   486  C  C   . TYR A 1 68  ? -6.776  -0.163  -9.532  1.00 64.26  ? 92  TYR A C   1 
ATOM   487  O  O   . TYR A 1 68  ? -6.558  0.841   -8.844  1.00 59.68  ? 92  TYR A O   1 
ATOM   488  C  CB  . TYR A 1 68  ? -4.837  -1.662  -9.468  1.00 61.33  ? 92  TYR A CB  1 
ATOM   489  C  CG  . TYR A 1 68  ? -3.595  -2.298  -10.071 1.00 63.09  ? 92  TYR A CG  1 
ATOM   490  C  CD1 . TYR A 1 68  ? -2.413  -1.584  -10.168 1.00 69.66  ? 92  TYR A CD1 1 
ATOM   491  C  CD2 . TYR A 1 68  ? -3.579  -3.630  -10.450 1.00 61.75  ? 92  TYR A CD2 1 
ATOM   492  C  CE1 . TYR A 1 68  ? -1.265  -2.158  -10.678 1.00 71.30  ? 92  TYR A CE1 1 
ATOM   493  C  CE2 . TYR A 1 68  ? -2.431  -4.226  -10.957 1.00 64.68  ? 92  TYR A CE2 1 
ATOM   494  C  CZ  . TYR A 1 68  ? -1.274  -3.484  -11.073 1.00 69.85  ? 92  TYR A CZ  1 
ATOM   495  O  OH  . TYR A 1 68  ? -0.114  -4.047  -11.575 1.00 66.41  ? 92  TYR A OH  1 
ATOM   496  N  N   . ILE A 1 69  ? -7.963  -0.765  -9.591  1.00 69.16  ? 93  ILE A N   1 
ATOM   497  C  CA  . ILE A 1 69  ? -9.058  -0.419  -8.677  1.00 69.61  ? 93  ILE A CA  1 
ATOM   498  C  C   . ILE A 1 69  ? -9.517  -1.687  -7.934  1.00 67.75  ? 93  ILE A C   1 
ATOM   499  O  O   . ILE A 1 69  ? -10.042 -2.605  -8.549  1.00 65.33  ? 93  ILE A O   1 
ATOM   500  C  CB  . ILE A 1 69  ? -10.232 0.238   -9.423  1.00 66.95  ? 93  ILE A CB  1 
ATOM   501  C  CG1 . ILE A 1 69  ? -9.718  1.282   -10.417 1.00 69.17  ? 93  ILE A CG1 1 
ATOM   502  C  CG2 . ILE A 1 69  ? -11.174 0.899   -8.435  1.00 68.51  ? 93  ILE A CG2 1 
ATOM   503  C  CD1 . ILE A 1 69  ? -10.806 1.993   -11.201 1.00 69.05  ? 93  ILE A CD1 1 
ATOM   504  N  N   . PHE A 1 70  ? -9.274  -1.734  -6.620  1.00 70.25  ? 94  PHE A N   1 
ATOM   505  C  CA  . PHE A 1 70  ? -9.624  -2.887  -5.774  1.00 69.97  ? 94  PHE A CA  1 
ATOM   506  C  C   . PHE A 1 70  ? -10.884 -2.570  -4.986  1.00 72.45  ? 94  PHE A C   1 
ATOM   507  O  O   . PHE A 1 70  ? -10.913 -1.575  -4.252  1.00 70.31  ? 94  PHE A O   1 
ATOM   508  C  CB  . PHE A 1 70  ? -8.514  -3.200  -4.771  1.00 65.09  ? 94  PHE A CB  1 
ATOM   509  C  CG  . PHE A 1 70  ? -7.328  -3.907  -5.361  1.00 68.62  ? 94  PHE A CG  1 
ATOM   510  C  CD1 . PHE A 1 70  ? -6.384  -3.215  -6.122  1.00 69.01  ? 94  PHE A CD1 1 
ATOM   511  C  CD2 . PHE A 1 70  ? -7.122  -5.267  -5.129  1.00 68.35  ? 94  PHE A CD2 1 
ATOM   512  C  CE1 . PHE A 1 70  ? -5.277  -3.870  -6.655  1.00 64.89  ? 94  PHE A CE1 1 
ATOM   513  C  CE2 . PHE A 1 70  ? -6.008  -5.919  -5.652  1.00 65.91  ? 94  PHE A CE2 1 
ATOM   514  C  CZ  . PHE A 1 70  ? -5.088  -5.220  -6.420  1.00 62.66  ? 94  PHE A CZ  1 
ATOM   515  N  N   . LEU A 1 71  ? -11.904 -3.421  -5.121  1.00 69.82  ? 95  LEU A N   1 
ATOM   516  C  CA  . LEU A 1 71  ? -13.206 -3.203  -4.484  1.00 67.47  ? 95  LEU A CA  1 
ATOM   517  C  C   . LEU A 1 71  ? -13.576 -4.406  -3.649  1.00 68.71  ? 95  LEU A C   1 
ATOM   518  O  O   . LEU A 1 71  ? -14.330 -5.275  -4.088  1.00 67.02  ? 95  LEU A O   1 
ATOM   519  C  CB  . LEU A 1 71  ? -14.269 -2.984  -5.547  1.00 62.29  ? 95  LEU A CB  1 
ATOM   520  C  CG  . LEU A 1 71  ? -14.037 -1.725  -6.362  1.00 64.56  ? 95  LEU A CG  1 
ATOM   521  C  CD1 . LEU A 1 71  ? -14.900 -1.752  -7.611  1.00 69.70  ? 95  LEU A CD1 1 
ATOM   522  C  CD2 . LEU A 1 71  ? -14.310 -0.477  -5.545  1.00 61.11  ? 95  LEU A CD2 1 
ATOM   523  N  N   . TYR A 1 72  ? -13.045 -4.471  -2.440  1.00 68.69  ? 96  TYR A N   1 
ATOM   524  C  CA  . TYR A 1 72  ? -13.166 -5.697  -1.679  1.00 69.46  ? 96  TYR A CA  1 
ATOM   525  C  C   . TYR A 1 72  ? -14.617 -5.959  -1.260  1.00 73.73  ? 96  TYR A C   1 
ATOM   526  O  O   . TYR A 1 72  ? -15.038 -7.128  -1.183  1.00 65.88  ? 96  TYR A O   1 
ATOM   527  C  CB  . TYR A 1 72  ? -12.234 -5.692  -0.478  1.00 66.06  ? 96  TYR A CB  1 
ATOM   528  C  CG  . TYR A 1 72  ? -10.787 -5.998  -0.787  1.00 64.37  ? 96  TYR A CG  1 
ATOM   529  C  CD1 . TYR A 1 72  ? -9.908  -5.006  -1.213  1.00 67.17  ? 96  TYR A CD1 1 
ATOM   530  C  CD2 . TYR A 1 72  ? -10.282 -7.270  -0.592  1.00 69.57  ? 96  TYR A CD2 1 
ATOM   531  C  CE1 . TYR A 1 72  ? -8.566  -5.281  -1.460  1.00 62.81  ? 96  TYR A CE1 1 
ATOM   532  C  CE2 . TYR A 1 72  ? -8.945  -7.558  -0.838  1.00 72.30  ? 96  TYR A CE2 1 
ATOM   533  C  CZ  . TYR A 1 72  ? -8.096  -6.565  -1.276  1.00 65.11  ? 96  TYR A CZ  1 
ATOM   534  O  OH  . TYR A 1 72  ? -6.787  -6.888  -1.506  1.00 55.64  ? 96  TYR A OH  1 
ATOM   535  N  N   . GLN A 1 73  ? -15.379 -4.887  -1.010  1.00 78.53  ? 97  GLN A N   1 
ATOM   536  C  CA  . GLN A 1 73  ? -16.808 -5.020  -0.662  1.00 82.55  ? 97  GLN A CA  1 
ATOM   537  C  C   . GLN A 1 73  ? -17.620 -5.731  -1.753  1.00 87.57  ? 97  GLN A C   1 
ATOM   538  O  O   . GLN A 1 73  ? -18.608 -6.406  -1.445  1.00 101.61 ? 97  GLN A O   1 
ATOM   539  C  CB  . GLN A 1 73  ? -17.441 -3.659  -0.360  1.00 85.17  ? 97  GLN A CB  1 
ATOM   540  C  CG  . GLN A 1 73  ? -17.403 -3.255  1.110   1.00 89.68  ? 97  GLN A CG  1 
ATOM   541  C  CD  . GLN A 1 73  ? -17.844 -1.808  1.349   1.00 94.33  ? 97  GLN A CD  1 
ATOM   542  O  OE1 . GLN A 1 73  ? -18.456 -1.167  0.477   1.00 83.03  ? 97  GLN A OE1 1 
ATOM   543  N  NE2 . GLN A 1 73  ? -17.530 -1.285  2.540   1.00 93.56  ? 97  GLN A NE2 1 
ATOM   544  N  N   . GLU A 1 74  ? -17.199 -5.579  -3.012  1.00 86.20  ? 98  GLU A N   1 
ATOM   545  C  CA  . GLU A 1 74  ? -17.808 -6.295  -4.138  1.00 81.80  ? 98  GLU A CA  1 
ATOM   546  C  C   . GLU A 1 74  ? -16.936 -7.403  -4.717  1.00 73.96  ? 98  GLU A C   1 
ATOM   547  O  O   . GLU A 1 74  ? -17.160 -7.817  -5.838  1.00 82.64  ? 98  GLU A O   1 
ATOM   548  C  CB  . GLU A 1 74  ? -18.143 -5.327  -5.261  1.00 85.76  ? 98  GLU A CB  1 
ATOM   549  C  CG  . GLU A 1 74  ? -18.715 -4.001  -4.802  1.00 94.22  ? 98  GLU A CG  1 
ATOM   550  C  CD  . GLU A 1 74  ? -19.628 -3.411  -5.855  1.00 104.88 ? 98  GLU A CD  1 
ATOM   551  O  OE1 . GLU A 1 74  ? -20.807 -3.841  -5.912  1.00 102.96 ? 98  GLU A OE1 1 
ATOM   552  O  OE2 . GLU A 1 74  ? -19.159 -2.540  -6.628  1.00 107.45 ? 98  GLU A OE2 1 
ATOM   553  N  N   . ALA A 1 75  ? -15.952 -7.868  -3.958  1.00 74.71  ? 99  ALA A N   1 
ATOM   554  C  CA  . ALA A 1 75  ? -15.013 -8.940  -4.371  1.00 77.68  ? 99  ALA A CA  1 
ATOM   555  C  C   . ALA A 1 75  ? -14.474 -8.914  -5.824  1.00 74.17  ? 99  ALA A C   1 
ATOM   556  O  O   . ALA A 1 75  ? -14.331 -9.972  -6.466  1.00 70.25  ? 99  ALA A O   1 
ATOM   557  C  CB  . ALA A 1 75  ? -15.610 -10.304 -4.047  1.00 74.18  ? 99  ALA A CB  1 
ATOM   558  N  N   . VAL A 1 76  ? -14.145 -7.723  -6.323  1.00 70.08  ? 100 VAL A N   1 
ATOM   559  C  CA  . VAL A 1 76  ? -13.548 -7.592  -7.658  1.00 76.81  ? 100 VAL A CA  1 
ATOM   560  C  C   . VAL A 1 76  ? -12.493 -6.497  -7.777  1.00 70.33  ? 100 VAL A C   1 
ATOM   561  O  O   . VAL A 1 76  ? -12.561 -5.465  -7.116  1.00 62.95  ? 100 VAL A O   1 
ATOM   562  C  CB  . VAL A 1 76  ? -14.594 -7.334  -8.767  1.00 82.23  ? 100 VAL A CB  1 
ATOM   563  C  CG1 . VAL A 1 76  ? -15.542 -8.521  -8.902  1.00 93.85  ? 100 VAL A CG1 1 
ATOM   564  C  CG2 . VAL A 1 76  ? -15.349 -6.037  -8.516  1.00 80.27  ? 100 VAL A CG2 1 
ATOM   565  N  N   . MET A 1 77  ? -11.533 -6.753  -8.658  1.00 69.83  ? 101 MET A N   1 
ATOM   566  C  CA  . MET A 1 77  ? -10.471 -5.827  -8.972  1.00 73.61  ? 101 MET A CA  1 
ATOM   567  C  C   . MET A 1 77  ? -10.487 -5.515  -10.455 1.00 72.12  ? 101 MET A C   1 
ATOM   568  O  O   . MET A 1 77  ? -10.400 -6.419  -11.297 1.00 71.53  ? 101 MET A O   1 
ATOM   569  C  CB  . MET A 1 77  ? -9.123  -6.440  -8.604  1.00 80.34  ? 101 MET A CB  1 
ATOM   570  C  CG  . MET A 1 77  ? -7.932  -5.541  -8.892  1.00 83.03  ? 101 MET A CG  1 
ATOM   571  S  SD  . MET A 1 77  ? -6.977  -6.046  -10.331 1.00 92.49  ? 101 MET A SD  1 
ATOM   572  C  CE  . MET A 1 77  ? -6.356  -7.628  -9.754  1.00 87.10  ? 101 MET A CE  1 
ATOM   573  N  N   . PHE A 1 78  ? -10.595 -4.234  -10.768 1.00 66.47  ? 102 PHE A N   1 
ATOM   574  C  CA  . PHE A 1 78  ? -10.368 -3.764  -12.117 1.00 73.30  ? 102 PHE A CA  1 
ATOM   575  C  C   . PHE A 1 78  ? -8.888  -3.418  -12.335 1.00 72.28  ? 102 PHE A C   1 
ATOM   576  O  O   . PHE A 1 78  ? -8.199  -2.981  -11.410 1.00 68.48  ? 102 PHE A O   1 
ATOM   577  C  CB  . PHE A 1 78  ? -11.253 -2.557  -12.390 1.00 82.83  ? 102 PHE A CB  1 
ATOM   578  C  CG  . PHE A 1 78  ? -12.723 -2.876  -12.362 1.00 96.17  ? 102 PHE A CG  1 
ATOM   579  C  CD1 . PHE A 1 78  ? -13.440 -2.826  -11.172 1.00 99.03  ? 102 PHE A CD1 1 
ATOM   580  C  CD2 . PHE A 1 78  ? -13.392 -3.241  -13.525 1.00 101.56 ? 102 PHE A CD2 1 
ATOM   581  C  CE1 . PHE A 1 78  ? -14.790 -3.122  -11.144 1.00 94.52  ? 102 PHE A CE1 1 
ATOM   582  C  CE2 . PHE A 1 78  ? -14.742 -3.542  -13.498 1.00 98.92  ? 102 PHE A CE2 1 
ATOM   583  C  CZ  . PHE A 1 78  ? -15.439 -3.480  -12.308 1.00 94.24  ? 102 PHE A CZ  1 
ATOM   584  N  N   . GLN A 1 79  ? -8.408  -3.633  -13.561 1.00 70.14  ? 103 GLN A N   1 
ATOM   585  C  CA  . GLN A 1 79  ? -7.010  -3.368  -13.918 1.00 70.50  ? 103 GLN A CA  1 
ATOM   586  C  C   . GLN A 1 79  ? -6.954  -2.812  -15.317 1.00 67.58  ? 103 GLN A C   1 
ATOM   587  O  O   . GLN A 1 79  ? -7.188  -3.524  -16.278 1.00 69.90  ? 103 GLN A O   1 
ATOM   588  C  CB  . GLN A 1 79  ? -6.152  -4.639  -13.841 1.00 69.99  ? 103 GLN A CB  1 
ATOM   589  C  CG  . GLN A 1 79  ? -4.662  -4.352  -13.951 1.00 70.17  ? 103 GLN A CG  1 
ATOM   590  C  CD  . GLN A 1 79  ? -3.829  -5.541  -14.387 1.00 72.16  ? 103 GLN A CD  1 
ATOM   591  O  OE1 . GLN A 1 79  ? -4.347  -6.538  -14.885 1.00 84.80  ? 103 GLN A OE1 1 
ATOM   592  N  NE2 . GLN A 1 79  ? -2.523  -5.427  -14.227 1.00 71.10  ? 103 GLN A NE2 1 
ATOM   593  N  N   . ILE A 1 80  ? -6.619  -1.540  -15.429 1.00 70.95  ? 104 ILE A N   1 
ATOM   594  C  CA  . ILE A 1 80  ? -6.662  -0.840  -16.699 1.00 69.16  ? 104 ILE A CA  1 
ATOM   595  C  C   . ILE A 1 80  ? -5.253  -0.559  -17.171 1.00 69.54  ? 104 ILE A C   1 
ATOM   596  O  O   . ILE A 1 80  ? -4.464  0.025   -16.447 1.00 70.91  ? 104 ILE A O   1 
ATOM   597  C  CB  . ILE A 1 80  ? -7.363  0.507   -16.537 1.00 67.97  ? 104 ILE A CB  1 
ATOM   598  C  CG1 . ILE A 1 80  ? -8.793  0.290   -16.053 1.00 70.47  ? 104 ILE A CG1 1 
ATOM   599  C  CG2 . ILE A 1 80  ? -7.312  1.298   -17.835 1.00 67.83  ? 104 ILE A CG2 1 
ATOM   600  C  CD1 . ILE A 1 80  ? -8.907  -0.009  -14.572 1.00 72.60  ? 104 ILE A CD1 1 
ATOM   601  N  N   . GLU A 1 81  ? -4.931  -0.984  -18.380 1.00 71.06  ? 105 GLU A N   1 
ATOM   602  C  CA  . GLU A 1 81  ? -3.739  -0.493  -19.031 1.00 73.14  ? 105 GLU A CA  1 
ATOM   603  C  C   . GLU A 1 81  ? -4.033  0.965   -19.327 1.00 76.78  ? 105 GLU A C   1 
ATOM   604  O  O   . GLU A 1 81  ? -4.999  1.274   -20.016 1.00 73.28  ? 105 GLU A O   1 
ATOM   605  C  CB  . GLU A 1 81  ? -3.468  -1.277  -20.309 1.00 80.19  ? 105 GLU A CB  1 
ATOM   606  C  CG  . GLU A 1 81  ? -2.512  -0.609  -21.284 1.00 88.47  ? 105 GLU A CG  1 
ATOM   607  C  CD  . GLU A 1 81  ? -1.122  -0.419  -20.725 1.00 96.52  ? 105 GLU A CD  1 
ATOM   608  O  OE1 . GLU A 1 81  ? -0.564  -1.398  -20.185 1.00 102.68 ? 105 GLU A OE1 1 
ATOM   609  O  OE2 . GLU A 1 81  ? -0.583  0.706   -20.839 1.00 109.17 ? 105 GLU A OE2 1 
ATOM   610  N  N   . GLN A 1 82  ? -3.208  1.863   -18.796 1.00 79.59  ? 106 GLN A N   1 
ATOM   611  C  CA  . GLN A 1 82  ? -3.424  3.306   -18.967 1.00 75.75  ? 106 GLN A CA  1 
ATOM   612  C  C   . GLN A 1 82  ? -3.298  3.804   -20.415 1.00 76.45  ? 106 GLN A C   1 
ATOM   613  O  O   . GLN A 1 82  ? -3.982  4.759   -20.806 1.00 64.07  ? 106 GLN A O   1 
ATOM   614  C  CB  . GLN A 1 82  ? -2.445  4.075   -18.096 1.00 74.48  ? 106 GLN A CB  1 
ATOM   615  C  CG  . GLN A 1 82  ? -2.722  3.943   -16.623 1.00 73.84  ? 106 GLN A CG  1 
ATOM   616  C  CD  . GLN A 1 82  ? -1.693  4.670   -15.811 1.00 78.99  ? 106 GLN A CD  1 
ATOM   617  O  OE1 . GLN A 1 82  ? -1.457  5.849   -16.019 1.00 81.49  ? 106 GLN A OE1 1 
ATOM   618  N  NE2 . GLN A 1 82  ? -1.065  3.969   -14.877 1.00 91.51  ? 106 GLN A NE2 1 
ATOM   619  N  N   . VAL A 1 83  ? -2.413  3.168   -21.184 1.00 79.69  ? 107 VAL A N   1 
ATOM   620  C  CA  . VAL A 1 83  ? -2.250  3.457   -22.612 1.00 89.13  ? 107 VAL A CA  1 
ATOM   621  C  C   . VAL A 1 83  ? -3.450  2.889   -23.400 1.00 90.33  ? 107 VAL A C   1 
ATOM   622  O  O   . VAL A 1 83  ? -4.394  3.629   -23.691 1.00 81.44  ? 107 VAL A O   1 
ATOM   623  C  CB  . VAL A 1 83  ? -0.886  2.915   -23.127 1.00 99.13  ? 107 VAL A CB  1 
ATOM   624  C  CG1 . VAL A 1 83  ? -0.750  3.058   -24.640 1.00 96.18  ? 107 VAL A CG1 1 
ATOM   625  C  CG2 . VAL A 1 83  ? 0.269   3.603   -22.391 1.00 100.55 ? 107 VAL A CG2 1 
ATOM   626  N  N   . THR A 1 84  ? -3.431  1.586   -23.711 1.00 92.02  ? 108 THR A N   1 
ATOM   627  C  CA  . THR A 1 84  ? -4.507  0.910   -24.470 1.00 83.56  ? 108 THR A CA  1 
ATOM   628  C  C   . THR A 1 84  ? -5.903  0.968   -23.856 1.00 79.48  ? 108 THR A C   1 
ATOM   629  O  O   . THR A 1 84  ? -6.867  0.649   -24.535 1.00 81.63  ? 108 THR A O   1 
ATOM   630  C  CB  . THR A 1 84  ? -4.249  -0.609  -24.655 1.00 85.11  ? 108 THR A CB  1 
ATOM   631  O  OG1 . THR A 1 84  ? -2.893  -0.939  -24.359 1.00 91.82  ? 108 THR A OG1 1 
ATOM   632  C  CG2 . THR A 1 84  ? -4.595  -1.056  -26.086 1.00 92.14  ? 108 THR A CG2 1 
ATOM   633  N  N   . LYS A 1 85  ? -6.024  1.296   -22.574 1.00 77.48  ? 109 LYS A N   1 
ATOM   634  C  CA  . LYS A 1 85  ? -7.341  1.321   -21.896 1.00 81.80  ? 109 LYS A CA  1 
ATOM   635  C  C   . LYS A 1 85  ? -8.027  -0.052  -21.783 1.00 74.03  ? 109 LYS A C   1 
ATOM   636  O  O   . LYS A 1 85  ? -9.156  -0.147  -21.313 1.00 67.16  ? 109 LYS A O   1 
ATOM   637  C  CB  . LYS A 1 85  ? -8.307  2.313   -22.558 1.00 89.65  ? 109 LYS A CB  1 
ATOM   638  C  CG  . LYS A 1 85  ? -7.726  3.681   -22.894 1.00 99.62  ? 109 LYS A CG  1 
ATOM   639  C  CD  . LYS A 1 85  ? -7.359  4.488   -21.659 1.00 107.21 ? 109 LYS A CD  1 
ATOM   640  C  CE  . LYS A 1 85  ? -6.923  5.894   -22.052 1.00 113.01 ? 109 LYS A CE  1 
ATOM   641  N  NZ  . LYS A 1 85  ? -6.052  6.506   -21.012 1.00 117.59 ? 109 LYS A NZ  1 
ATOM   642  N  N   . ILE A 1 86  ? -7.329  -1.110  -22.171 1.00 78.59  ? 110 ILE A N   1 
ATOM   643  C  CA  . ILE A 1 86  ? -7.881  -2.458  -22.154 1.00 81.75  ? 110 ILE A CA  1 
ATOM   644  C  C   . ILE A 1 86  ? -8.048  -2.965  -20.720 1.00 79.34  ? 110 ILE A C   1 
ATOM   645  O  O   . ILE A 1 86  ? -7.086  -3.397  -20.070 1.00 84.14  ? 110 ILE A O   1 
ATOM   646  C  CB  . ILE A 1 86  ? -7.006  -3.401  -23.018 1.00 85.64  ? 110 ILE A CB  1 
ATOM   647  C  CG1 . ILE A 1 86  ? -7.126  -2.979  -24.493 1.00 94.42  ? 110 ILE A CG1 1 
ATOM   648  C  CG2 . ILE A 1 86  ? -7.401  -4.860  -22.843 1.00 83.12  ? 110 ILE A CG2 1 
ATOM   649  C  CD1 . ILE A 1 86  ? -8.553  -2.731  -24.979 1.00 94.47  ? 110 ILE A CD1 1 
ATOM   650  N  N   . CYS A 1 87  ? -9.292  -2.908  -20.250 1.00 74.80  ? 111 CYS A N   1 
ATOM   651  C  CA  . CYS A 1 87  ? -9.648  -3.293  -18.881 1.00 77.88  ? 111 CYS A CA  1 
ATOM   652  C  C   . CYS A 1 87  ? -9.515  -4.793  -18.594 1.00 72.06  ? 111 CYS A C   1 
ATOM   653  O  O   . CYS A 1 87  ? -9.224  -5.586  -19.489 1.00 74.43  ? 111 CYS A O   1 
ATOM   654  C  CB  . CYS A 1 87  ? -11.079 -2.861  -18.583 1.00 83.27  ? 111 CYS A CB  1 
ATOM   655  S  SG  . CYS A 1 87  ? -11.512 -2.795  -16.830 1.00 85.80  ? 111 CYS A SG  1 
ATOM   656  N  N   . SER A 1 88  ? -9.729  -5.161  -17.330 1.00 69.64  ? 112 SER A N   1 
ATOM   657  C  CA  . SER A 1 88  ? -9.552  -6.535  -16.869 1.00 70.90  ? 112 SER A CA  1 
ATOM   658  C  C   . SER A 1 88  ? -10.161 -6.717  -15.485 1.00 76.79  ? 112 SER A C   1 
ATOM   659  O  O   . SER A 1 88  ? -9.473  -6.581  -14.473 1.00 87.67  ? 112 SER A O   1 
ATOM   660  C  CB  . SER A 1 88  ? -8.064  -6.896  -16.833 1.00 68.38  ? 112 SER A CB  1 
ATOM   661  O  OG  . SER A 1 88  ? -7.814  -8.017  -16.007 1.00 66.83  ? 112 SER A OG  1 
ATOM   662  N  N   . LYS A 1 89  ? -11.453 -7.020  -15.454 1.00 78.40  ? 113 LYS A N   1 
ATOM   663  C  CA  . LYS A 1 89  ? -12.168 -7.329  -14.216 1.00 81.69  ? 113 LYS A CA  1 
ATOM   664  C  C   . LYS A 1 89  ? -11.799 -8.750  -13.726 1.00 81.17  ? 113 LYS A C   1 
ATOM   665  O  O   . LYS A 1 89  ? -11.829 -9.701  -14.500 1.00 79.84  ? 113 LYS A O   1 
ATOM   666  C  CB  . LYS A 1 89  ? -13.673 -7.196  -14.469 1.00 84.45  ? 113 LYS A CB  1 
ATOM   667  C  CG  . LYS A 1 89  ? -14.574 -7.438  -13.269 1.00 96.93  ? 113 LYS A CG  1 
ATOM   668  C  CD  . LYS A 1 89  ? -16.062 -7.472  -13.651 1.00 101.72 ? 113 LYS A CD  1 
ATOM   669  C  CE  . LYS A 1 89  ? -16.870 -8.332  -12.673 1.00 107.48 ? 113 LYS A CE  1 
ATOM   670  N  NZ  . LYS A 1 89  ? -18.304 -7.939  -12.549 1.00 110.41 ? 113 LYS A NZ  1 
ATOM   671  N  N   . ASN A 1 90  ? -11.419 -8.879  -12.454 1.00 77.51  ? 114 ASN A N   1 
ATOM   672  C  CA  . ASN A 1 90  ? -11.108 -10.181 -11.846 1.00 76.04  ? 114 ASN A CA  1 
ATOM   673  C  C   . ASN A 1 90  ? -11.791 -10.300 -10.479 1.00 77.27  ? 114 ASN A C   1 
ATOM   674  O  O   . ASN A 1 90  ? -12.297 -9.317  -9.932  1.00 68.87  ? 114 ASN A O   1 
ATOM   675  C  CB  . ASN A 1 90  ? -9.599  -10.351 -11.663 1.00 83.44  ? 114 ASN A CB  1 
ATOM   676  C  CG  . ASN A 1 90  ? -8.810  -10.007 -12.908 1.00 86.98  ? 114 ASN A CG  1 
ATOM   677  O  OD1 . ASN A 1 90  ? -8.310  -8.883  -13.054 1.00 80.95  ? 114 ASN A OD1 1 
ATOM   678  N  ND2 . ASN A 1 90  ? -8.686  -10.971 -13.812 1.00 92.51  ? 114 ASN A ND2 1 
ATOM   679  N  N   . THR A 1 91  ? -11.824 -11.503 -9.920  1.00 79.87  ? 115 THR A N   1 
ATOM   680  C  CA  . THR A 1 91  ? -12.430 -11.677 -8.601  1.00 85.25  ? 115 THR A CA  1 
ATOM   681  C  C   . THR A 1 91  ? -11.354 -11.550 -7.574  1.00 78.39  ? 115 THR A C   1 
ATOM   682  O  O   . THR A 1 91  ? -10.181 -11.734 -7.893  1.00 79.39  ? 115 THR A O   1 
ATOM   683  C  CB  . THR A 1 91  ? -13.138 -13.040 -8.405  1.00 84.38  ? 115 THR A CB  1 
ATOM   684  O  OG1 . THR A 1 91  ? -12.843 -13.902 -9.506  1.00 85.22  ? 115 THR A OG1 1 
ATOM   685  C  CG2 . THR A 1 91  ? -14.655 -12.844 -8.305  1.00 86.95  ? 115 THR A CG2 1 
ATOM   686  N  N   . LEU A 1 92  ? -11.773 -11.240 -6.351  1.00 73.86  ? 116 LEU A N   1 
ATOM   687  C  CA  . LEU A 1 92  ? -10.890 -11.172 -5.199  1.00 75.52  ? 116 LEU A CA  1 
ATOM   688  C  C   . LEU A 1 92  ? -11.396 -12.152 -4.153  1.00 83.04  ? 116 LEU A C   1 
ATOM   689  O  O   . LEU A 1 92  ? -12.447 -11.954 -3.553  1.00 97.26  ? 116 LEU A O   1 
ATOM   690  C  CB  . LEU A 1 92  ? -10.892 -9.765  -4.605  1.00 74.25  ? 116 LEU A CB  1 
ATOM   691  C  CG  . LEU A 1 92  ? -10.138 -8.663  -5.341  1.00 71.86  ? 116 LEU A CG  1 
ATOM   692  C  CD1 . LEU A 1 92  ? -10.584 -7.299  -4.845  1.00 73.53  ? 116 LEU A CD1 1 
ATOM   693  C  CD2 . LEU A 1 92  ? -8.639  -8.845  -5.165  1.00 72.24  ? 116 LEU A CD2 1 
ATOM   694  N  N   . THR A 1 93  ? -10.639 -13.213 -3.946  1.00 84.42  ? 117 THR A N   1 
ATOM   695  C  CA  . THR A 1 93  ? -10.932 -14.180 -2.911  1.00 89.21  ? 117 THR A CA  1 
ATOM   696  C  C   . THR A 1 93  ? -10.425 -13.652 -1.568  1.00 94.10  ? 117 THR A C   1 
ATOM   697  O  O   . THR A 1 93  ? -10.893 -14.070 -0.496  1.00 97.20  ? 117 THR A O   1 
ATOM   698  C  CB  . THR A 1 93  ? -10.228 -15.515 -3.234  1.00 91.85  ? 117 THR A CB  1 
ATOM   699  O  OG1 . THR A 1 93  ? -8.803  -15.326 -3.254  1.00 83.12  ? 117 THR A OG1 1 
ATOM   700  C  CG2 . THR A 1 93  ? -10.686 -16.033 -4.601  1.00 89.27  ? 117 THR A CG2 1 
ATOM   701  N  N   . GLU A 1 94  ? -9.486  -12.706 -1.663  1.00 97.64  ? 118 GLU A N   1 
ATOM   702  C  CA  . GLU A 1 94  ? -8.624  -12.268 -0.555  1.00 96.75  ? 118 GLU A CA  1 
ATOM   703  C  C   . GLU A 1 94  ? -9.285  -11.375 0.493   1.00 86.29  ? 118 GLU A C   1 
ATOM   704  O  O   . GLU A 1 94  ? -10.058 -10.477 0.142   1.00 86.76  ? 118 GLU A O   1 
ATOM   705  C  CB  . GLU A 1 94  ? -7.426  -11.495 -1.130  1.00 102.80 ? 118 GLU A CB  1 
ATOM   706  C  CG  . GLU A 1 94  ? -6.474  -12.337 -1.956  1.00 106.30 ? 118 GLU A CG  1 
ATOM   707  C  CD  . GLU A 1 94  ? -5.697  -13.316 -1.098  1.00 108.42 ? 118 GLU A CD  1 
ATOM   708  O  OE1 . GLU A 1 94  ? -6.308  -14.285 -0.587  1.00 105.64 ? 118 GLU A OE1 1 
ATOM   709  O  OE2 . GLU A 1 94  ? -4.476  -13.110 -0.932  1.00 111.04 ? 118 GLU A OE2 1 
ATOM   710  N  N   . PRO A 1 95  ? -8.964  -11.603 1.783   1.00 69.99  ? 119 PRO A N   1 
ATOM   711  C  CA  . PRO A 1 95  ? -9.443  -10.686 2.795   1.00 67.01  ? 119 PRO A CA  1 
ATOM   712  C  C   . PRO A 1 95  ? -8.637  -9.385  2.751   1.00 69.05  ? 119 PRO A C   1 
ATOM   713  O  O   . PRO A 1 95  ? -7.409  -9.397  2.579   1.00 67.92  ? 119 PRO A O   1 
ATOM   714  C  CB  . PRO A 1 95  ? -9.219  -11.449 4.101   1.00 66.23  ? 119 PRO A CB  1 
ATOM   715  C  CG  . PRO A 1 95  ? -8.048  -12.319 3.815   1.00 66.15  ? 119 PRO A CG  1 
ATOM   716  C  CD  . PRO A 1 95  ? -8.167  -12.696 2.366   1.00 69.18  ? 119 PRO A CD  1 
ATOM   717  N  N   . TRP A 1 96  ? -9.363  -8.279  2.866   1.00 68.69  ? 120 TRP A N   1 
ATOM   718  C  CA  . TRP A 1 96  ? -8.795  -6.948  2.900   1.00 68.41  ? 120 TRP A CA  1 
ATOM   719  C  C   . TRP A 1 96  ? -7.802  -6.819  4.039   1.00 71.26  ? 120 TRP A C   1 
ATOM   720  O  O   . TRP A 1 96  ? -8.014  -7.363  5.115   1.00 65.87  ? 120 TRP A O   1 
ATOM   721  C  CB  . TRP A 1 96  ? -9.921  -5.934  3.070   1.00 64.21  ? 120 TRP A CB  1 
ATOM   722  C  CG  . TRP A 1 96  ? -9.554  -4.606  3.635   1.00 61.11  ? 120 TRP A CG  1 
ATOM   723  C  CD1 . TRP A 1 96  ? -9.627  -4.239  4.936   1.00 63.72  ? 120 TRP A CD1 1 
ATOM   724  C  CD2 . TRP A 1 96  ? -9.120  -3.450  2.914   1.00 57.90  ? 120 TRP A CD2 1 
ATOM   725  N  NE1 . TRP A 1 96  ? -9.271  -2.926  5.080   1.00 63.38  ? 120 TRP A NE1 1 
ATOM   726  C  CE2 . TRP A 1 96  ? -8.944  -2.419  3.850   1.00 60.70  ? 120 TRP A CE2 1 
ATOM   727  C  CE3 . TRP A 1 96  ? -8.851  -3.189  1.568   1.00 64.66  ? 120 TRP A CE3 1 
ATOM   728  C  CZ2 . TRP A 1 96  ? -8.497  -1.131  3.486   1.00 60.22  ? 120 TRP A CZ2 1 
ATOM   729  C  CZ3 . TRP A 1 96  ? -8.409  -1.896  1.201   1.00 64.63  ? 120 TRP A CZ3 1 
ATOM   730  C  CH2 . TRP A 1 96  ? -8.244  -0.891  2.163   1.00 59.18  ? 120 TRP A CH2 1 
ATOM   731  N  N   . ASP A 1 97  ? -6.709  -6.113  3.768   1.00 67.73  ? 121 ASP A N   1 
ATOM   732  C  CA  . ASP A 1 97  ? -5.704  -5.821  4.762   1.00 68.90  ? 121 ASP A CA  1 
ATOM   733  C  C   . ASP A 1 97  ? -5.458  -4.312  4.731   1.00 59.65  ? 121 ASP A C   1 
ATOM   734  O  O   . ASP A 1 97  ? -4.872  -3.815  3.780   1.00 55.96  ? 121 ASP A O   1 
ATOM   735  C  CB  . ASP A 1 97  ? -4.414  -6.578  4.426   1.00 74.87  ? 121 ASP A CB  1 
ATOM   736  C  CG  . ASP A 1 97  ? -3.191  -5.953  5.062   1.00 82.61  ? 121 ASP A CG  1 
ATOM   737  O  OD1 . ASP A 1 97  ? -3.076  -6.036  6.305   1.00 82.36  ? 121 ASP A OD1 1 
ATOM   738  O  OD2 . ASP A 1 97  ? -2.354  -5.367  4.322   1.00 87.05  ? 121 ASP A OD2 1 
ATOM   739  N  N   . PRO A 1 98  ? -5.894  -3.583  5.772   1.00 47.44  ? 122 PRO A N   1 
ATOM   740  C  CA  . PRO A 1 98  ? -5.709  -2.125  5.790   1.00 44.37  ? 122 PRO A CA  1 
ATOM   741  C  C   . PRO A 1 98  ? -4.234  -1.804  5.856   1.00 44.84  ? 122 PRO A C   1 
ATOM   742  O  O   . PRO A 1 98  ? -3.448  -2.727  5.980   1.00 50.48  ? 122 PRO A O   1 
ATOM   743  C  CB  . PRO A 1 98  ? -6.354  -1.724  7.101   1.00 43.91  ? 122 PRO A CB  1 
ATOM   744  C  CG  . PRO A 1 98  ? -6.134  -2.923  7.989   1.00 43.61  ? 122 PRO A CG  1 
ATOM   745  C  CD  . PRO A 1 98  ? -6.181  -4.129  7.109   1.00 43.24  ? 122 PRO A CD  1 
ATOM   746  N  N   . TYR A 1 99  ? -3.855  -0.536  5.764   1.00 43.98  ? 123 TYR A N   1 
ATOM   747  C  CA  . TYR A 1 99  ? -2.508  -0.108  6.115   1.00 46.22  ? 123 TYR A CA  1 
ATOM   748  C  C   . TYR A 1 99  ? -2.593  0.411   7.526   1.00 49.16  ? 123 TYR A C   1 
ATOM   749  O  O   . TYR A 1 99  ? -2.713  1.626   7.772   1.00 51.05  ? 123 TYR A O   1 
ATOM   750  C  CB  . TYR A 1 99  ? -1.973  0.993   5.202   1.00 49.14  ? 123 TYR A CB  1 
ATOM   751  C  CG  . TYR A 1 99  ? -1.519  0.510   3.849   1.00 54.77  ? 123 TYR A CG  1 
ATOM   752  C  CD1 . TYR A 1 99  ? -0.607  -0.539  3.740   1.00 59.65  ? 123 TYR A CD1 1 
ATOM   753  C  CD2 . TYR A 1 99  ? -1.977  1.110   2.673   1.00 53.19  ? 123 TYR A CD2 1 
ATOM   754  C  CE1 . TYR A 1 99  ? -0.180  -0.990  2.505   1.00 57.18  ? 123 TYR A CE1 1 
ATOM   755  C  CE2 . TYR A 1 99  ? -1.556  0.657   1.430   1.00 51.42  ? 123 TYR A CE2 1 
ATOM   756  C  CZ  . TYR A 1 99  ? -0.653  -0.391  1.362   1.00 56.39  ? 123 TYR A CZ  1 
ATOM   757  O  OH  . TYR A 1 99  ? -0.205  -0.858  0.155   1.00 61.62  ? 123 TYR A OH  1 
ATOM   758  N  N   . ASP A 1 100 ? -2.579  -0.511  8.467   1.00 48.86  ? 124 ASP A N   1 
ATOM   759  C  CA  . ASP A 1 100 ? -2.441  -0.111  9.833   1.00 54.46  ? 124 ASP A CA  1 
ATOM   760  C  C   . ASP A 1 100 ? -1.681  -1.184  10.641  1.00 58.44  ? 124 ASP A C   1 
ATOM   761  O  O   . ASP A 1 100 ? -1.021  -2.058  10.059  1.00 61.37  ? 124 ASP A O   1 
ATOM   762  C  CB  . ASP A 1 100 ? -3.824  0.216   10.389  1.00 56.52  ? 124 ASP A CB  1 
ATOM   763  C  CG  . ASP A 1 100 ? -4.678  -1.029  10.661  1.00 59.41  ? 124 ASP A CG  1 
ATOM   764  O  OD1 . ASP A 1 100 ? -4.158  -2.173  10.623  1.00 61.20  ? 124 ASP A OD1 1 
ATOM   765  O  OD2 . ASP A 1 100 ? -5.887  -0.837  10.923  1.00 56.85  ? 124 ASP A OD2 1 
ATOM   766  N  N   . ILE A 1 101 ? -1.788  -1.101  11.966  1.00 55.17  ? 125 ILE A N   1 
ATOM   767  C  CA  . ILE A 1 101 ? -1.012  -1.909  12.890  1.00 59.28  ? 125 ILE A CA  1 
ATOM   768  C  C   . ILE A 1 101 ? -1.971  -2.830  13.654  1.00 57.56  ? 125 ILE A C   1 
ATOM   769  O  O   . ILE A 1 101 ? -2.752  -2.365  14.480  1.00 65.01  ? 125 ILE A O   1 
ATOM   770  C  CB  . ILE A 1 101 ? -0.267  -0.997  13.917  1.00 59.90  ? 125 ILE A CB  1 
ATOM   771  C  CG1 . ILE A 1 101 ? 0.418   0.179   13.213  1.00 58.22  ? 125 ILE A CG1 1 
ATOM   772  C  CG2 . ILE A 1 101 ? 0.762   -1.791  14.713  1.00 58.71  ? 125 ILE A CG2 1 
ATOM   773  C  CD1 . ILE A 1 101 ? 1.247   1.048   14.128  1.00 58.08  ? 125 ILE A CD1 1 
ATOM   774  N  N   . PRO A 1 102 ? -1.928  -4.136  13.389  1.00 53.44  ? 126 PRO A N   1 
ATOM   775  C  CA  . PRO A 1 102 ? -2.826  -4.962  14.174  1.00 54.98  ? 126 PRO A CA  1 
ATOM   776  C  C   . PRO A 1 102 ? -2.687  -4.711  15.689  1.00 61.37  ? 126 PRO A C   1 
ATOM   777  O  O   . PRO A 1 102 ? -1.584  -4.435  16.173  1.00 58.51  ? 126 PRO A O   1 
ATOM   778  C  CB  . PRO A 1 102 ? -2.399  -6.398  13.809  1.00 56.52  ? 126 PRO A CB  1 
ATOM   779  C  CG  . PRO A 1 102 ? -1.385  -6.301  12.700  1.00 53.17  ? 126 PRO A CG  1 
ATOM   780  C  CD  . PRO A 1 102 ? -1.318  -4.870  12.264  1.00 55.14  ? 126 PRO A CD  1 
ATOM   781  N  N   . GLU A 1 103 ? -3.792  -4.803  16.430  1.00 73.93  ? 127 GLU A N   1 
ATOM   782  C  CA  . GLU A 1 103 ? -3.764  -4.573  17.890  1.00 75.77  ? 127 GLU A CA  1 
ATOM   783  C  C   . GLU A 1 103 ? -2.873  -5.619  18.599  1.00 68.50  ? 127 GLU A C   1 
ATOM   784  O  O   . GLU A 1 103 ? -2.326  -5.333  19.656  1.00 72.73  ? 127 GLU A O   1 
ATOM   785  C  CB  . GLU A 1 103 ? -5.180  -4.547  18.543  1.00 80.69  ? 127 GLU A CB  1 
ATOM   786  C  CG  . GLU A 1 103 ? -6.265  -3.646  17.929  1.00 89.57  ? 127 GLU A CG  1 
ATOM   787  C  CD  . GLU A 1 103 ? -5.937  -2.140  17.853  1.00 106.12 ? 127 GLU A CD  1 
ATOM   788  O  OE1 . GLU A 1 103 ? -5.518  -1.517  18.868  1.00 108.94 ? 127 GLU A OE1 1 
ATOM   789  O  OE2 . GLU A 1 103 ? -6.143  -1.557  16.756  1.00 107.64 ? 127 GLU A OE2 1 
ATOM   790  N  N   . ASN A 1 104 ? -2.702  -6.813  18.030  1.00 58.85  ? 128 ASN A N   1 
ATOM   791  C  CA  . ASN A 1 104 ? -1.772  -7.796  18.624  1.00 60.07  ? 128 ASN A CA  1 
ATOM   792  C  C   . ASN A 1 104 ? -0.273  -7.603  18.230  1.00 65.40  ? 128 ASN A C   1 
ATOM   793  O  O   . ASN A 1 104 ? 0.529   -8.535  18.326  1.00 61.80  ? 128 ASN A O   1 
ATOM   794  C  CB  . ASN A 1 104 ? -2.208  -9.204  18.257  1.00 60.93  ? 128 ASN A CB  1 
ATOM   795  C  CG  . ASN A 1 104 ? -2.222  -9.432  16.755  1.00 72.45  ? 128 ASN A CG  1 
ATOM   796  O  OD1 . ASN A 1 104 ? -2.799  -8.631  16.010  1.00 79.44  ? 128 ASN A OD1 1 
ATOM   797  N  ND2 . ASN A 1 104 ? -1.593  -10.519 16.299  1.00 74.31  ? 128 ASN A ND2 1 
ATOM   798  N  N   . SER A 1 105 ? 0.111   -6.402  17.802  1.00 63.76  ? 129 SER A N   1 
ATOM   799  C  CA  . SER A 1 105 ? 1.433   -6.190  17.250  1.00 61.04  ? 129 SER A CA  1 
ATOM   800  C  C   . SER A 1 105 ? 2.439   -5.893  18.351  1.00 63.79  ? 129 SER A C   1 
ATOM   801  O  O   . SER A 1 105 ? 2.130   -5.190  19.308  1.00 70.10  ? 129 SER A O   1 
ATOM   802  C  CB  . SER A 1 105 ? 1.408   -5.037  16.240  1.00 66.14  ? 129 SER A CB  1 
ATOM   803  O  OG  . SER A 1 105 ? 0.659   -5.372  15.074  1.00 62.27  ? 129 SER A OG  1 
ATOM   804  N  N   . THR A 1 106 ? 3.648   -6.425  18.200  1.00 62.03  ? 130 THR A N   1 
ATOM   805  C  CA  . THR A 1 106 ? 4.735   -6.207  19.149  1.00 55.10  ? 130 THR A CA  1 
ATOM   806  C  C   . THR A 1 106 ? 5.370   -4.855  18.909  1.00 54.45  ? 130 THR A C   1 
ATOM   807  O  O   . THR A 1 106 ? 5.871   -4.584  17.824  1.00 56.76  ? 130 THR A O   1 
ATOM   808  C  CB  . THR A 1 106 ? 5.834   -7.243  18.948  1.00 51.60  ? 130 THR A CB  1 
ATOM   809  O  OG1 . THR A 1 106 ? 5.239   -8.528  18.804  1.00 51.12  ? 130 THR A OG1 1 
ATOM   810  C  CG2 . THR A 1 106 ? 6.785   -7.260  20.114  1.00 53.53  ? 130 THR A CG2 1 
ATOM   811  N  N   . TYR A 1 107 ? 5.336   -3.997  19.917  1.00 55.78  ? 131 TYR A N   1 
ATOM   812  C  CA  . TYR A 1 107 ? 6.069   -2.734  19.872  1.00 56.27  ? 131 TYR A CA  1 
ATOM   813  C  C   . TYR A 1 107 ? 7.530   -3.082  19.690  1.00 57.26  ? 131 TYR A C   1 
ATOM   814  O  O   . TYR A 1 107 ? 7.971   -4.102  20.206  1.00 58.34  ? 131 TYR A O   1 
ATOM   815  C  CB  . TYR A 1 107 ? 5.877   -1.990  21.184  1.00 53.83  ? 131 TYR A CB  1 
ATOM   816  C  CG  . TYR A 1 107 ? 6.695   -0.744  21.332  1.00 54.76  ? 131 TYR A CG  1 
ATOM   817  C  CD1 . TYR A 1 107 ? 6.409   0.380   20.588  1.00 56.17  ? 131 TYR A CD1 1 
ATOM   818  C  CD2 . TYR A 1 107 ? 7.732   -0.671  22.244  1.00 58.08  ? 131 TYR A CD2 1 
ATOM   819  C  CE1 . TYR A 1 107 ? 7.138   1.541   20.728  1.00 53.99  ? 131 TYR A CE1 1 
ATOM   820  C  CE2 . TYR A 1 107 ? 8.470   0.488   22.393  1.00 58.78  ? 131 TYR A CE2 1 
ATOM   821  C  CZ  . TYR A 1 107 ? 8.154   1.595   21.633  1.00 57.94  ? 131 TYR A CZ  1 
ATOM   822  O  OH  . TYR A 1 107 ? 8.880   2.761   21.754  1.00 64.20  ? 131 TYR A OH  1 
ATOM   823  N  N   . GLU A 1 108 ? 8.267   -2.272  18.934  1.00 58.13  ? 132 GLU A N   1 
ATOM   824  C  CA  . GLU A 1 108 ? 9.709   -2.480  18.752  1.00 57.11  ? 132 GLU A CA  1 
ATOM   825  C  C   . GLU A 1 108 ? 10.552  -1.258  19.145  1.00 58.35  ? 132 GLU A C   1 
ATOM   826  O  O   . GLU A 1 108 ? 11.572  -1.409  19.776  1.00 60.98  ? 132 GLU A O   1 
ATOM   827  C  CB  . GLU A 1 108 ? 10.034  -2.864  17.311  1.00 57.43  ? 132 GLU A CB  1 
ATOM   828  C  CG  . GLU A 1 108 ? 9.417   -4.164  16.827  1.00 62.04  ? 132 GLU A CG  1 
ATOM   829  C  CD  . GLU A 1 108 ? 10.207  -5.403  17.226  1.00 64.29  ? 132 GLU A CD  1 
ATOM   830  O  OE1 . GLU A 1 108 ? 10.904  -5.379  18.258  1.00 67.04  ? 132 GLU A OE1 1 
ATOM   831  O  OE2 . GLU A 1 108 ? 10.128  -6.414  16.499  1.00 68.76  ? 132 GLU A OE2 1 
ATOM   832  N  N   . ASP A 1 109 ? 10.166  -0.050  18.768  1.00 56.66  ? 133 ASP A N   1 
ATOM   833  C  CA  . ASP A 1 109 ? 11.030  1.077   19.054  1.00 58.63  ? 133 ASP A CA  1 
ATOM   834  C  C   . ASP A 1 109 ? 10.400  2.425   18.683  1.00 56.82  ? 133 ASP A C   1 
ATOM   835  O  O   . ASP A 1 109 ? 9.434   2.487   17.945  1.00 60.88  ? 133 ASP A O   1 
ATOM   836  C  CB  . ASP A 1 109 ? 12.357  0.889   18.308  1.00 61.74  ? 133 ASP A CB  1 
ATOM   837  C  CG  . ASP A 1 109 ? 13.450  1.827   18.799  1.00 71.65  ? 133 ASP A CG  1 
ATOM   838  O  OD1 . ASP A 1 109 ? 13.443  2.202   19.997  1.00 76.52  ? 133 ASP A OD1 1 
ATOM   839  O  OD2 . ASP A 1 109 ? 14.331  2.185   17.981  1.00 71.68  ? 133 ASP A OD2 1 
ATOM   840  N  N   . GLN A 1 110 ? 10.947  3.502   19.223  1.00 56.53  ? 134 GLN A N   1 
ATOM   841  C  CA  . GLN A 1 110 ? 10.585  4.841   18.789  1.00 61.09  ? 134 GLN A CA  1 
ATOM   842  C  C   . GLN A 1 110 ? 11.851  5.661   18.557  1.00 56.17  ? 134 GLN A C   1 
ATOM   843  O  O   . GLN A 1 110 ? 12.816  5.587   19.308  1.00 53.02  ? 134 GLN A O   1 
ATOM   844  C  CB  . GLN A 1 110 ? 9.682   5.542   19.809  1.00 64.99  ? 134 GLN A CB  1 
ATOM   845  C  CG  . GLN A 1 110 ? 9.501   7.024   19.499  1.00 68.83  ? 134 GLN A CG  1 
ATOM   846  C  CD  . GLN A 1 110 ? 8.557   7.744   20.440  1.00 69.54  ? 134 GLN A CD  1 
ATOM   847  O  OE1 . GLN A 1 110 ? 7.655   7.146   21.019  1.00 70.60  ? 134 GLN A OE1 1 
ATOM   848  N  NE2 . GLN A 1 110 ? 8.755   9.048   20.580  1.00 70.48  ? 134 GLN A NE2 1 
ATOM   849  N  N   . TYR A 1 111 ? 11.829  6.452   17.503  1.00 55.51  ? 135 TYR A N   1 
ATOM   850  C  CA  . TYR A 1 111 ? 12.998  7.184   17.115  1.00 56.09  ? 135 TYR A CA  1 
ATOM   851  C  C   . TYR A 1 111 ? 12.620  8.360   16.239  1.00 59.45  ? 135 TYR A C   1 
ATOM   852  O  O   . TYR A 1 111 ? 11.481  8.457   15.774  1.00 62.42  ? 135 TYR A O   1 
ATOM   853  C  CB  . TYR A 1 111 ? 13.987  6.261   16.405  1.00 54.75  ? 135 TYR A CB  1 
ATOM   854  C  CG  . TYR A 1 111 ? 13.439  5.386   15.280  1.00 54.20  ? 135 TYR A CG  1 
ATOM   855  C  CD1 . TYR A 1 111 ? 13.258  5.886   14.005  1.00 56.61  ? 135 TYR A CD1 1 
ATOM   856  C  CD2 . TYR A 1 111 ? 13.207  4.034   15.478  1.00 55.05  ? 135 TYR A CD2 1 
ATOM   857  C  CE1 . TYR A 1 111 ? 12.820  5.079   12.972  1.00 54.52  ? 135 TYR A CE1 1 
ATOM   858  C  CE2 . TYR A 1 111 ? 12.770  3.226   14.458  1.00 54.06  ? 135 TYR A CE2 1 
ATOM   859  C  CZ  . TYR A 1 111 ? 12.574  3.759   13.209  1.00 54.87  ? 135 TYR A CZ  1 
ATOM   860  O  OH  . TYR A 1 111 ? 12.132  2.950   12.189  1.00 64.12  ? 135 TYR A OH  1 
ATOM   861  N  N   . TYR A 1 112 ? 13.594  9.243   16.036  1.00 57.32  ? 136 TYR A N   1 
ATOM   862  C  CA  . TYR A 1 112 ? 13.420  10.437  15.255  1.00 59.33  ? 136 TYR A CA  1 
ATOM   863  C  C   . TYR A 1 112 ? 14.101  10.169  13.918  1.00 60.23  ? 136 TYR A C   1 
ATOM   864  O  O   . TYR A 1 112 ? 15.253  9.710   13.869  1.00 57.42  ? 136 TYR A O   1 
ATOM   865  C  CB  . TYR A 1 112 ? 14.009  11.646  16.007  1.00 64.08  ? 136 TYR A CB  1 
ATOM   866  C  CG  . TYR A 1 112 ? 13.177  12.003  17.238  1.00 81.84  ? 136 TYR A CG  1 
ATOM   867  C  CD1 . TYR A 1 112 ? 12.978  11.069  18.275  1.00 92.51  ? 136 TYR A CD1 1 
ATOM   868  C  CD2 . TYR A 1 112 ? 12.550  13.247  17.356  1.00 91.64  ? 136 TYR A CD2 1 
ATOM   869  C  CE1 . TYR A 1 112 ? 12.200  11.366  19.385  1.00 95.80  ? 136 TYR A CE1 1 
ATOM   870  C  CE2 . TYR A 1 112 ? 11.770  13.555  18.468  1.00 97.22  ? 136 TYR A CE2 1 
ATOM   871  C  CZ  . TYR A 1 112 ? 11.601  12.614  19.478  1.00 103.81 ? 136 TYR A CZ  1 
ATOM   872  O  OH  . TYR A 1 112 ? 10.826  12.914  20.580  1.00 112.79 ? 136 TYR A OH  1 
ATOM   873  N  N   . ILE A 1 113 ? 13.366  10.411  12.835  1.00 58.31  ? 137 ILE A N   1 
ATOM   874  C  CA  . ILE A 1 113 ? 13.913  10.325  11.473  1.00 55.46  ? 137 ILE A CA  1 
ATOM   875  C  C   . ILE A 1 113 ? 14.397  11.717  11.129  1.00 55.28  ? 137 ILE A C   1 
ATOM   876  O  O   . ILE A 1 113 ? 13.849  12.689  11.625  1.00 55.63  ? 137 ILE A O   1 
ATOM   877  C  CB  . ILE A 1 113 ? 12.839  9.818   10.471  1.00 53.70  ? 137 ILE A CB  1 
ATOM   878  C  CG1 . ILE A 1 113 ? 12.716  8.303   10.562  1.00 58.71  ? 137 ILE A CG1 1 
ATOM   879  C  CG2 . ILE A 1 113 ? 13.191  10.148  9.049   1.00 53.05  ? 137 ILE A CG2 1 
ATOM   880  C  CD1 . ILE A 1 113 ? 11.464  7.751   9.930   1.00 63.69  ? 137 ILE A CD1 1 
ATOM   881  N  N   . GLY A 1 114 ? 15.443  11.811  10.316  1.00 60.57  ? 138 GLY A N   1 
ATOM   882  C  CA  . GLY A 1 114 ? 15.974  13.104  9.881   1.00 69.00  ? 138 GLY A CA  1 
ATOM   883  C  C   . GLY A 1 114 ? 16.800  13.846  10.924  1.00 82.19  ? 138 GLY A C   1 
ATOM   884  O  O   . GLY A 1 114 ? 16.663  13.627  12.132  1.00 87.91  ? 138 GLY A O   1 
ATOM   885  N  N   . GLY A 1 115 ? 17.643  14.752  10.445  1.00 91.25  ? 139 GLY A N   1 
ATOM   886  C  CA  . GLY A 1 115 ? 18.567  15.482  11.301  1.00 96.70  ? 139 GLY A CA  1 
ATOM   887  C  C   . GLY A 1 115 ? 17.962  16.524  12.220  1.00 99.58  ? 139 GLY A C   1 
ATOM   888  O  O   . GLY A 1 115 ? 16.775  16.828  12.115  1.00 91.20  ? 139 GLY A O   1 
ATOM   889  N  N   . PRO A 1 116 ? 18.807  17.126  13.040  1.00 107.97 ? 140 PRO A N   1 
ATOM   890  C  CA  . PRO A 1 116 ? 18.403  18.130  14.022  1.00 104.70 ? 140 PRO A CA  1 
ATOM   891  C  C   . PRO A 1 116 ? 17.697  19.329  13.423  1.00 102.07 ? 140 PRO A C   1 
ATOM   892  O  O   . PRO A 1 116 ? 18.154  19.893  12.446  1.00 92.93  ? 140 PRO A O   1 
ATOM   893  C  CB  . PRO A 1 116 ? 19.735  18.573  14.602  1.00 105.52 ? 140 PRO A CB  1 
ATOM   894  C  CG  . PRO A 1 116 ? 20.638  17.404  14.405  1.00 107.79 ? 140 PRO A CG  1 
ATOM   895  C  CD  . PRO A 1 116 ? 20.251  16.861  13.078  1.00 103.98 ? 140 PRO A CD  1 
ATOM   896  N  N   . GLY A 1 117 ? 16.591  19.726  14.031  1.00 95.54  ? 141 GLY A N   1 
ATOM   897  C  CA  . GLY A 1 117 ? 15.812  20.832  13.524  1.00 101.51 ? 141 GLY A CA  1 
ATOM   898  C  C   . GLY A 1 117 ? 14.648  20.373  12.675  1.00 113.26 ? 141 GLY A C   1 
ATOM   899  O  O   . GLY A 1 117 ? 13.489  20.569  13.037  1.00 117.82 ? 141 GLY A O   1 
ATOM   900  N  N   . ASP A 1 118 ? 14.950  19.761  11.538  1.00 117.02 ? 142 ASP A N   1 
ATOM   901  C  CA  . ASP A 1 118 ? 13.918  19.196  10.688  1.00 112.49 ? 142 ASP A CA  1 
ATOM   902  C  C   . ASP A 1 118 ? 13.906  17.708  10.855  1.00 95.73  ? 142 ASP A C   1 
ATOM   903  O  O   . ASP A 1 118 ? 14.583  17.008  10.133  1.00 80.24  ? 142 ASP A O   1 
ATOM   904  C  CB  . ASP A 1 118 ? 14.182  19.522  9.230   1.00 119.71 ? 142 ASP A CB  1 
ATOM   905  C  CG  . ASP A 1 118 ? 12.975  20.079  8.533   1.00 126.06 ? 142 ASP A CG  1 
ATOM   906  O  OD1 . ASP A 1 118 ? 11.946  20.290  9.197   1.00 132.55 ? 142 ASP A OD1 1 
ATOM   907  O  OD2 . ASP A 1 118 ? 13.065  20.322  7.317   1.00 120.01 ? 142 ASP A OD2 1 
ATOM   908  N  N   . GLN A 1 119 ? 13.140  17.239  11.825  1.00 87.11  ? 143 GLN A N   1 
ATOM   909  C  CA  . GLN A 1 119 ? 12.992  15.826  12.072  1.00 80.48  ? 143 GLN A CA  1 
ATOM   910  C  C   . GLN A 1 119 ? 11.637  15.533  12.620  1.00 75.53  ? 143 GLN A C   1 
ATOM   911  O  O   . GLN A 1 119 ? 10.806  16.393  12.702  1.00 81.10  ? 143 GLN A O   1 
ATOM   912  C  CB  . GLN A 1 119 ? 14.046  15.331  13.031  1.00 87.55  ? 143 GLN A CB  1 
ATOM   913  C  CG  . GLN A 1 119 ? 13.861  15.823  14.442  1.00 89.53  ? 143 GLN A CG  1 
ATOM   914  C  CD  . GLN A 1 119 ? 15.173  15.873  15.174  1.00 91.64  ? 143 GLN A CD  1 
ATOM   915  O  OE1 . GLN A 1 119 ? 16.230  15.765  14.565  1.00 89.03  ? 143 GLN A OE1 1 
ATOM   916  N  NE2 . GLN A 1 119 ? 15.114  16.038  16.481  1.00 91.13  ? 143 GLN A NE2 1 
ATOM   917  N  N   . ILE A 1 120 ? 11.411  14.301  13.006  1.00 71.64  ? 144 ILE A N   1 
ATOM   918  C  CA  . ILE A 1 120 ? 10.050  13.815  13.155  1.00 64.11  ? 144 ILE A CA  1 
ATOM   919  C  C   . ILE A 1 120 ? 10.034  12.468  13.864  1.00 65.70  ? 144 ILE A C   1 
ATOM   920  O  O   . ILE A 1 120 ? 10.755  11.546  13.463  1.00 61.88  ? 144 ILE A O   1 
ATOM   921  C  CB  . ILE A 1 120 ? 9.435   13.688  11.763  1.00 66.38  ? 144 ILE A CB  1 
ATOM   922  C  CG1 . ILE A 1 120 ? 8.044   13.080  11.793  1.00 68.33  ? 144 ILE A CG1 1 
ATOM   923  C  CG2 . ILE A 1 120 ? 10.325  12.841  10.861  1.00 72.72  ? 144 ILE A CG2 1 
ATOM   924  C  CD1 . ILE A 1 120 ? 7.486   12.921  10.387  1.00 68.19  ? 144 ILE A CD1 1 
ATOM   925  N  N   . PRO A 1 121 ? 9.243   12.354  14.947  1.00 63.30  ? 145 PRO A N   1 
ATOM   926  C  CA  . PRO A 1 121 ? 9.238   11.101  15.689  1.00 64.64  ? 145 PRO A CA  1 
ATOM   927  C  C   . PRO A 1 121 ? 8.289   10.088  15.077  1.00 59.49  ? 145 PRO A C   1 
ATOM   928  O  O   . PRO A 1 121 ? 7.174   10.461  14.684  1.00 60.16  ? 145 PRO A O   1 
ATOM   929  C  CB  . PRO A 1 121 ? 8.755   11.517  17.093  1.00 65.01  ? 145 PRO A CB  1 
ATOM   930  C  CG  . PRO A 1 121 ? 7.912   12.708  16.859  1.00 62.49  ? 145 PRO A CG  1 
ATOM   931  C  CD  . PRO A 1 121 ? 8.469   13.402  15.635  1.00 61.46  ? 145 PRO A CD  1 
ATOM   932  N  N   . VAL A 1 122 ? 8.734   8.828   15.040  1.00 55.66  ? 146 VAL A N   1 
ATOM   933  C  CA  . VAL A 1 122 ? 7.985   7.700   14.466  1.00 55.84  ? 146 VAL A CA  1 
ATOM   934  C  C   . VAL A 1 122 ? 8.094   6.504   15.393  1.00 54.63  ? 146 VAL A C   1 
ATOM   935  O  O   . VAL A 1 122 ? 8.795   6.544   16.403  1.00 56.61  ? 146 VAL A O   1 
ATOM   936  C  CB  . VAL A 1 122 ? 8.541   7.272   13.082  1.00 58.86  ? 146 VAL A CB  1 
ATOM   937  C  CG1 . VAL A 1 122 ? 8.694   8.475   12.153  1.00 59.30  ? 146 VAL A CG1 1 
ATOM   938  C  CG2 . VAL A 1 122 ? 9.887   6.561   13.220  1.00 59.75  ? 146 VAL A CG2 1 
ATOM   939  N  N   . GLN A 1 123 ? 7.432   5.422   15.017  1.00 51.81  ? 147 GLN A N   1 
ATOM   940  C  CA  . GLN A 1 123 ? 7.344   4.246   15.846  1.00 50.19  ? 147 GLN A CA  1 
ATOM   941  C  C   . GLN A 1 123 ? 7.468   3.010   14.998  1.00 50.64  ? 147 GLN A C   1 
ATOM   942  O  O   . GLN A 1 123 ? 7.041   2.999   13.845  1.00 55.31  ? 147 GLN A O   1 
ATOM   943  C  CB  . GLN A 1 123 ? 5.988   4.206   16.513  1.00 53.34  ? 147 GLN A CB  1 
ATOM   944  C  CG  . GLN A 1 123 ? 5.976   4.800   17.900  1.00 62.19  ? 147 GLN A CG  1 
ATOM   945  C  CD  . GLN A 1 123 ? 4.600   4.720   18.552  1.00 68.12  ? 147 GLN A CD  1 
ATOM   946  O  OE1 . GLN A 1 123 ? 3.664   4.109   18.002  1.00 59.51  ? 147 GLN A OE1 1 
ATOM   947  N  NE2 . GLN A 1 123 ? 4.469   5.344   19.738  1.00 65.41  ? 147 GLN A NE2 1 
ATOM   948  N  N   . GLU A 1 124 ? 7.995   1.949   15.583  1.00 45.25  ? 148 GLU A N   1 
ATOM   949  C  CA  . GLU A 1 124 ? 8.196   0.736   14.852  1.00 48.64  ? 148 GLU A CA  1 
ATOM   950  C  C   . GLU A 1 124 ? 7.498   -0.370  15.568  1.00 48.36  ? 148 GLU A C   1 
ATOM   951  O  O   . GLU A 1 124 ? 7.759   -0.615  16.744  1.00 45.47  ? 148 GLU A O   1 
ATOM   952  C  CB  . GLU A 1 124 ? 9.683   0.408   14.758  1.00 56.14  ? 148 GLU A CB  1 
ATOM   953  C  CG  . GLU A 1 124 ? 10.013  -0.720  13.776  1.00 59.31  ? 148 GLU A CG  1 
ATOM   954  C  CD  . GLU A 1 124 ? 11.400  -0.571  13.153  1.00 64.72  ? 148 GLU A CD  1 
ATOM   955  O  OE1 . GLU A 1 124 ? 11.760  0.553   12.697  1.00 60.82  ? 148 GLU A OE1 1 
ATOM   956  O  OE2 . GLU A 1 124 ? 12.134  -1.587  13.090  1.00 62.10  ? 148 GLU A OE2 1 
ATOM   957  N  N   . TRP A 1 125 ? 6.624   -1.053  14.840  1.00 47.39  ? 149 TRP A N   1 
ATOM   958  C  CA  . TRP A 1 125 ? 5.978   -2.236  15.343  1.00 47.62  ? 149 TRP A CA  1 
ATOM   959  C  C   . TRP A 1 125 ? 6.259   -3.360  14.399  1.00 48.51  ? 149 TRP A C   1 
ATOM   960  O  O   . TRP A 1 125 ? 6.644   -3.118  13.255  1.00 52.98  ? 149 TRP A O   1 
ATOM   961  C  CB  . TRP A 1 125 ? 4.483   -1.995  15.383  1.00 50.72  ? 149 TRP A CB  1 
ATOM   962  C  CG  . TRP A 1 125 ? 4.080   -0.940  16.364  1.00 47.57  ? 149 TRP A CG  1 
ATOM   963  C  CD1 . TRP A 1 125 ? 4.256   0.406   16.241  1.00 45.63  ? 149 TRP A CD1 1 
ATOM   964  C  CD2 . TRP A 1 125 ? 3.433   -1.156  17.613  1.00 47.99  ? 149 TRP A CD2 1 
ATOM   965  N  NE1 . TRP A 1 125 ? 3.756   1.048   17.341  1.00 44.87  ? 149 TRP A NE1 1 
ATOM   966  C  CE2 . TRP A 1 125 ? 3.238   0.114   18.203  1.00 47.42  ? 149 TRP A CE2 1 
ATOM   967  C  CE3 . TRP A 1 125 ? 2.986   -2.304  18.293  1.00 51.00  ? 149 TRP A CE3 1 
ATOM   968  C  CZ2 . TRP A 1 125 ? 2.617   0.284   19.460  1.00 48.92  ? 149 TRP A CZ2 1 
ATOM   969  C  CZ3 . TRP A 1 125 ? 2.364   -2.136  19.548  1.00 55.35  ? 149 TRP A CZ3 1 
ATOM   970  C  CH2 . TRP A 1 125 ? 2.201   -0.841  20.120  1.00 50.18  ? 149 TRP A CH2 1 
ATOM   971  N  N   . SER A 1 126 ? 6.052   -4.587  14.872  1.00 49.31  ? 150 SER A N   1 
ATOM   972  C  CA  . SER A 1 126 ? 6.180   -5.794  14.049  1.00 47.54  ? 150 SER A CA  1 
ATOM   973  C  C   . SER A 1 126 ? 5.280   -6.909  14.540  1.00 50.81  ? 150 SER A C   1 
ATOM   974  O  O   . SER A 1 126 ? 4.612   -6.794  15.572  1.00 51.49  ? 150 SER A O   1 
ATOM   975  C  CB  . SER A 1 126 ? 7.585   -6.315  14.161  1.00 50.90  ? 150 SER A CB  1 
ATOM   976  O  OG  . SER A 1 126 ? 7.731   -7.018  15.383  1.00 50.37  ? 150 SER A OG  1 
ATOM   977  N  N   . ASP A 1 127 ? 5.309   -8.023  13.830  1.00 54.45  ? 151 ASP A N   1 
ATOM   978  C  CA  . ASP A 1 127 ? 4.584   -9.211  14.263  1.00 56.69  ? 151 ASP A CA  1 
ATOM   979  C  C   . ASP A 1 127 ? 5.560   -10.218 14.882  1.00 59.36  ? 151 ASP A C   1 
ATOM   980  O  O   . ASP A 1 127 ? 5.378   -11.438 14.798  1.00 59.89  ? 151 ASP A O   1 
ATOM   981  C  CB  . ASP A 1 127 ? 3.761   -9.813  13.105  1.00 56.80  ? 151 ASP A CB  1 
ATOM   982  C  CG  . ASP A 1 127 ? 4.634   -10.397 11.967  1.00 59.60  ? 151 ASP A CG  1 
ATOM   983  O  OD1 . ASP A 1 127 ? 5.865   -10.483 12.094  1.00 54.88  ? 151 ASP A OD1 1 
ATOM   984  O  OD2 . ASP A 1 127 ? 4.069   -10.797 10.926  1.00 69.53  ? 151 ASP A OD2 1 
ATOM   985  N  N   . ARG A 1 128 ? 6.611   -9.711  15.511  1.00 59.85  ? 152 ARG A N   1 
ATOM   986  C  CA  . ARG A 1 128 ? 7.554   -10.596 16.168  1.00 58.79  ? 152 ARG A CA  1 
ATOM   987  C  C   . ARG A 1 128 ? 6.900   -11.284 17.341  1.00 58.73  ? 152 ARG A C   1 
ATOM   988  O  O   . ARG A 1 128 ? 6.321   -10.639 18.203  1.00 54.79  ? 152 ARG A O   1 
ATOM   989  C  CB  . ARG A 1 128 ? 8.749   -9.827  16.695  1.00 56.58  ? 152 ARG A CB  1 
ATOM   990  C  CG  . ARG A 1 128 ? 9.698   -10.692 17.505  1.00 55.48  ? 152 ARG A CG  1 
ATOM   991  C  CD  . ARG A 1 128 ? 11.065  -10.055 17.549  1.00 57.43  ? 152 ARG A CD  1 
ATOM   992  N  NE  . ARG A 1 128 ? 11.111  -8.812  18.320  1.00 54.93  ? 152 ARG A NE  1 
ATOM   993  C  CZ  . ARG A 1 128 ? 11.251  -8.762  19.641  1.00 60.26  ? 152 ARG A CZ  1 
ATOM   994  N  NH1 . ARG A 1 128 ? 11.334  -9.892  20.364  1.00 62.77  ? 152 ARG A NH1 1 
ATOM   995  N  NH2 . ARG A 1 128 ? 11.293  -7.579  20.245  1.00 60.98  ? 152 ARG A NH2 1 
ATOM   996  N  N   . LYS A 1 129 ? 7.021   -12.597 17.371  1.00 63.96  ? 153 LYS A N   1 
ATOM   997  C  CA  . LYS A 1 129 ? 6.777   -13.353 18.594  1.00 71.80  ? 153 LYS A CA  1 
ATOM   998  C  C   . LYS A 1 129 ? 7.939   -14.337 18.804  1.00 71.59  ? 153 LYS A C   1 
ATOM   999  O  O   . LYS A 1 129 ? 8.584   -14.767 17.829  1.00 59.86  ? 153 LYS A O   1 
ATOM   1000 C  CB  . LYS A 1 129 ? 5.429   -14.066 18.542  1.00 77.58  ? 153 LYS A CB  1 
ATOM   1001 C  CG  . LYS A 1 129 ? 5.276   -15.075 17.411  1.00 82.88  ? 153 LYS A CG  1 
ATOM   1002 C  CD  . LYS A 1 129 ? 3.809   -15.439 17.217  1.00 90.87  ? 153 LYS A CD  1 
ATOM   1003 C  CE  . LYS A 1 129 ? 3.495   -15.852 15.793  1.00 97.65  ? 153 LYS A CE  1 
ATOM   1004 N  NZ  . LYS A 1 129 ? 2.049   -15.669 15.495  1.00 106.06 ? 153 LYS A NZ  1 
ATOM   1005 N  N   . PRO A 1 130 ? 8.219   -14.691 20.076  1.00 71.81  ? 154 PRO A N   1 
ATOM   1006 C  CA  . PRO A 1 130 ? 9.450   -15.428 20.346  1.00 74.65  ? 154 PRO A CA  1 
ATOM   1007 C  C   . PRO A 1 130 ? 9.422   -16.850 19.779  1.00 83.28  ? 154 PRO A C   1 
ATOM   1008 O  O   . PRO A 1 130 ? 10.473  -17.490 19.679  1.00 72.44  ? 154 PRO A O   1 
ATOM   1009 C  CB  . PRO A 1 130 ? 9.543   -15.430 21.875  1.00 75.44  ? 154 PRO A CB  1 
ATOM   1010 C  CG  . PRO A 1 130 ? 8.321   -14.712 22.384  1.00 77.92  ? 154 PRO A CG  1 
ATOM   1011 C  CD  . PRO A 1 130 ? 7.343   -14.646 21.256  1.00 76.37  ? 154 PRO A CD  1 
ATOM   1012 N  N   . ALA A 1 131 ? 8.229   -17.316 19.388  1.00 98.41  ? 155 ALA A N   1 
ATOM   1013 C  CA  . ALA A 1 131 ? 8.049   -18.616 18.710  1.00 103.14 ? 155 ALA A CA  1 
ATOM   1014 C  C   . ALA A 1 131 ? 8.797   -18.762 17.382  1.00 98.86  ? 155 ALA A C   1 
ATOM   1015 O  O   . ALA A 1 131 ? 9.220   -19.859 17.044  1.00 102.22 ? 155 ALA A O   1 
ATOM   1016 C  CB  . ALA A 1 131 ? 6.563   -18.894 18.490  1.00 102.14 ? 155 ALA A CB  1 
ATOM   1017 N  N   . ARG A 1 132 ? 8.946   -17.668 16.633  1.00 101.01 ? 156 ARG A N   1 
ATOM   1018 C  CA  . ARG A 1 132 ? 9.496   -17.723 15.272  1.00 95.82  ? 156 ARG A CA  1 
ATOM   1019 C  C   . ARG A 1 132 ? 10.753  -16.875 15.116  1.00 90.39  ? 156 ARG A C   1 
ATOM   1020 O  O   . ARG A 1 132 ? 10.838  -15.766 15.654  1.00 84.61  ? 156 ARG A O   1 
ATOM   1021 C  CB  . ARG A 1 132 ? 8.463   -17.229 14.278  1.00 97.30  ? 156 ARG A CB  1 
ATOM   1022 C  CG  . ARG A 1 132 ? 7.106   -17.890 14.388  1.00 105.07 ? 156 ARG A CG  1 
ATOM   1023 C  CD  . ARG A 1 132 ? 6.018   -16.887 14.055  1.00 112.76 ? 156 ARG A CD  1 
ATOM   1024 N  NE  . ARG A 1 132 ? 6.292   -16.153 12.815  1.00 112.28 ? 156 ARG A NE  1 
ATOM   1025 C  CZ  . ARG A 1 132 ? 6.523   -14.839 12.708  1.00 113.91 ? 156 ARG A CZ  1 
ATOM   1026 N  NH1 . ARG A 1 132 ? 6.519   -14.024 13.761  1.00 109.85 ? 156 ARG A NH1 1 
ATOM   1027 N  NH2 . ARG A 1 132 ? 6.759   -14.326 11.510  1.00 117.85 ? 156 ARG A NH2 1 
ATOM   1028 N  N   . LYS A 1 133 ? 11.701  -17.399 14.342  1.00 89.95  ? 157 LYS A N   1 
ATOM   1029 C  CA  . LYS A 1 133 ? 13.028  -16.792 14.172  1.00 97.68  ? 157 LYS A CA  1 
ATOM   1030 C  C   . LYS A 1 133 ? 12.992  -15.381 13.598  1.00 90.97  ? 157 LYS A C   1 
ATOM   1031 O  O   . LYS A 1 133 ? 13.728  -14.499 14.037  1.00 85.03  ? 157 LYS A O   1 
ATOM   1032 C  CB  . LYS A 1 133 ? 13.903  -17.654 13.251  1.00 105.54 ? 157 LYS A CB  1 
ATOM   1033 C  CG  . LYS A 1 133 ? 14.531  -18.866 13.922  1.00 114.10 ? 157 LYS A CG  1 
ATOM   1034 C  CD  . LYS A 1 133 ? 15.500  -19.587 12.986  1.00 124.43 ? 157 LYS A CD  1 
ATOM   1035 C  CE  . LYS A 1 133 ? 16.792  -18.811 12.751  1.00 122.37 ? 157 LYS A CE  1 
ATOM   1036 N  NZ  . LYS A 1 133 ? 17.557  -18.582 14.008  1.00 124.01 ? 157 LYS A NZ  1 
ATOM   1037 N  N   . TYR A 1 134 ? 12.143  -15.192 12.598  1.00 86.82  ? 158 TYR A N   1 
ATOM   1038 C  CA  . TYR A 1 134 ? 12.082  -13.947 11.865  1.00 83.37  ? 158 TYR A CA  1 
ATOM   1039 C  C   . TYR A 1 134 ? 10.689  -13.340 11.925  1.00 76.24  ? 158 TYR A C   1 
ATOM   1040 O  O   . TYR A 1 134 ? 9.712   -14.014 12.231  1.00 71.39  ? 158 TYR A O   1 
ATOM   1041 C  CB  . TYR A 1 134 ? 12.501  -14.206 10.422  1.00 87.21  ? 158 TYR A CB  1 
ATOM   1042 C  CG  . TYR A 1 134 ? 13.914  -14.752 10.310  1.00 93.44  ? 158 TYR A CG  1 
ATOM   1043 C  CD1 . TYR A 1 134 ? 14.991  -14.074 10.899  1.00 97.50  ? 158 TYR A CD1 1 
ATOM   1044 C  CD2 . TYR A 1 134 ? 14.183  -15.940 9.622   1.00 94.53  ? 158 TYR A CD2 1 
ATOM   1045 C  CE1 . TYR A 1 134 ? 16.285  -14.559 10.806  1.00 96.00  ? 158 TYR A CE1 1 
ATOM   1046 C  CE2 . TYR A 1 134 ? 15.479  -16.433 9.521   1.00 95.89  ? 158 TYR A CE2 1 
ATOM   1047 C  CZ  . TYR A 1 134 ? 16.523  -15.734 10.112  1.00 95.97  ? 158 TYR A CZ  1 
ATOM   1048 O  OH  . TYR A 1 134 ? 17.810  -16.203 10.023  1.00 89.16  ? 158 TYR A OH  1 
ATOM   1049 N  N   . GLU A 1 135 ? 10.616  -12.043 11.661  1.00 68.66  ? 159 GLU A N   1 
ATOM   1050 C  CA  . GLU A 1 135 ? 9.341   -11.360 11.571  1.00 58.57  ? 159 GLU A CA  1 
ATOM   1051 C  C   . GLU A 1 135 ? 8.879   -11.553 10.137  1.00 52.34  ? 159 GLU A C   1 
ATOM   1052 O  O   . GLU A 1 135 ? 9.676   -11.854 9.254   1.00 51.46  ? 159 GLU A O   1 
ATOM   1053 C  CB  . GLU A 1 135 ? 9.487   -9.881  11.912  1.00 59.77  ? 159 GLU A CB  1 
ATOM   1054 C  CG  . GLU A 1 135 ? 10.021  -9.642  13.309  1.00 65.54  ? 159 GLU A CG  1 
ATOM   1055 C  CD  . GLU A 1 135 ? 11.527  -9.898  13.431  1.00 73.47  ? 159 GLU A CD  1 
ATOM   1056 O  OE1 . GLU A 1 135 ? 12.316  -8.994  13.072  1.00 68.97  ? 159 GLU A OE1 1 
ATOM   1057 O  OE2 . GLU A 1 135 ? 11.927  -11.000 13.901  1.00 75.13  ? 159 GLU A OE2 1 
ATOM   1058 N  N   . THR A 1 136 ? 7.584   -11.451 9.919   1.00 51.01  ? 160 THR A N   1 
ATOM   1059 C  CA  . THR A 1 136 ? 7.040   -11.431 8.574   1.00 53.22  ? 160 THR A CA  1 
ATOM   1060 C  C   . THR A 1 136 ? 6.435   -10.086 8.278   1.00 50.99  ? 160 THR A C   1 
ATOM   1061 O  O   . THR A 1 136 ? 6.067   -9.853  7.156   1.00 51.83  ? 160 THR A O   1 
ATOM   1062 C  CB  . THR A 1 136 ? 5.948   -12.505 8.348   1.00 58.59  ? 160 THR A CB  1 
ATOM   1063 O  OG1 . THR A 1 136 ? 4.961   -12.439 9.389   1.00 56.03  ? 160 THR A OG1 1 
ATOM   1064 C  CG2 . THR A 1 136 ? 6.576   -13.890 8.313   1.00 60.96  ? 160 THR A CG2 1 
ATOM   1065 N  N   . TRP A 1 137 ? 6.305   -9.221  9.287   1.00 52.81  ? 161 TRP A N   1 
ATOM   1066 C  CA  . TRP A 1 137 ? 5.793   -7.858  9.104   1.00 50.57  ? 161 TRP A CA  1 
ATOM   1067 C  C   . TRP A 1 137 ? 6.587   -6.906  9.961   1.00 50.39  ? 161 TRP A C   1 
ATOM   1068 O  O   . TRP A 1 137 ? 7.021   -7.251  11.062  1.00 46.10  ? 161 TRP A O   1 
ATOM   1069 C  CB  . TRP A 1 137 ? 4.324   -7.734  9.495   1.00 49.42  ? 161 TRP A CB  1 
ATOM   1070 C  CG  . TRP A 1 137 ? 3.755   -6.420  9.103   1.00 49.61  ? 161 TRP A CG  1 
ATOM   1071 C  CD1 . TRP A 1 137 ? 3.487   -5.984  7.838   1.00 50.76  ? 161 TRP A CD1 1 
ATOM   1072 C  CD2 . TRP A 1 137 ? 3.408   -5.350  9.975   1.00 52.83  ? 161 TRP A CD2 1 
ATOM   1073 N  NE1 . TRP A 1 137 ? 2.971   -4.702  7.867   1.00 49.04  ? 161 TRP A NE1 1 
ATOM   1074 C  CE2 . TRP A 1 137 ? 2.927   -4.287  9.168   1.00 51.67  ? 161 TRP A CE2 1 
ATOM   1075 C  CE3 . TRP A 1 137 ? 3.451   -5.181  11.363  1.00 54.87  ? 161 TRP A CE3 1 
ATOM   1076 C  CZ2 . TRP A 1 137 ? 2.491   -3.085  9.705   1.00 53.88  ? 161 TRP A CZ2 1 
ATOM   1077 C  CZ3 . TRP A 1 137 ? 3.012   -3.982  11.898  1.00 54.14  ? 161 TRP A CZ3 1 
ATOM   1078 C  CH2 . TRP A 1 137 ? 2.538   -2.947  11.070  1.00 52.99  ? 161 TRP A CH2 1 
ATOM   1079 N  N   . VAL A 1 138 ? 6.805   -5.709  9.428   1.00 51.81  ? 162 VAL A N   1 
ATOM   1080 C  CA  . VAL A 1 138 ? 7.309   -4.597  10.220  1.00 50.50  ? 162 VAL A CA  1 
ATOM   1081 C  C   . VAL A 1 138 ? 6.705   -3.371  9.628   1.00 47.10  ? 162 VAL A C   1 
ATOM   1082 O  O   . VAL A 1 138 ? 6.660   -3.247  8.409   1.00 49.69  ? 162 VAL A O   1 
ATOM   1083 C  CB  . VAL A 1 138 ? 8.835   -4.420  10.152  1.00 49.46  ? 162 VAL A CB  1 
ATOM   1084 C  CG1 . VAL A 1 138 ? 9.252   -3.331  11.129  1.00 50.89  ? 162 VAL A CG1 1 
ATOM   1085 C  CG2 . VAL A 1 138 ? 9.562   -5.714  10.484  1.00 49.32  ? 162 VAL A CG2 1 
ATOM   1086 N  N   . GLY A 1 139 ? 6.276   -2.459  10.484  1.00 44.98  ? 163 GLY A N   1 
ATOM   1087 C  CA  . GLY A 1 139 ? 5.795   -1.167  10.022  1.00 47.70  ? 163 GLY A CA  1 
ATOM   1088 C  C   . GLY A 1 139 ? 6.321   -0.015  10.854  1.00 45.43  ? 163 GLY A C   1 
ATOM   1089 O  O   . GLY A 1 139 ? 6.515   -0.147  12.066  1.00 47.23  ? 163 GLY A O   1 
ATOM   1090 N  N   . VAL A 1 140 ? 6.556   1.109   10.184  1.00 43.42  ? 164 VAL A N   1 
ATOM   1091 C  CA  . VAL A 1 140 ? 6.907   2.352   10.836  1.00 42.38  ? 164 VAL A CA  1 
ATOM   1092 C  C   . VAL A 1 140 ? 5.819   3.378   10.596  1.00 45.09  ? 164 VAL A C   1 
ATOM   1093 O  O   . VAL A 1 140 ? 5.428   3.627   9.444   1.00 41.35  ? 164 VAL A O   1 
ATOM   1094 C  CB  . VAL A 1 140 ? 8.226   2.927   10.320  1.00 39.80  ? 164 VAL A CB  1 
ATOM   1095 C  CG1 . VAL A 1 140 ? 8.650   4.094   11.189  1.00 39.54  ? 164 VAL A CG1 1 
ATOM   1096 C  CG2 . VAL A 1 140 ? 9.298   1.867   10.379  1.00 41.16  ? 164 VAL A CG2 1 
ATOM   1097 N  N   . TYR A 1 141 ? 5.353   3.973   11.698  1.00 48.18  ? 165 TYR A N   1 
ATOM   1098 C  CA  . TYR A 1 141 ? 4.284   4.962   11.673  1.00 51.45  ? 165 TYR A CA  1 
ATOM   1099 C  C   . TYR A 1 141 ? 4.581   6.178   12.536  1.00 52.08  ? 165 TYR A C   1 
ATOM   1100 O  O   . TYR A 1 141 ? 5.157   6.043   13.604  1.00 61.98  ? 165 TYR A O   1 
ATOM   1101 C  CB  . TYR A 1 141 ? 3.014   4.320   12.170  1.00 52.32  ? 165 TYR A CB  1 
ATOM   1102 C  CG  . TYR A 1 141 ? 2.401   3.384   11.190  1.00 53.76  ? 165 TYR A CG  1 
ATOM   1103 C  CD1 . TYR A 1 141 ? 2.950   2.128   10.946  1.00 52.83  ? 165 TYR A CD1 1 
ATOM   1104 C  CD2 . TYR A 1 141 ? 1.252   3.756   10.501  1.00 63.62  ? 165 TYR A CD2 1 
ATOM   1105 C  CE1 . TYR A 1 141 ? 2.365   1.263   10.031  1.00 59.24  ? 165 TYR A CE1 1 
ATOM   1106 C  CE2 . TYR A 1 141 ? 0.650   2.906   9.586   1.00 66.67  ? 165 TYR A CE2 1 
ATOM   1107 C  CZ  . TYR A 1 141 ? 1.202   1.662   9.352   1.00 63.23  ? 165 TYR A CZ  1 
ATOM   1108 O  OH  . TYR A 1 141 ? 0.570   0.855   8.443   1.00 65.62  ? 165 TYR A OH  1 
ATOM   1109 N  N   . THR A 1 142 ? 4.159   7.360   12.084  1.00 51.39  ? 166 THR A N   1 
ATOM   1110 C  CA  . THR A 1 142 ? 4.424   8.604   12.815  1.00 50.84  ? 166 THR A CA  1 
ATOM   1111 C  C   . THR A 1 142 ? 3.800   8.568   14.199  1.00 53.63  ? 166 THR A C   1 
ATOM   1112 O  O   . THR A 1 142 ? 2.777   7.935   14.411  1.00 49.01  ? 166 THR A O   1 
ATOM   1113 C  CB  . THR A 1 142 ? 3.839   9.852   12.126  1.00 50.69  ? 166 THR A CB  1 
ATOM   1114 O  OG1 . THR A 1 142 ? 2.406   9.818   12.194  1.00 52.47  ? 166 THR A OG1 1 
ATOM   1115 C  CG2 . THR A 1 142 ? 4.280   9.950   10.692  1.00 51.48  ? 166 THR A CG2 1 
ATOM   1116 N  N   . VAL A 1 143 ? 4.389   9.286   15.141  1.00 58.78  ? 167 VAL A N   1 
ATOM   1117 C  CA  . VAL A 1 143 ? 3.821   9.284   16.469  1.00 63.82  ? 167 VAL A CA  1 
ATOM   1118 C  C   . VAL A 1 143 ? 2.592   10.163  16.575  1.00 69.68  ? 167 VAL A C   1 
ATOM   1119 O  O   . VAL A 1 143 ? 1.620   9.742   17.183  1.00 67.92  ? 167 VAL A O   1 
ATOM   1120 C  CB  . VAL A 1 143 ? 4.810   9.720   17.528  1.00 64.39  ? 167 VAL A CB  1 
ATOM   1121 C  CG1 . VAL A 1 143 ? 4.131   9.658   18.890  1.00 64.93  ? 167 VAL A CG1 1 
ATOM   1122 C  CG2 . VAL A 1 143 ? 6.033   8.821   17.487  1.00 66.44  ? 167 VAL A CG2 1 
ATOM   1123 N  N   . LYS A 1 144 ? 2.640   11.366  15.997  1.00 75.71  ? 168 LYS A N   1 
ATOM   1124 C  CA  . LYS A 1 144 ? 1.535   12.323  16.107  1.00 80.72  ? 168 LYS A CA  1 
ATOM   1125 C  C   . LYS A 1 144 ? 0.265   11.733  15.534  1.00 79.54  ? 168 LYS A C   1 
ATOM   1126 O  O   . LYS A 1 144 ? -0.652  11.384  16.283  1.00 86.40  ? 168 LYS A O   1 
ATOM   1127 C  CB  . LYS A 1 144 ? 1.808   13.637  15.362  1.00 90.02  ? 168 LYS A CB  1 
ATOM   1128 C  CG  . LYS A 1 144 ? 2.686   14.654  16.083  1.00 104.96 ? 168 LYS A CG  1 
ATOM   1129 C  CD  . LYS A 1 144 ? 4.069   14.117  16.454  1.00 112.20 ? 168 LYS A CD  1 
ATOM   1130 C  CE  . LYS A 1 144 ? 5.028   13.951  15.271  1.00 116.32 ? 168 LYS A CE  1 
ATOM   1131 N  NZ  . LYS A 1 144 ? 4.524   13.573  13.914  1.00 121.43 ? 168 LYS A NZ  1 
ATOM   1132 N  N   . ASP A 1 145 ? 0.219   11.612  14.209  1.00 72.16  ? 169 ASP A N   1 
ATOM   1133 C  CA  . ASP A 1 145 ? -1.033  11.310  13.518  1.00 68.72  ? 169 ASP A CA  1 
ATOM   1134 C  C   . ASP A 1 145 ? -1.197  9.847   13.174  1.00 64.42  ? 169 ASP A C   1 
ATOM   1135 O  O   . ASP A 1 145 ? -2.249  9.451   12.705  1.00 61.60  ? 169 ASP A O   1 
ATOM   1136 C  CB  . ASP A 1 145 ? -1.135  12.148  12.257  1.00 76.25  ? 169 ASP A CB  1 
ATOM   1137 C  CG  . ASP A 1 145 ? -0.960  13.646  12.535  1.00 86.79  ? 169 ASP A CG  1 
ATOM   1138 O  OD1 . ASP A 1 145 ? -1.400  14.086  13.628  1.00 85.80  ? 169 ASP A OD1 1 
ATOM   1139 O  OD2 . ASP A 1 145 ? -0.384  14.369  11.673  1.00 82.19  ? 169 ASP A OD2 1 
ATOM   1140 N  N   . CYS A 1 146 ? -0.161  9.050   13.434  1.00 64.31  ? 170 CYS A N   1 
ATOM   1141 C  CA  . CYS A 1 146 ? -0.138  7.633   13.091  1.00 57.59  ? 170 CYS A CA  1 
ATOM   1142 C  C   . CYS A 1 146 ? -0.196  7.330   11.590  1.00 57.20  ? 170 CYS A C   1 
ATOM   1143 O  O   . CYS A 1 146 ? -0.847  6.376   11.154  1.00 58.37  ? 170 CYS A O   1 
ATOM   1144 C  CB  . CYS A 1 146 ? -1.250  6.913   13.797  1.00 60.50  ? 170 CYS A CB  1 
ATOM   1145 S  SG  . CYS A 1 146 ? -0.827  5.181   14.008  1.00 70.62  ? 170 CYS A SG  1 
ATOM   1146 N  N   . TYR A 1 147 ? 0.497   8.144   10.810  1.00 55.97  ? 171 TYR A N   1 
ATOM   1147 C  CA  . TYR A 1 147 ? 0.601   7.932   9.375   1.00 66.15  ? 171 TYR A CA  1 
ATOM   1148 C  C   . TYR A 1 147 ? 1.633   6.839   9.039   1.00 60.91  ? 171 TYR A C   1 
ATOM   1149 O  O   . TYR A 1 147 ? 2.620   6.682   9.735   1.00 57.16  ? 171 TYR A O   1 
ATOM   1150 C  CB  . TYR A 1 147 ? 1.012   9.230   8.680   1.00 74.55  ? 171 TYR A CB  1 
ATOM   1151 C  CG  . TYR A 1 147 ? -0.110  10.238  8.477   1.00 83.14  ? 171 TYR A CG  1 
ATOM   1152 C  CD1 . TYR A 1 147 ? -1.171  10.355  9.389   1.00 89.06  ? 171 TYR A CD1 1 
ATOM   1153 C  CD2 . TYR A 1 147 ? -0.096  11.095  7.389   1.00 79.40  ? 171 TYR A CD2 1 
ATOM   1154 C  CE1 . TYR A 1 147 ? -2.183  11.287  9.198   1.00 86.83  ? 171 TYR A CE1 1 
ATOM   1155 C  CE2 . TYR A 1 147 ? -1.101  12.031  7.205   1.00 89.45  ? 171 TYR A CE2 1 
ATOM   1156 C  CZ  . TYR A 1 147 ? -2.141  12.125  8.109   1.00 87.81  ? 171 TYR A CZ  1 
ATOM   1157 O  OH  . TYR A 1 147 ? -3.142  13.060  7.902   1.00 102.05 ? 171 TYR A OH  1 
ATOM   1158 N  N   . PRO A 1 148 ? 1.392   6.080   7.966   1.00 54.87  ? 172 PRO A N   1 
ATOM   1159 C  CA  . PRO A 1 148 ? 2.339   5.079   7.546   1.00 54.65  ? 172 PRO A CA  1 
ATOM   1160 C  C   . PRO A 1 148 ? 3.533   5.725   6.888   1.00 53.69  ? 172 PRO A C   1 
ATOM   1161 O  O   . PRO A 1 148 ? 3.396   6.697   6.164   1.00 63.36  ? 172 PRO A O   1 
ATOM   1162 C  CB  . PRO A 1 148 ? 1.546   4.259   6.521   1.00 55.26  ? 172 PRO A CB  1 
ATOM   1163 C  CG  . PRO A 1 148 ? 0.584   5.227   5.952   1.00 54.52  ? 172 PRO A CG  1 
ATOM   1164 C  CD  . PRO A 1 148 ? 0.183   6.072   7.125   1.00 56.00  ? 172 PRO A CD  1 
ATOM   1165 N  N   . VAL A 1 149 ? 4.704   5.189   7.159   1.00 51.06  ? 173 VAL A N   1 
ATOM   1166 C  CA  . VAL A 1 149 ? 5.930   5.717   6.605   1.00 52.74  ? 173 VAL A CA  1 
ATOM   1167 C  C   . VAL A 1 149 ? 6.612   4.656   5.755   1.00 53.11  ? 173 VAL A C   1 
ATOM   1168 O  O   . VAL A 1 149 ? 7.180   4.945   4.686   1.00 48.12  ? 173 VAL A O   1 
ATOM   1169 C  CB  . VAL A 1 149 ? 6.873   6.130   7.741   1.00 56.38  ? 173 VAL A CB  1 
ATOM   1170 C  CG1 . VAL A 1 149 ? 8.072   6.878   7.198   1.00 55.95  ? 173 VAL A CG1 1 
ATOM   1171 C  CG2 . VAL A 1 149 ? 6.128   6.995   8.748   1.00 58.97  ? 173 VAL A CG2 1 
ATOM   1172 N  N   . GLN A 1 150 ? 6.524   3.419   6.229   1.00 51.21  ? 174 GLN A N   1 
ATOM   1173 C  CA  . GLN A 1 150 ? 7.227   2.347   5.611   1.00 50.80  ? 174 GLN A CA  1 
ATOM   1174 C  C   . GLN A 1 150 ? 6.781   1.008   6.195   1.00 48.03  ? 174 GLN A C   1 
ATOM   1175 O  O   . GLN A 1 150 ? 6.510   0.916   7.394   1.00 50.84  ? 174 GLN A O   1 
ATOM   1176 C  CB  . GLN A 1 150 ? 8.714   2.594   5.824   1.00 56.48  ? 174 GLN A CB  1 
ATOM   1177 C  CG  . GLN A 1 150 ? 9.517   1.327   5.870   1.00 66.04  ? 174 GLN A CG  1 
ATOM   1178 C  CD  . GLN A 1 150 ? 10.735  1.372   4.994   1.00 73.48  ? 174 GLN A CD  1 
ATOM   1179 O  OE1 . GLN A 1 150 ? 11.654  2.149   5.269   1.00 77.95  ? 174 GLN A OE1 1 
ATOM   1180 N  NE2 . GLN A 1 150 ? 10.771  0.516   3.934   1.00 69.10  ? 174 GLN A NE2 1 
ATOM   1181 N  N   . GLU A 1 151 ? 6.682   -0.023  5.355   1.00 45.36  ? 175 GLU A N   1 
ATOM   1182 C  CA  . GLU A 1 151 ? 6.397   -1.391  5.832   1.00 44.78  ? 175 GLU A CA  1 
ATOM   1183 C  C   . GLU A 1 151 ? 7.228   -2.408  5.085   1.00 42.37  ? 175 GLU A C   1 
ATOM   1184 O  O   . GLU A 1 151 ? 7.636   -2.168  3.970   1.00 40.91  ? 175 GLU A O   1 
ATOM   1185 C  CB  . GLU A 1 151 ? 4.952   -1.757  5.592   1.00 49.89  ? 175 GLU A CB  1 
ATOM   1186 C  CG  . GLU A 1 151 ? 3.926   -1.019  6.440   1.00 57.90  ? 175 GLU A CG  1 
ATOM   1187 C  CD  . GLU A 1 151 ? 2.532   -1.587  6.239   1.00 60.89  ? 175 GLU A CD  1 
ATOM   1188 O  OE1 . GLU A 1 151 ? 2.422   -2.591  5.496   1.00 57.89  ? 175 GLU A OE1 1 
ATOM   1189 O  OE2 . GLU A 1 151 ? 1.564   -1.049  6.820   1.00 68.74  ? 175 GLU A OE2 1 
ATOM   1190 N  N   . THR A 1 152 ? 7.473   -3.554  5.689   1.00 43.86  ? 176 THR A N   1 
ATOM   1191 C  CA  . THR A 1 152 ? 8.081   -4.675  4.955   1.00 49.35  ? 176 THR A CA  1 
ATOM   1192 C  C   . THR A 1 152 ? 7.327   -5.943  5.355   1.00 49.91  ? 176 THR A C   1 
ATOM   1193 O  O   . THR A 1 152 ? 7.063   -6.178  6.533   1.00 52.26  ? 176 THR A O   1 
ATOM   1194 C  CB  . THR A 1 152 ? 9.606   -4.825  5.203   1.00 48.92  ? 176 THR A CB  1 
ATOM   1195 O  OG1 . THR A 1 152 ? 9.839   -5.163  6.564   1.00 54.06  ? 176 THR A OG1 1 
ATOM   1196 C  CG2 . THR A 1 152 ? 10.341  -3.549  4.949   1.00 49.12  ? 176 THR A CG2 1 
ATOM   1197 N  N   . TYR A 1 153 ? 6.947   -6.730  4.366   1.00 52.64  ? 177 TYR A N   1 
ATOM   1198 C  CA  . TYR A 1 153 ? 6.014   -7.834  4.560   1.00 57.86  ? 177 TYR A CA  1 
ATOM   1199 C  C   . TYR A 1 153 ? 6.562   -8.983  3.770   1.00 58.52  ? 177 TYR A C   1 
ATOM   1200 O  O   . TYR A 1 153 ? 6.166   -9.166  2.639   1.00 65.40  ? 177 TYR A O   1 
ATOM   1201 C  CB  . TYR A 1 153 ? 4.618   -7.446  4.031   1.00 63.47  ? 177 TYR A CB  1 
ATOM   1202 C  CG  . TYR A 1 153 ? 3.472   -8.426  4.235   1.00 75.78  ? 177 TYR A CG  1 
ATOM   1203 C  CD1 . TYR A 1 153 ? 3.647   -9.654  4.886   1.00 83.95  ? 177 TYR A CD1 1 
ATOM   1204 C  CD2 . TYR A 1 153 ? 2.189   -8.116  3.758   1.00 89.93  ? 177 TYR A CD2 1 
ATOM   1205 C  CE1 . TYR A 1 153 ? 2.582   -10.534 5.070   1.00 90.64  ? 177 TYR A CE1 1 
ATOM   1206 C  CE2 . TYR A 1 153 ? 1.113   -8.990  3.932   1.00 96.59  ? 177 TYR A CE2 1 
ATOM   1207 C  CZ  . TYR A 1 153 ? 1.314   -10.202 4.589   1.00 98.89  ? 177 TYR A CZ  1 
ATOM   1208 O  OH  . TYR A 1 153 ? 0.261   -11.087 4.771   1.00 90.51  ? 177 TYR A OH  1 
ATOM   1209 N  N   . THR A 1 154 ? 7.438   -9.732  4.389   1.00 64.89  ? 178 THR A N   1 
ATOM   1210 C  CA  . THR A 1 154 ? 8.006   -10.898 3.789   1.00 72.35  ? 178 THR A CA  1 
ATOM   1211 C  C   . THR A 1 154 ? 6.948   -11.969 3.801   1.00 77.32  ? 178 THR A C   1 
ATOM   1212 O  O   . THR A 1 154 ? 7.105   -12.956 4.464   1.00 65.45  ? 178 THR A O   1 
ATOM   1213 C  CB  . THR A 1 154 ? 9.333   -11.328 4.480   1.00 72.75  ? 178 THR A CB  1 
ATOM   1214 O  OG1 . THR A 1 154 ? 9.356   -12.731 4.726   1.00 77.42  ? 178 THR A OG1 1 
ATOM   1215 C  CG2 . THR A 1 154 ? 9.608   -10.575 5.798   1.00 71.91  ? 178 THR A CG2 1 
ATOM   1216 N  N   . LYS A 1 155 ? 5.874   -11.757 3.058   1.00 98.52  ? 179 LYS A N   1 
ATOM   1217 C  CA  . LYS A 1 155 ? 4.751   -12.688 3.002   1.00 115.49 ? 179 LYS A CA  1 
ATOM   1218 C  C   . LYS A 1 155 ? 4.950   -13.865 2.039   1.00 120.58 ? 179 LYS A C   1 
ATOM   1219 O  O   . LYS A 1 155 ? 5.358   -13.686 0.910   1.00 106.02 ? 179 LYS A O   1 
ATOM   1220 C  CB  . LYS A 1 155 ? 3.462   -11.923 2.659   1.00 122.88 ? 179 LYS A CB  1 
ATOM   1221 C  CG  . LYS A 1 155 ? 2.353   -12.704 1.946   1.00 131.10 ? 179 LYS A CG  1 
ATOM   1222 C  CD  . LYS A 1 155 ? 2.120   -14.076 2.562   1.00 133.50 ? 179 LYS A CD  1 
ATOM   1223 C  CE  . LYS A 1 155 ? 0.791   -14.673 2.115   1.00 130.23 ? 179 LYS A CE  1 
ATOM   1224 N  NZ  . LYS A 1 155 ? -0.055  -15.176 3.236   1.00 123.43 ? 179 LYS A NZ  1 
ATOM   1225 N  N   . ASN A 1 156 ? 4.393   -14.996 2.445   1.00 123.54 ? 180 ASN A N   1 
ATOM   1226 C  CA  . ASN A 1 156 ? 4.420   -16.225 1.683   1.00 131.23 ? 180 ASN A CA  1 
ATOM   1227 C  C   . ASN A 1 156 ? 5.768   -16.793 1.306   1.00 134.91 ? 180 ASN A C   1 
ATOM   1228 O  O   . ASN A 1 156 ? 5.990   -17.174 0.170   1.00 131.16 ? 180 ASN A O   1 
ATOM   1229 C  CB  . ASN A 1 156 ? 3.508   -16.145 0.471   1.00 130.94 ? 180 ASN A CB  1 
ATOM   1230 C  CG  . ASN A 1 156 ? 2.349   -17.101 0.580   1.00 129.03 ? 180 ASN A CG  1 
ATOM   1231 O  OD1 . ASN A 1 156 ? 1.195   -16.718 0.426   1.00 127.03 ? 180 ASN A OD1 1 
ATOM   1232 N  ND2 . ASN A 1 156 ? 2.651   -18.350 0.878   1.00 126.30 ? 180 ASN A ND2 1 
ATOM   1233 N  N   . ASP A 1 157 ? 6.641   -16.918 2.292   1.00 139.61 ? 181 ASP A N   1 
ATOM   1234 C  CA  . ASP A 1 157 ? 7.907   -17.581 2.063   1.00 138.73 ? 181 ASP A CA  1 
ATOM   1235 C  C   . ASP A 1 157 ? 8.787   -16.910 1.023   1.00 135.87 ? 181 ASP A C   1 
ATOM   1236 O  O   . ASP A 1 157 ? 9.131   -17.497 0.008   1.00 120.65 ? 181 ASP A O   1 
ATOM   1237 C  CB  . ASP A 1 157 ? 7.645   -19.030 1.664   1.00 136.10 ? 181 ASP A CB  1 
ATOM   1238 C  CG  . ASP A 1 157 ? 7.907   -19.995 2.790   1.00 132.57 ? 181 ASP A CG  1 
ATOM   1239 O  OD1 . ASP A 1 157 ? 8.346   -19.547 3.871   1.00 132.87 ? 181 ASP A OD1 1 
ATOM   1240 O  OD2 . ASP A 1 157 ? 7.676   -21.207 2.588   1.00 116.97 ? 181 ASP A OD2 1 
ATOM   1241 N  N   . SER A 1 158 ? 9.133   -15.658 1.304   1.00 136.01 ? 182 SER A N   1 
ATOM   1242 C  CA  . SER A 1 158 ? 10.165  -14.915 0.574   1.00 134.80 ? 182 SER A CA  1 
ATOM   1243 C  C   . SER A 1 158 ? 9.702   -14.019 -0.564  1.00 126.26 ? 182 SER A C   1 
ATOM   1244 O  O   . SER A 1 158 ? 10.508  -13.431 -1.266  1.00 108.10 ? 182 SER A O   1 
ATOM   1245 C  CB  . SER A 1 158 ? 11.277  -15.857 0.104   1.00 134.54 ? 182 SER A CB  1 
ATOM   1246 O  OG  . SER A 1 158 ? 11.490  -16.896 1.052   1.00 130.08 ? 182 SER A OG  1 
ATOM   1247 N  N   . MET A 1 159 ? 8.395   -13.912 -0.726  1.00 125.12 ? 183 MET A N   1 
ATOM   1248 C  CA  . MET A 1 159 ? 7.824   -12.881 -1.557  1.00 118.85 ? 183 MET A CA  1 
ATOM   1249 C  C   . MET A 1 159 ? 7.710   -11.677 -0.664  1.00 105.96 ? 183 MET A C   1 
ATOM   1250 O  O   . MET A 1 159 ? 6.660   -11.393 -0.136  1.00 92.48  ? 183 MET A O   1 
ATOM   1251 C  CB  . MET A 1 159 ? 6.456   -13.307 -2.051  1.00 125.73 ? 183 MET A CB  1 
ATOM   1252 C  CG  . MET A 1 159 ? 6.515   -14.363 -3.141  1.00 140.44 ? 183 MET A CG  1 
ATOM   1253 S  SD  . MET A 1 159 ? 8.031   -15.348 -3.133  1.00 158.28 ? 183 MET A SD  1 
ATOM   1254 C  CE  . MET A 1 159 ? 7.738   -16.514 -4.457  1.00 151.00 ? 183 MET A CE  1 
ATOM   1255 N  N   . THR A 1 160 ? 8.816   -10.969 -0.524  1.00 90.86  ? 184 THR A N   1 
ATOM   1256 C  CA  . THR A 1 160 ? 8.941   -9.865  0.389   1.00 87.81  ? 184 THR A CA  1 
ATOM   1257 C  C   . THR A 1 160 ? 8.939   -8.540  -0.300  1.00 77.12  ? 184 THR A C   1 
ATOM   1258 O  O   . THR A 1 160 ? 9.521   -8.387  -1.338  1.00 71.19  ? 184 THR A O   1 
ATOM   1259 C  CB  . THR A 1 160 ? 10.269  -9.955  1.089   1.00 89.93  ? 184 THR A CB  1 
ATOM   1260 O  OG1 . THR A 1 160 ? 10.489  -11.312 1.424   1.00 90.63  ? 184 THR A OG1 1 
ATOM   1261 C  CG2 . THR A 1 160 ? 10.236  -9.161  2.337   1.00 93.66  ? 184 THR A CG2 1 
ATOM   1262 N  N   . THR A 1 161 ? 8.280   -7.579  0.310   1.00 66.44  ? 185 THR A N   1 
ATOM   1263 C  CA  . THR A 1 161 ? 8.193   -6.230  -0.208  1.00 66.39  ? 185 THR A CA  1 
ATOM   1264 C  C   . THR A 1 161 ? 8.508   -5.204  0.868   1.00 63.42  ? 185 THR A C   1 
ATOM   1265 O  O   . THR A 1 161 ? 8.129   -5.395  2.016   1.00 69.71  ? 185 THR A O   1 
ATOM   1266 C  CB  . THR A 1 161 ? 6.766   -5.930  -0.623  1.00 71.12  ? 185 THR A CB  1 
ATOM   1267 O  OG1 . THR A 1 161 ? 5.942   -6.021  0.545   1.00 70.48  ? 185 THR A OG1 1 
ATOM   1268 C  CG2 . THR A 1 161 ? 6.287   -6.914  -1.699  1.00 69.02  ? 185 THR A CG2 1 
ATOM   1269 N  N   . SER A 1 162 ? 9.195   -4.126  0.493   1.00 55.99  ? 186 SER A N   1 
ATOM   1270 C  CA  . SER A 1 162 ? 9.251   -2.913  1.293   1.00 52.36  ? 186 SER A CA  1 
ATOM   1271 C  C   . SER A 1 162 ? 8.376   -1.896  0.569   1.00 53.69  ? 186 SER A C   1 
ATOM   1272 O  O   . SER A 1 162 ? 8.419   -1.802  -0.655  1.00 52.72  ? 186 SER A O   1 
ATOM   1273 C  CB  . SER A 1 162 ? 10.666  -2.352  1.421   1.00 54.32  ? 186 SER A CB  1 
ATOM   1274 O  OG  . SER A 1 162 ? 11.509  -3.123  2.275   1.00 54.28  ? 186 SER A OG  1 
ATOM   1275 N  N   . THR A 1 163 ? 7.574   -1.153  1.334   1.00 51.83  ? 187 THR A N   1 
ATOM   1276 C  CA  . THR A 1 163 ? 6.745   -0.075  0.805   1.00 47.89  ? 187 THR A CA  1 
ATOM   1277 C  C   . THR A 1 163 ? 7.057   1.196   1.559   1.00 46.97  ? 187 THR A C   1 
ATOM   1278 O  O   . THR A 1 163 ? 7.167   1.156   2.769   1.00 53.48  ? 187 THR A O   1 
ATOM   1279 C  CB  . THR A 1 163 ? 5.270   -0.417  0.976   1.00 47.59  ? 187 THR A CB  1 
ATOM   1280 O  OG1 . THR A 1 163 ? 4.994   -1.615  0.249   1.00 50.80  ? 187 THR A OG1 1 
ATOM   1281 C  CG2 . THR A 1 163 ? 4.400   0.662   0.440   1.00 48.72  ? 187 THR A CG2 1 
ATOM   1282 N  N   . ARG A 1 164 ? 7.233   2.308   0.846   1.00 46.68  ? 188 ARG A N   1 
ATOM   1283 C  CA  . ARG A 1 164 ? 7.436   3.623   1.453   1.00 46.09  ? 188 ARG A CA  1 
ATOM   1284 C  C   . ARG A 1 164 ? 6.247   4.515   1.091   1.00 48.18  ? 188 ARG A C   1 
ATOM   1285 O  O   . ARG A 1 164 ? 5.766   4.478   -0.046  1.00 41.44  ? 188 ARG A O   1 
ATOM   1286 C  CB  . ARG A 1 164 ? 8.730   4.240   0.939   1.00 49.56  ? 188 ARG A CB  1 
ATOM   1287 C  CG  . ARG A 1 164 ? 9.945   3.347   1.177   1.00 55.06  ? 188 ARG A CG  1 
ATOM   1288 C  CD  . ARG A 1 164 ? 11.285  4.048   0.944   1.00 59.22  ? 188 ARG A CD  1 
ATOM   1289 N  NE  . ARG A 1 164 ? 11.339  4.776   -0.324  1.00 59.71  ? 188 ARG A NE  1 
ATOM   1290 C  CZ  . ARG A 1 164 ? 11.477  4.201   -1.513  1.00 66.98  ? 188 ARG A CZ  1 
ATOM   1291 N  NH1 . ARG A 1 164 ? 11.558  2.882   -1.635  1.00 71.95  ? 188 ARG A NH1 1 
ATOM   1292 N  NH2 . ARG A 1 164 ? 11.513  4.946   -2.602  1.00 71.67  ? 188 ARG A NH2 1 
ATOM   1293 N  N   . PHE A 1 165 ? 5.762   5.296   2.061   1.00 48.28  ? 189 PHE A N   1 
ATOM   1294 C  CA  . PHE A 1 165 ? 4.569   6.127   1.864   1.00 46.37  ? 189 PHE A CA  1 
ATOM   1295 C  C   . PHE A 1 165 ? 4.930   7.575   2.033   1.00 46.83  ? 189 PHE A C   1 
ATOM   1296 O  O   . PHE A 1 165 ? 5.718   7.932   2.910   1.00 49.10  ? 189 PHE A O   1 
ATOM   1297 C  CB  . PHE A 1 165 ? 3.495   5.828   2.907   1.00 48.32  ? 189 PHE A CB  1 
ATOM   1298 C  CG  . PHE A 1 165 ? 3.115   4.371   3.022   1.00 51.14  ? 189 PHE A CG  1 
ATOM   1299 C  CD1 . PHE A 1 165 ? 3.844   3.516   3.817   1.00 51.33  ? 189 PHE A CD1 1 
ATOM   1300 C  CD2 . PHE A 1 165 ? 2.002   3.877   2.373   1.00 50.76  ? 189 PHE A CD2 1 
ATOM   1301 C  CE1 . PHE A 1 165 ? 3.488   2.191   3.941   1.00 53.25  ? 189 PHE A CE1 1 
ATOM   1302 C  CE2 . PHE A 1 165 ? 1.636   2.549   2.495   1.00 53.34  ? 189 PHE A CE2 1 
ATOM   1303 C  CZ  . PHE A 1 165 ? 2.383   1.700   3.275   1.00 54.11  ? 189 PHE A CZ  1 
ATOM   1304 N  N   . PHE A 1 166 ? 4.312   8.435   1.236   1.00 46.54  ? 190 PHE A N   1 
ATOM   1305 C  CA  . PHE A 1 166 ? 4.594   9.848   1.341   1.00 45.09  ? 190 PHE A CA  1 
ATOM   1306 C  C   . PHE A 1 166 ? 3.591   10.716  0.621   1.00 45.84  ? 190 PHE A C   1 
ATOM   1307 O  O   . PHE A 1 166 ? 2.713   10.218  -0.072  1.00 46.44  ? 190 PHE A O   1 
ATOM   1308 C  CB  . PHE A 1 166 ? 6.001   10.117  0.821   1.00 45.39  ? 190 PHE A CB  1 
ATOM   1309 C  CG  . PHE A 1 166 ? 6.328   9.381   -0.429  1.00 45.87  ? 190 PHE A CG  1 
ATOM   1310 C  CD1 . PHE A 1 166 ? 6.011   9.917   -1.660  1.00 46.46  ? 190 PHE A CD1 1 
ATOM   1311 C  CD2 . PHE A 1 166 ? 6.978   8.163   -0.380  1.00 45.46  ? 190 PHE A CD2 1 
ATOM   1312 C  CE1 . PHE A 1 166 ? 6.341   9.249   -2.821  1.00 44.56  ? 190 PHE A CE1 1 
ATOM   1313 C  CE2 . PHE A 1 166 ? 7.307   7.498   -1.534  1.00 43.71  ? 190 PHE A CE2 1 
ATOM   1314 C  CZ  . PHE A 1 166 ? 6.991   8.040   -2.753  1.00 43.36  ? 190 PHE A CZ  1 
ATOM   1315 N  N   . ASP A 1 167 ? 3.729   12.032  0.805   1.00 49.81  ? 191 ASP A N   1 
ATOM   1316 C  CA  . ASP A 1 167 ? 2.781   13.006  0.280   1.00 47.86  ? 191 ASP A CA  1 
ATOM   1317 C  C   . ASP A 1 167 ? 1.375   12.546  0.637   1.00 46.28  ? 191 ASP A C   1 
ATOM   1318 O  O   . ASP A 1 167 ? 0.484   12.459  -0.192  1.00 43.76  ? 191 ASP A O   1 
ATOM   1319 C  CB  . ASP A 1 167 ? 2.956   13.151  -1.229  1.00 52.28  ? 191 ASP A CB  1 
ATOM   1320 C  CG  . ASP A 1 167 ? 4.216   13.932  -1.622  1.00 57.96  ? 191 ASP A CG  1 
ATOM   1321 O  OD1 . ASP A 1 167 ? 4.905   14.514  -0.737  1.00 56.01  ? 191 ASP A OD1 1 
ATOM   1322 O  OD2 . ASP A 1 167 ? 4.496   13.965  -2.851  1.00 60.45  ? 191 ASP A OD2 1 
ATOM   1323 N  N   . ILE A 1 168 ? 1.197   12.163  1.883   1.00 50.84  ? 192 ILE A N   1 
ATOM   1324 C  CA  . ILE A 1 168 ? -0.093  11.663  2.297   1.00 54.59  ? 192 ILE A CA  1 
ATOM   1325 C  C   . ILE A 1 168 ? -0.841  12.889  2.679   1.00 58.99  ? 192 ILE A C   1 
ATOM   1326 O  O   . ILE A 1 168 ? -0.234  13.884  3.088   1.00 63.80  ? 192 ILE A O   1 
ATOM   1327 C  CB  . ILE A 1 168 ? -0.003  10.731  3.499   1.00 54.07  ? 192 ILE A CB  1 
ATOM   1328 C  CG1 . ILE A 1 168 ? 0.702   9.443   3.084   1.00 52.36  ? 192 ILE A CG1 1 
ATOM   1329 C  CG2 . ILE A 1 168 ? -1.389  10.469  4.063   1.00 52.60  ? 192 ILE A CG2 1 
ATOM   1330 C  CD1 . ILE A 1 168 ? 0.785   8.425   4.196   1.00 53.01  ? 192 ILE A CD1 1 
ATOM   1331 N  N   . LYS A 1 169 ? -2.144  12.831  2.472   1.00 64.17  ? 193 LYS A N   1 
ATOM   1332 C  CA  . LYS A 1 169 ? -3.033  13.945  2.715   1.00 67.08  ? 193 LYS A CA  1 
ATOM   1333 C  C   . LYS A 1 169 ? -4.328  13.287  3.073   1.00 66.25  ? 193 LYS A C   1 
ATOM   1334 O  O   . LYS A 1 169 ? -4.802  12.409  2.350   1.00 61.69  ? 193 LYS A O   1 
ATOM   1335 C  CB  . LYS A 1 169 ? -3.189  14.823  1.479   1.00 69.22  ? 193 LYS A CB  1 
ATOM   1336 C  CG  . LYS A 1 169 ? -1.869  15.325  0.918   1.00 83.06  ? 193 LYS A CG  1 
ATOM   1337 C  CD  . LYS A 1 169 ? -2.031  16.521  -0.018  1.00 99.56  ? 193 LYS A CD  1 
ATOM   1338 C  CE  . LYS A 1 169 ? -2.203  17.844  0.737   1.00 106.39 ? 193 LYS A CE  1 
ATOM   1339 N  NZ  . LYS A 1 169 ? -1.022  18.213  1.574   1.00 109.60 ? 193 LYS A NZ  1 
ATOM   1340 N  N   . LEU A 1 170 ? -4.870  13.690  4.213   1.00 69.48  ? 194 LEU A N   1 
ATOM   1341 C  CA  . LEU A 1 170 ? -6.032  13.049  4.801   1.00 73.64  ? 194 LEU A CA  1 
ATOM   1342 C  C   . LEU A 1 170 ? -7.260  13.164  3.883   1.00 69.03  ? 194 LEU A C   1 
ATOM   1343 O  O   . LEU A 1 170 ? -7.445  14.162  3.186   1.00 64.08  ? 194 LEU A O   1 
ATOM   1344 C  CB  . LEU A 1 170 ? -6.305  13.699  6.150   1.00 81.00  ? 194 LEU A CB  1 
ATOM   1345 C  CG  . LEU A 1 170 ? -7.311  13.029  7.065   1.00 95.59  ? 194 LEU A CG  1 
ATOM   1346 C  CD1 . LEU A 1 170 ? -6.686  11.786  7.690   1.00 97.85  ? 194 LEU A CD1 1 
ATOM   1347 C  CD2 . LEU A 1 170 ? -7.764  14.045  8.118   1.00 100.55 ? 194 LEU A CD2 1 
ATOM   1348 N  N   . GLY A 1 171 ? -8.076  12.122  3.850   1.00 70.26  ? 195 GLY A N   1 
ATOM   1349 C  CA  . GLY A 1 171 ? -9.330  12.162  3.091   1.00 71.85  ? 195 GLY A CA  1 
ATOM   1350 C  C   . GLY A 1 171 ? -9.203  12.136  1.580   1.00 68.84  ? 195 GLY A C   1 
ATOM   1351 O  O   . GLY A 1 171 ? -8.111  12.142  1.027   1.00 71.16  ? 195 GLY A O   1 
ATOM   1352 N  N   . ILE A 1 172 ? -10.352 12.141  0.914   1.00 71.72  ? 196 ILE A N   1 
ATOM   1353 C  CA  . ILE A 1 172 ? -10.434 11.831  -0.507  1.00 69.09  ? 196 ILE A CA  1 
ATOM   1354 C  C   . ILE A 1 172 ? -11.105 12.937  -1.327  1.00 72.23  ? 196 ILE A C   1 
ATOM   1355 O  O   . ILE A 1 172 ? -12.327 12.979  -1.437  1.00 79.04  ? 196 ILE A O   1 
ATOM   1356 C  CB  . ILE A 1 172 ? -11.223 10.531  -0.704  1.00 65.56  ? 196 ILE A CB  1 
ATOM   1357 C  CG1 . ILE A 1 172 ? -10.694 9.449   0.234   1.00 62.75  ? 196 ILE A CG1 1 
ATOM   1358 C  CG2 . ILE A 1 172 ? -11.107 10.075  -2.147  1.00 73.11  ? 196 ILE A CG2 1 
ATOM   1359 C  CD1 . ILE A 1 172 ? -11.411 8.132   0.099   1.00 62.96  ? 196 ILE A CD1 1 
ATOM   1360 N  N   . SER A 1 173 ? -10.306 13.819  -1.915  1.00 72.42  ? 197 SER A N   1 
ATOM   1361 C  CA  . SER A 1 173 ? -10.834 14.874  -2.769  1.00 73.94  ? 197 SER A CA  1 
ATOM   1362 C  C   . SER A 1 173 ? -11.600 14.351  -3.972  1.00 79.41  ? 197 SER A C   1 
ATOM   1363 O  O   . SER A 1 173 ? -12.597 14.957  -4.347  1.00 94.23  ? 197 SER A O   1 
ATOM   1364 C  CB  . SER A 1 173 ? -9.717  15.801  -3.255  1.00 76.36  ? 197 SER A CB  1 
ATOM   1365 O  OG  . SER A 1 173 ? -8.853  15.138  -4.156  1.00 75.71  ? 197 SER A OG  1 
ATOM   1366 N  N   . ASP A 1 174 ? -11.161 13.239  -4.571  1.00 83.83  ? 198 ASP A N   1 
ATOM   1367 C  CA  . ASP A 1 174 ? -11.745 12.769  -5.845  1.00 84.98  ? 198 ASP A CA  1 
ATOM   1368 C  C   . ASP A 1 174 ? -12.256 11.321  -5.821  1.00 81.82  ? 198 ASP A C   1 
ATOM   1369 O  O   . ASP A 1 174 ? -11.512 10.405  -6.138  1.00 88.47  ? 198 ASP A O   1 
ATOM   1370 C  CB  . ASP A 1 174 ? -10.712 12.929  -6.965  1.00 92.50  ? 198 ASP A CB  1 
ATOM   1371 C  CG  . ASP A 1 174 ? -11.307 12.715  -8.360  1.00 105.15 ? 198 ASP A CG  1 
ATOM   1372 O  OD1 . ASP A 1 174 ? -12.410 12.126  -8.475  1.00 116.35 ? 198 ASP A OD1 1 
ATOM   1373 O  OD2 . ASP A 1 174 ? -10.661 13.136  -9.350  1.00 105.27 ? 198 ASP A OD2 1 
ATOM   1374 N  N   . PRO A 1 175 ? -13.540 11.110  -5.478  1.00 82.57  ? 199 PRO A N   1 
ATOM   1375 C  CA  . PRO A 1 175 ? -14.086 9.743   -5.460  1.00 81.95  ? 199 PRO A CA  1 
ATOM   1376 C  C   . PRO A 1 175 ? -14.401 9.152   -6.830  1.00 79.63  ? 199 PRO A C   1 
ATOM   1377 O  O   . PRO A 1 175 ? -14.663 7.950   -6.926  1.00 80.04  ? 199 PRO A O   1 
ATOM   1378 C  CB  . PRO A 1 175 ? -15.381 9.878   -4.646  1.00 82.50  ? 199 PRO A CB  1 
ATOM   1379 C  CG  . PRO A 1 175 ? -15.304 11.221  -3.987  1.00 81.94  ? 199 PRO A CG  1 
ATOM   1380 C  CD  . PRO A 1 175 ? -14.491 12.076  -4.903  1.00 84.05  ? 199 PRO A CD  1 
ATOM   1381 N  N   . SER A 1 176 ? -14.383 9.974   -7.877  1.00 78.51  ? 200 SER A N   1 
ATOM   1382 C  CA  . SER A 1 176 ? -14.613 9.474   -9.236  1.00 79.35  ? 200 SER A CA  1 
ATOM   1383 C  C   . SER A 1 176 ? -13.710 8.274   -9.521  1.00 80.97  ? 200 SER A C   1 
ATOM   1384 O  O   . SER A 1 176 ? -14.142 7.299   -10.131 1.00 80.72  ? 200 SER A O   1 
ATOM   1385 C  CB  . SER A 1 176 ? -14.364 10.566  -10.290 1.00 79.41  ? 200 SER A CB  1 
ATOM   1386 O  OG  . SER A 1 176 ? -13.017 10.558  -10.757 1.00 79.67  ? 200 SER A OG  1 
ATOM   1387 N  N   . VAL A 1 177 ? -12.468 8.349   -9.042  1.00 82.05  ? 201 VAL A N   1 
ATOM   1388 C  CA  . VAL A 1 177 ? -11.407 7.383   -9.384  1.00 81.28  ? 201 VAL A CA  1 
ATOM   1389 C  C   . VAL A 1 177 ? -11.720 5.920   -9.062  1.00 76.23  ? 201 VAL A C   1 
ATOM   1390 O  O   . VAL A 1 177 ? -11.102 5.007   -9.625  1.00 70.58  ? 201 VAL A O   1 
ATOM   1391 C  CB  . VAL A 1 177 ? -10.072 7.741   -8.698  1.00 81.67  ? 201 VAL A CB  1 
ATOM   1392 C  CG1 . VAL A 1 177 ? -9.658  9.167   -9.052  1.00 82.89  ? 201 VAL A CG1 1 
ATOM   1393 C  CG2 . VAL A 1 177 ? -10.161 7.543   -7.185  1.00 82.39  ? 201 VAL A CG2 1 
ATOM   1394 N  N   . PHE A 1 178 ? -12.669 5.694   -8.167  1.00 72.55  ? 202 PHE A N   1 
ATOM   1395 C  CA  . PHE A 1 178 ? -13.111 4.336   -7.897  1.00 73.06  ? 202 PHE A CA  1 
ATOM   1396 C  C   . PHE A 1 178 ? -14.113 3.819   -8.909  1.00 73.21  ? 202 PHE A C   1 
ATOM   1397 O  O   . PHE A 1 178 ? -14.387 2.631   -8.924  1.00 68.04  ? 202 PHE A O   1 
ATOM   1398 C  CB  . PHE A 1 178 ? -13.697 4.242   -6.498  1.00 72.55  ? 202 PHE A CB  1 
ATOM   1399 C  CG  . PHE A 1 178 ? -12.655 4.198   -5.429  1.00 73.35  ? 202 PHE A CG  1 
ATOM   1400 C  CD1 . PHE A 1 178 ? -11.786 3.115   -5.344  1.00 71.84  ? 202 PHE A CD1 1 
ATOM   1401 C  CD2 . PHE A 1 178 ? -12.515 5.237   -4.524  1.00 73.11  ? 202 PHE A CD2 1 
ATOM   1402 C  CE1 . PHE A 1 178 ? -10.816 3.055   -4.359  1.00 67.37  ? 202 PHE A CE1 1 
ATOM   1403 C  CE2 . PHE A 1 178 ? -11.543 5.178   -3.539  1.00 68.56  ? 202 PHE A CE2 1 
ATOM   1404 C  CZ  . PHE A 1 178 ? -10.701 4.086   -3.454  1.00 64.94  ? 202 PHE A CZ  1 
ATOM   1405 N  N   . ASN A 1 179 ? -14.666 4.702   -9.739  1.00 82.69  ? 203 ASN A N   1 
ATOM   1406 C  CA  . ASN A 1 179 ? -15.610 4.297   -10.782 1.00 85.44  ? 203 ASN A CA  1 
ATOM   1407 C  C   . ASN A 1 179 ? -14.837 3.795   -11.978 1.00 82.46  ? 203 ASN A C   1 
ATOM   1408 O  O   . ASN A 1 179 ? -14.123 4.575   -12.611 1.00 78.11  ? 203 ASN A O   1 
ATOM   1409 C  CB  . ASN A 1 179 ? -16.503 5.455   -11.223 1.00 88.88  ? 203 ASN A CB  1 
ATOM   1410 C  CG  . ASN A 1 179 ? -17.240 6.092   -10.069 1.00 96.04  ? 203 ASN A CG  1 
ATOM   1411 O  OD1 . ASN A 1 179 ? -17.480 7.304   -10.068 1.00 102.06 ? 203 ASN A OD1 1 
ATOM   1412 N  ND2 . ASN A 1 179 ? -17.590 5.287   -9.066  1.00 98.49  ? 203 ASN A ND2 1 
ATOM   1413 N  N   . PRO A 1 180 ? -14.982 2.498   -12.299 1.00 76.66  ? 204 PRO A N   1 
ATOM   1414 C  CA  . PRO A 1 180 ? -14.252 1.937   -13.426 1.00 78.75  ? 204 PRO A CA  1 
ATOM   1415 C  C   . PRO A 1 180 ? -14.722 2.534   -14.742 1.00 85.67  ? 204 PRO A C   1 
ATOM   1416 O  O   . PRO A 1 180 ? -15.923 2.789   -14.897 1.00 95.26  ? 204 PRO A O   1 
ATOM   1417 C  CB  . PRO A 1 180 ? -14.590 0.441   -13.374 1.00 78.68  ? 204 PRO A CB  1 
ATOM   1418 C  CG  . PRO A 1 180 ? -15.298 0.217   -12.085 1.00 78.65  ? 204 PRO A CG  1 
ATOM   1419 C  CD  . PRO A 1 180 ? -15.915 1.526   -11.714 1.00 76.73  ? 204 PRO A CD  1 
ATOM   1420 N  N   . PRO A 1 181 ? -13.790 2.739   -15.693 1.00 91.00  ? 205 PRO A N   1 
ATOM   1421 C  CA  . PRO A 1 181 ? -14.133 3.419   -16.948 1.00 97.51  ? 205 PRO A CA  1 
ATOM   1422 C  C   . PRO A 1 181 ? -15.023 2.620   -17.894 1.00 100.25 ? 205 PRO A C   1 
ATOM   1423 O  O   . PRO A 1 181 ? -15.112 1.391   -17.798 1.00 100.13 ? 205 PRO A O   1 
ATOM   1424 C  CB  . PRO A 1 181 ? -12.776 3.685   -17.622 1.00 97.80  ? 205 PRO A CB  1 
ATOM   1425 C  CG  . PRO A 1 181 ? -11.746 2.975   -16.820 1.00 97.53  ? 205 PRO A CG  1 
ATOM   1426 C  CD  . PRO A 1 181 ? -12.393 2.271   -15.668 1.00 92.02  ? 205 PRO A CD  1 
ATOM   1427 N  N   . SER A 1 182 ? -15.662 3.354   -18.801 1.00 101.57 ? 206 SER A N   1 
ATOM   1428 C  CA  . SER A 1 182 ? -16.480 2.810   -19.884 1.00 102.88 ? 206 SER A CA  1 
ATOM   1429 C  C   . SER A 1 182 ? -16.000 1.448   -20.377 1.00 97.45  ? 206 SER A C   1 
ATOM   1430 O  O   . SER A 1 182 ? -16.778 0.498   -20.439 1.00 84.54  ? 206 SER A O   1 
ATOM   1431 C  CB  . SER A 1 182 ? -16.485 3.813   -21.043 1.00 108.36 ? 206 SER A CB  1 
ATOM   1432 O  OG  . SER A 1 182 ? -15.298 4.598   -21.026 1.00 110.13 ? 206 SER A OG  1 
ATOM   1433 N  N   . THR A 1 183 ? -14.705 1.347   -20.667 1.00 90.20  ? 207 THR A N   1 
ATOM   1434 C  CA  . THR A 1 183 ? -14.140 0.117   -21.231 1.00 85.44  ? 207 THR A CA  1 
ATOM   1435 C  C   . THR A 1 183 ? -14.157 -1.060  -20.250 1.00 81.16  ? 207 THR A C   1 
ATOM   1436 O  O   . THR A 1 183 ? -13.613 -2.117  -20.555 1.00 78.57  ? 207 THR A O   1 
ATOM   1437 C  CB  . THR A 1 183 ? -12.676 0.296   -21.728 1.00 84.66  ? 207 THR A CB  1 
ATOM   1438 O  OG1 . THR A 1 183 ? -11.759 -0.027  -20.681 1.00 84.54  ? 207 THR A OG1 1 
ATOM   1439 C  CG2 . THR A 1 183 ? -12.398 1.719   -22.213 1.00 84.12  ? 207 THR A CG2 1 
ATOM   1440 N  N   . CYS A 1 184 ? -14.766 -0.894  -19.080 1.00 84.06  ? 208 CYS A N   1 
ATOM   1441 C  CA  . CYS A 1 184 ? -14.811 -1.978  -18.102 1.00 96.42  ? 208 CYS A CA  1 
ATOM   1442 C  C   . CYS A 1 184 ? -16.201 -2.610  -17.958 1.00 101.93 ? 208 CYS A C   1 
ATOM   1443 O  O   . CYS A 1 184 ? -16.792 -2.611  -16.867 1.00 97.39  ? 208 CYS A O   1 
ATOM   1444 C  CB  . CYS A 1 184 ? -14.288 -1.497  -16.736 1.00 99.63  ? 208 CYS A CB  1 
ATOM   1445 S  SG  . CYS A 1 184 ? -12.535 -1.027  -16.701 1.00 109.58 ? 208 CYS A SG  1 
ATOM   1446 N  N   . GLU A 1 185 ? -16.727 -3.143  -19.056 1.00 103.36 ? 209 GLU A N   1 
ATOM   1447 C  CA  . GLU A 1 185 ? -17.815 -4.118  -18.963 1.00 106.83 ? 209 GLU A CA  1 
ATOM   1448 C  C   . GLU A 1 185 ? -17.293 -5.408  -19.561 1.00 102.08 ? 209 GLU A C   1 
ATOM   1449 O  O   . GLU A 1 185 ? -17.934 -6.013  -20.412 1.00 93.24  ? 209 GLU A O   1 
ATOM   1450 C  CB  . GLU A 1 185 ? -19.085 -3.634  -19.667 1.00 113.56 ? 209 GLU A CB  1 
ATOM   1451 C  CG  . GLU A 1 185 ? -19.962 -2.710  -18.820 1.00 121.56 ? 209 GLU A CG  1 
ATOM   1452 C  CD  . GLU A 1 185 ? -19.786 -1.239  -19.159 1.00 127.31 ? 209 GLU A CD  1 
ATOM   1453 O  OE1 . GLU A 1 185 ? -18.633 -0.819  -19.402 1.00 137.33 ? 209 GLU A OE1 1 
ATOM   1454 O  OE2 . GLU A 1 185 ? -20.800 -0.505  -19.182 1.00 121.34 ? 209 GLU A OE2 1 
ATOM   1455 N  N   . ALA A 1 186 ? -16.121 -5.826  -19.090 1.00 95.61  ? 210 ALA A N   1 
ATOM   1456 C  CA  . ALA A 1 186 ? -15.333 -6.822  -19.785 1.00 92.77  ? 210 ALA A CA  1 
ATOM   1457 C  C   . ALA A 1 186 ? -14.868 -7.933  -18.844 1.00 89.95  ? 210 ALA A C   1 
ATOM   1458 O  O   . ALA A 1 186 ? -15.571 -8.255  -17.886 1.00 86.44  ? 210 ALA A O   1 
ATOM   1459 C  CB  . ALA A 1 186 ? -14.161 -6.149  -20.487 1.00 100.37 ? 210 ALA A CB  1 
ATOM   1460 N  N   . ALA A 1 187 ? -13.680 -8.489  -19.103 1.00 83.72  ? 211 ALA A N   1 
ATOM   1461 C  CA  . ALA A 1 187 ? -13.359 -9.863  -18.717 1.00 80.89  ? 211 ALA A CA  1 
ATOM   1462 C  C   . ALA A 1 187 ? -12.082 -9.953  -17.878 1.00 79.61  ? 211 ALA A C   1 
ATOM   1463 O  O   . ALA A 1 187 ? -11.679 -8.964  -17.278 1.00 91.15  ? 211 ALA A O   1 
ATOM   1464 C  CB  . ALA A 1 187 ? -13.249 -10.712 -19.979 1.00 84.37  ? 211 ALA A CB  1 
ATOM   1465 N  N   . GLN A 1 188 ? -11.417 -11.108 -17.865 1.00 73.54  ? 212 GLN A N   1 
ATOM   1466 C  CA  . GLN A 1 188 ? -10.358 -11.386 -16.885 1.00 75.27  ? 212 GLN A CA  1 
ATOM   1467 C  C   . GLN A 1 188 ? -9.040  -11.716 -17.577 1.00 77.93  ? 212 GLN A C   1 
ATOM   1468 O  O   . GLN A 1 188 ? -8.570  -12.860 -17.521 1.00 78.89  ? 212 GLN A O   1 
ATOM   1469 C  CB  . GLN A 1 188 ? -10.741 -12.526 -15.913 1.00 74.74  ? 212 GLN A CB  1 
ATOM   1470 C  CG  . GLN A 1 188 ? -12.214 -12.879 -15.878 1.00 79.66  ? 212 GLN A CG  1 
ATOM   1471 C  CD  . GLN A 1 188 ? -12.759 -13.221 -17.253 1.00 91.64  ? 212 GLN A CD  1 
ATOM   1472 O  OE1 . GLN A 1 188 ? -13.824 -12.741 -17.643 1.00 100.79 ? 212 GLN A OE1 1 
ATOM   1473 N  NE2 . GLN A 1 188 ? -12.014 -14.031 -18.013 1.00 94.95  ? 212 GLN A NE2 1 
ATOM   1474 N  N   . PRO A 1 189 ? -8.447  -10.722 -18.265 1.00 86.66  ? 213 PRO A N   1 
ATOM   1475 C  CA  . PRO A 1 189 ? -7.067  -10.931 -18.679 1.00 83.54  ? 213 PRO A CA  1 
ATOM   1476 C  C   . PRO A 1 189 ? -6.117  -10.857 -17.511 1.00 75.79  ? 213 PRO A C   1 
ATOM   1477 O  O   . PRO A 1 189 ? -6.493  -10.385 -16.441 1.00 72.07  ? 213 PRO A O   1 
ATOM   1478 C  CB  . PRO A 1 189 ? -6.797  -9.766  -19.648 1.00 90.34  ? 213 PRO A CB  1 
ATOM   1479 C  CG  . PRO A 1 189 ? -8.127  -9.366  -20.169 1.00 92.10  ? 213 PRO A CG  1 
ATOM   1480 C  CD  . PRO A 1 189 ? -9.084  -9.629  -19.029 1.00 95.84  ? 213 PRO A CD  1 
ATOM   1481 N  N   . LEU A 1 190 ? -4.906  -11.359 -17.724 1.00 73.97  ? 214 LEU A N   1 
ATOM   1482 C  CA  . LEU A 1 190 ? -3.794  -11.120 -16.826 1.00 81.78  ? 214 LEU A CA  1 
ATOM   1483 C  C   . LEU A 1 190 ? -2.795  -10.210 -17.526 1.00 85.72  ? 214 LEU A C   1 
ATOM   1484 O  O   . LEU A 1 190 ? -2.118  -10.637 -18.464 1.00 95.58  ? 214 LEU A O   1 
ATOM   1485 C  CB  . LEU A 1 190 ? -3.114  -12.428 -16.446 1.00 81.88  ? 214 LEU A CB  1 
ATOM   1486 C  CG  . LEU A 1 190 ? -4.031  -13.565 -16.017 1.00 98.91  ? 214 LEU A CG  1 
ATOM   1487 C  CD1 . LEU A 1 190 ? -3.142  -14.704 -15.554 1.00 103.81 ? 214 LEU A CD1 1 
ATOM   1488 C  CD2 . LEU A 1 190 ? -5.032  -13.182 -14.926 1.00 103.06 ? 214 LEU A CD2 1 
ATOM   1489 N  N   . LEU A 1 191 ? -2.700  -8.960  -17.077 1.00 85.33  ? 215 LEU A N   1 
ATOM   1490 C  CA  . LEU A 1 191 ? -1.750  -8.009  -17.653 1.00 84.81  ? 215 LEU A CA  1 
ATOM   1491 C  C   . LEU A 1 191 ? -0.481  -7.940  -16.742 1.00 91.07  ? 215 LEU A C   1 
ATOM   1492 O  O   . LEU A 1 191 ? -0.583  -8.115  -15.524 1.00 85.17  ? 215 LEU A O   1 
ATOM   1493 C  CB  . LEU A 1 191 ? -2.446  -6.637  -17.888 1.00 86.72  ? 215 LEU A CB  1 
ATOM   1494 C  CG  . LEU A 1 191 ? -3.918  -6.591  -18.434 1.00 83.92  ? 215 LEU A CG  1 
ATOM   1495 C  CD1 . LEU A 1 191 ? -4.618  -5.237  -18.411 1.00 80.31  ? 215 LEU A CD1 1 
ATOM   1496 C  CD2 . LEU A 1 191 ? -4.000  -7.075  -19.852 1.00 82.02  ? 215 LEU A CD2 1 
ATOM   1497 N  N   . MET A 1 192 ? 0.701   -7.774  -17.359 1.00 104.22 ? 216 MET A N   1 
ATOM   1498 C  CA  . MET A 1 192 ? 1.995   -7.478  -16.676 1.00 108.17 ? 216 MET A CA  1 
ATOM   1499 C  C   . MET A 1 192 ? 2.873   -6.569  -17.572 1.00 118.44 ? 216 MET A C   1 
ATOM   1500 O  O   . MET A 1 192 ? 2.451   -6.230  -18.681 1.00 121.87 ? 216 MET A O   1 
ATOM   1501 C  CB  . MET A 1 192 ? 2.740   -8.761  -16.345 1.00 118.20 ? 216 MET A CB  1 
ATOM   1502 C  CG  . MET A 1 192 ? 2.022   -9.655  -15.347 1.00 130.62 ? 216 MET A CG  1 
ATOM   1503 S  SD  . MET A 1 192 ? 3.004   -11.083 -14.826 1.00 146.33 ? 216 MET A SD  1 
ATOM   1504 C  CE  . MET A 1 192 ? 4.303   -10.314 -13.857 1.00 138.32 ? 216 MET A CE  1 
ATOM   1505 N  N   . SER A 1 193 ? 4.077   -6.180  -17.122 1.00 126.74 ? 217 SER A N   1 
ATOM   1506 C  CA  . SER A 1 193 ? 4.850   -5.063  -17.771 1.00 137.69 ? 217 SER A CA  1 
ATOM   1507 C  C   . SER A 1 193 ? 5.936   -5.444  -18.811 1.00 128.75 ? 217 SER A C   1 
ATOM   1508 O  O   . SER A 1 193 ? 6.854   -6.202  -18.512 1.00 114.73 ? 217 SER A O   1 
ATOM   1509 C  CB  . SER A 1 193 ? 5.460   -4.129  -16.702 1.00 145.07 ? 217 SER A CB  1 
ATOM   1510 O  OG  . SER A 1 193 ? 6.847   -3.752  -17.038 1.00 147.20 ? 217 SER A OG  1 
ATOM   1511 N  N   . GLY A 1 194 ? 5.857   -4.835  -19.997 1.00 126.03 ? 218 GLY A N   1 
ATOM   1512 C  CA  . GLY A 1 194 ? 6.634   -5.257  -21.169 1.00 115.56 ? 218 GLY A CA  1 
ATOM   1513 C  C   . GLY A 1 194 ? 7.977   -4.578  -21.218 1.00 113.81 ? 218 GLY A C   1 
ATOM   1514 O  O   . GLY A 1 194 ? 8.338   -3.874  -20.282 1.00 109.32 ? 218 GLY A O   1 
HETATM 1515 XE XE  . XE  B 2 .   ? -1.404  -4.160  6.936   1.00 128.98 ? 300 XE  A XE  1 
HETATM 1516 XE XE  . XE  C 2 .   ? 9.857   -1.280  7.802   0.70 96.53  ? 301 XE  A XE  1 
HETATM 1517 XE XE  . XE  D 2 .   ? 9.919   -8.688  7.413   0.90 131.36 ? 302 XE  A XE  1 
HETATM 1518 XE XE  . XE  E 2 .   ? 13.817  -5.996  0.604   0.50 185.66 ? 303 XE  A XE  1 
# 
